data_1SMR
#
_entry.id   1SMR
#
_cell.length_a   78.340
_cell.length_b   117.760
_cell.length_c   85.880
_cell.angle_alpha   90.00
_cell.angle_beta   101.18
_cell.angle_gamma   90.00
#
_symmetry.space_group_name_H-M   'P 1 21 1'
#
loop_
_entity.id
_entity.type
_entity.pdbx_description
1 polymer RENIN
2 polymer 'INHIBITOR CH-66'
3 water water
#
loop_
_entity_poly.entity_id
_entity_poly.type
_entity_poly.pdbx_seq_one_letter_code
_entity_poly.pdbx_strand_id
1 'polypeptide(L)'
;TDLISPVVLTNYLNSQYYGEIGIGTPPQTFKVIFDTGSANLWVPSTKCSRLYLACGIHSLYESSDSSSYMENGDDFTIHY
GSGRVKGFLSQDSVTVGGITVTQTFGEVTQLPLIPFMLAQFDGVLGMGFPAQAVGGVTPVFDHILSQGVLKEKVFSVYYN
RGPHLLGGEVVLGGSDPQHYQGDFHYVSLSKTDSWQITMKGVSVGSSTLLCEEGCEVVVDTGSSFISAPTSSLKLIMQAL
GAKEKRLHEYVVSCSQVPTLPDISFNLGGRAYTLSSTDYVLQYPNRRDKLCTVALHAMDIPPPTGPVWVLGATFIRKFYT
EFDRHNNRIGFALAR
;
A,C,E,G
2 'polypeptide(L)' (PIV)HPFH(LPL)YYS B,D,F,H
#
# COMPACT_ATOMS: atom_id res chain seq x y z
N THR A 1 -27.04 63.83 -60.95
CA THR A 1 -27.04 62.37 -61.03
C THR A 1 -26.17 61.76 -59.93
N ASP A 2 -26.72 61.04 -58.96
CA ASP A 2 -26.00 60.34 -57.88
C ASP A 2 -24.78 61.12 -57.41
N LEU A 3 -25.18 62.25 -57.07
CA LEU A 3 -24.33 63.33 -56.57
C LEU A 3 -24.17 63.19 -55.05
N ILE A 4 -22.99 63.44 -54.61
CA ILE A 4 -22.49 63.60 -53.24
C ILE A 4 -21.63 64.85 -53.17
N SER A 5 -22.18 65.93 -52.69
CA SER A 5 -21.68 67.30 -52.60
C SER A 5 -21.32 67.73 -51.19
N PRO A 6 -20.06 67.98 -50.85
CA PRO A 6 -19.78 68.50 -49.51
C PRO A 6 -19.65 70.02 -49.55
N VAL A 7 -19.97 70.70 -48.53
CA VAL A 7 -19.84 72.16 -48.26
C VAL A 7 -18.87 72.32 -47.09
N VAL A 8 -17.78 72.90 -47.41
CA VAL A 8 -16.77 73.01 -46.34
C VAL A 8 -17.14 74.06 -45.33
N LEU A 9 -16.97 73.79 -44.05
CA LEU A 9 -17.27 74.66 -42.91
C LEU A 9 -15.99 75.30 -42.36
N THR A 10 -16.24 76.40 -41.69
CA THR A 10 -15.23 77.15 -40.90
C THR A 10 -15.59 76.97 -39.42
N ASN A 11 -14.68 76.60 -38.66
CA ASN A 11 -14.82 76.42 -37.21
C ASN A 11 -14.43 77.72 -36.50
N TYR A 12 -15.40 78.44 -35.92
CA TYR A 12 -14.97 79.67 -35.19
C TYR A 12 -15.13 79.36 -33.70
N LEU A 13 -14.09 79.28 -32.92
CA LEU A 13 -13.85 79.01 -31.50
C LEU A 13 -14.57 77.75 -31.03
N ASN A 14 -14.75 76.80 -31.90
CA ASN A 14 -15.46 75.59 -31.48
C ASN A 14 -16.90 75.93 -31.10
N SER A 15 -17.34 77.06 -31.58
CA SER A 15 -18.71 77.37 -31.13
C SER A 15 -19.59 77.74 -32.31
N GLN A 16 -19.10 78.14 -33.47
CA GLN A 16 -19.86 78.51 -34.67
C GLN A 16 -19.21 77.85 -35.89
N TYR A 17 -19.95 77.07 -36.59
CA TYR A 17 -19.52 76.34 -37.80
C TYR A 17 -20.39 76.77 -38.97
N TYR A 18 -19.79 77.38 -39.92
CA TYR A 18 -20.64 77.90 -40.97
C TYR A 18 -20.02 77.72 -42.34
N GLY A 19 -20.72 77.74 -43.42
CA GLY A 19 -20.13 77.56 -44.76
C GLY A 19 -20.74 78.60 -45.66
N GLU A 20 -20.40 78.74 -46.91
CA GLU A 20 -21.00 79.75 -47.76
C GLU A 20 -22.07 79.23 -48.68
N ILE A 21 -23.02 80.13 -49.03
CA ILE A 21 -24.07 79.97 -50.02
C ILE A 21 -24.19 81.21 -50.92
N GLY A 22 -24.80 80.96 -52.10
CA GLY A 22 -24.92 82.22 -52.95
C GLY A 22 -26.46 82.42 -53.16
N ILE A 23 -26.86 83.67 -53.15
CA ILE A 23 -28.25 84.10 -53.41
C ILE A 23 -28.24 85.19 -54.48
N GLY A 24 -29.05 84.88 -55.49
CA GLY A 24 -29.34 85.71 -56.65
C GLY A 24 -28.48 85.57 -57.87
N THR A 25 -28.79 86.45 -58.79
CA THR A 25 -28.09 86.60 -60.07
C THR A 25 -27.56 88.02 -60.24
N PRO A 26 -26.23 88.23 -60.26
CA PRO A 26 -25.23 87.16 -60.00
C PRO A 26 -25.24 86.84 -58.50
N PRO A 27 -24.57 85.86 -57.96
CA PRO A 27 -24.77 85.55 -56.56
C PRO A 27 -24.11 86.49 -55.62
N GLN A 28 -24.94 86.71 -54.59
CA GLN A 28 -24.43 87.46 -53.43
C GLN A 28 -24.01 86.44 -52.38
N THR A 29 -22.85 86.41 -51.74
CA THR A 29 -22.40 85.33 -50.85
C THR A 29 -22.67 85.67 -49.39
N PHE A 30 -23.11 84.59 -48.67
CA PHE A 30 -23.42 84.69 -47.24
C PHE A 30 -22.79 83.54 -46.49
N LYS A 31 -22.42 83.75 -45.29
CA LYS A 31 -22.01 82.65 -44.40
C LYS A 31 -23.24 82.15 -43.63
N VAL A 32 -23.54 80.90 -43.63
CA VAL A 32 -24.69 80.40 -42.87
C VAL A 32 -24.30 79.20 -42.02
N ILE A 33 -24.99 79.15 -40.87
CA ILE A 33 -24.96 77.99 -40.00
C ILE A 33 -25.88 76.90 -40.58
N PHE A 34 -25.63 75.65 -40.82
CA PHE A 34 -26.63 74.65 -41.30
C PHE A 34 -27.28 74.05 -40.06
N ASP A 35 -28.50 74.39 -39.83
CA ASP A 35 -29.22 74.19 -38.59
C ASP A 35 -30.12 72.98 -38.58
N THR A 36 -29.89 71.83 -38.04
CA THR A 36 -30.95 70.85 -38.15
C THR A 36 -32.04 71.10 -37.10
N GLY A 37 -31.91 72.11 -36.24
CA GLY A 37 -32.93 72.46 -35.20
C GLY A 37 -33.97 73.40 -35.87
N SER A 38 -33.98 73.77 -37.13
CA SER A 38 -34.97 74.68 -37.72
C SER A 38 -35.19 74.40 -39.17
N ALA A 39 -36.05 75.04 -39.99
CA ALA A 39 -36.30 74.63 -41.37
C ALA A 39 -36.45 75.81 -42.30
N ASN A 40 -36.07 77.05 -41.87
CA ASN A 40 -36.14 78.20 -42.75
C ASN A 40 -34.74 78.70 -43.08
N LEU A 41 -34.59 79.33 -44.14
CA LEU A 41 -33.37 80.00 -44.57
C LEU A 41 -33.54 81.51 -44.35
N TRP A 42 -32.70 82.29 -43.79
CA TRP A 42 -32.82 83.76 -43.77
C TRP A 42 -31.40 84.35 -43.85
N VAL A 43 -31.31 85.57 -44.30
CA VAL A 43 -30.11 86.40 -44.27
C VAL A 43 -30.46 87.82 -43.85
N PRO A 44 -29.48 88.60 -43.36
CA PRO A 44 -29.88 89.99 -43.08
C PRO A 44 -30.06 90.74 -44.39
N SER A 45 -30.94 91.75 -44.30
CA SER A 45 -31.28 92.53 -45.49
C SER A 45 -30.74 93.96 -45.29
N THR A 46 -30.57 94.54 -46.40
CA THR A 46 -30.15 95.89 -46.70
C THR A 46 -31.21 96.87 -46.08
N LYS A 47 -32.47 96.37 -46.00
CA LYS A 47 -33.65 97.11 -45.41
C LYS A 47 -33.53 97.10 -43.88
N CYS A 48 -32.58 96.35 -43.32
CA CYS A 48 -32.37 96.28 -41.86
C CYS A 48 -32.15 97.69 -41.30
N SER A 49 -32.83 98.19 -40.29
CA SER A 49 -32.67 99.55 -39.79
C SER A 49 -31.47 99.71 -38.88
N ARG A 50 -31.02 100.98 -38.78
CA ARG A 50 -29.89 101.45 -38.00
C ARG A 50 -30.02 101.14 -36.52
N LEU A 51 -31.24 100.77 -36.05
CA LEU A 51 -31.35 100.38 -34.63
C LEU A 51 -30.71 98.98 -34.44
N TYR A 52 -30.46 98.21 -35.51
CA TYR A 52 -29.88 96.86 -35.31
C TYR A 52 -28.43 96.87 -35.76
N LEU A 53 -27.67 97.20 -34.78
CA LEU A 53 -26.18 97.21 -34.76
C LEU A 53 -25.64 95.91 -35.37
N ALA A 54 -26.17 94.73 -35.05
CA ALA A 54 -25.75 93.44 -35.61
C ALA A 54 -25.78 93.53 -37.13
N CYS A 55 -26.60 94.29 -37.84
CA CYS A 55 -26.56 94.41 -39.31
C CYS A 55 -25.35 95.16 -39.77
N GLY A 56 -24.59 95.84 -38.92
CA GLY A 56 -23.48 96.53 -39.54
C GLY A 56 -22.17 95.78 -39.61
N ILE A 57 -22.29 94.59 -39.18
CA ILE A 57 -21.22 93.70 -38.96
C ILE A 57 -21.32 92.47 -39.92
N HIS A 58 -22.44 92.39 -40.66
CA HIS A 58 -22.67 91.23 -41.56
C HIS A 58 -22.91 91.63 -42.99
N SER A 59 -22.92 90.64 -43.90
CA SER A 59 -23.21 90.92 -45.32
C SER A 59 -24.75 91.05 -45.47
N LEU A 60 -25.20 91.92 -46.27
CA LEU A 60 -26.62 92.26 -46.42
C LEU A 60 -27.05 92.08 -47.88
N TYR A 61 -28.18 91.35 -47.93
CA TYR A 61 -28.76 91.00 -49.22
C TYR A 61 -29.44 92.18 -49.86
N GLU A 62 -29.21 92.51 -51.08
CA GLU A 62 -29.81 93.63 -51.86
C GLU A 62 -30.61 93.07 -53.00
N SER A 63 -31.97 92.95 -52.88
CA SER A 63 -32.81 92.35 -53.94
C SER A 63 -32.73 93.18 -55.21
N SER A 64 -32.31 94.42 -55.21
CA SER A 64 -32.15 95.40 -56.30
C SER A 64 -31.04 94.97 -57.25
N ASP A 65 -30.09 94.17 -56.78
CA ASP A 65 -28.92 93.72 -57.56
C ASP A 65 -29.15 92.30 -58.08
N SER A 66 -30.28 91.70 -57.86
CA SER A 66 -30.51 90.32 -58.34
C SER A 66 -31.59 90.30 -59.39
N SER A 67 -31.30 89.87 -60.58
CA SER A 67 -32.28 89.80 -61.68
C SER A 67 -33.24 88.66 -61.48
N SER A 68 -32.97 87.68 -60.59
CA SER A 68 -33.88 86.56 -60.37
C SER A 68 -34.75 86.80 -59.14
N TYR A 69 -34.54 87.89 -58.44
CA TYR A 69 -35.36 88.22 -57.24
C TYR A 69 -36.84 88.30 -57.62
N MET A 70 -37.68 87.74 -56.81
CA MET A 70 -39.16 87.83 -56.93
C MET A 70 -39.74 88.33 -55.62
N GLU A 71 -40.51 89.40 -55.65
CA GLU A 71 -41.06 89.96 -54.40
C GLU A 71 -42.07 89.03 -53.79
N ASN A 72 -42.19 89.02 -52.48
CA ASN A 72 -43.22 88.27 -51.73
C ASN A 72 -43.75 89.18 -50.62
N GLY A 73 -42.98 89.64 -49.62
CA GLY A 73 -43.43 90.66 -48.64
C GLY A 73 -44.21 90.15 -47.46
N ASP A 74 -44.65 88.91 -47.38
CA ASP A 74 -45.34 88.47 -46.15
C ASP A 74 -44.38 88.54 -44.96
N ASP A 75 -44.91 88.60 -43.80
CA ASP A 75 -44.19 88.60 -42.52
C ASP A 75 -43.32 87.35 -42.37
N PHE A 76 -42.14 87.54 -41.79
CA PHE A 76 -41.29 86.38 -41.40
C PHE A 76 -40.91 86.57 -39.93
N THR A 77 -41.38 85.93 -38.94
CA THR A 77 -41.09 85.96 -37.50
C THR A 77 -40.70 84.55 -37.05
N ILE A 78 -39.49 84.46 -36.50
CA ILE A 78 -39.15 83.05 -36.11
C ILE A 78 -38.52 83.04 -34.75
N HIS A 79 -38.74 82.07 -33.91
CA HIS A 79 -38.15 82.06 -32.56
C HIS A 79 -37.24 80.82 -32.43
N TYR A 80 -36.10 81.12 -31.87
CA TYR A 80 -35.02 80.16 -31.54
C TYR A 80 -34.75 80.19 -30.03
N GLY A 81 -34.11 79.23 -29.46
CA GLY A 81 -33.74 79.28 -28.04
C GLY A 81 -33.01 80.59 -27.84
N SER A 82 -32.16 81.21 -28.69
CA SER A 82 -31.37 82.44 -28.55
C SER A 82 -32.21 83.67 -28.82
N GLY A 83 -33.44 83.56 -29.35
CA GLY A 83 -33.98 85.01 -29.47
C GLY A 83 -34.81 84.98 -30.72
N ARG A 84 -35.50 86.08 -30.90
CA ARG A 84 -36.45 86.17 -32.02
C ARG A 84 -35.87 87.03 -33.12
N VAL A 85 -36.05 86.59 -34.35
CA VAL A 85 -35.59 87.32 -35.56
C VAL A 85 -36.79 87.61 -36.44
N LYS A 86 -36.86 88.69 -37.10
CA LYS A 86 -38.01 89.10 -37.92
C LYS A 86 -37.57 89.81 -39.19
N GLY A 87 -38.42 89.72 -40.18
CA GLY A 87 -38.18 90.41 -41.50
C GLY A 87 -39.38 90.14 -42.36
N PHE A 88 -39.18 89.83 -43.61
CA PHE A 88 -40.27 89.56 -44.55
C PHE A 88 -39.83 88.55 -45.59
N LEU A 89 -40.74 87.82 -46.23
CA LEU A 89 -40.27 86.84 -47.22
C LEU A 89 -40.06 87.45 -48.58
N SER A 90 -39.02 86.90 -49.22
CA SER A 90 -38.55 87.24 -50.56
C SER A 90 -38.26 85.98 -51.37
N GLN A 91 -38.17 85.93 -52.69
CA GLN A 91 -37.84 84.63 -53.30
C GLN A 91 -36.69 84.83 -54.28
N ASP A 92 -35.76 83.88 -54.38
CA ASP A 92 -34.61 83.99 -55.32
C ASP A 92 -33.95 82.64 -55.50
N SER A 93 -33.04 82.55 -56.41
CA SER A 93 -32.26 81.31 -56.65
C SER A 93 -31.18 81.21 -55.55
N VAL A 94 -31.02 80.13 -55.00
CA VAL A 94 -30.04 79.84 -53.94
C VAL A 94 -29.14 78.68 -54.36
N THR A 95 -27.83 78.82 -54.36
CA THR A 95 -26.90 77.73 -54.70
C THR A 95 -26.16 77.28 -53.46
N VAL A 96 -26.22 75.98 -53.23
CA VAL A 96 -25.48 75.39 -52.13
C VAL A 96 -24.86 74.05 -52.56
N GLY A 97 -23.58 73.89 -52.40
CA GLY A 97 -22.89 72.61 -52.79
C GLY A 97 -23.03 72.57 -54.33
N GLY A 98 -23.08 73.67 -55.03
CA GLY A 98 -23.21 73.61 -56.46
C GLY A 98 -24.53 73.26 -57.03
N ILE A 99 -25.54 73.11 -56.24
CA ILE A 99 -26.97 72.82 -56.53
C ILE A 99 -27.79 74.08 -56.28
N THR A 100 -28.51 74.49 -57.28
CA THR A 100 -29.35 75.69 -57.39
C THR A 100 -30.82 75.35 -57.28
N VAL A 101 -31.49 76.01 -56.35
CA VAL A 101 -32.92 75.91 -56.07
C VAL A 101 -33.54 77.31 -56.02
N THR A 102 -34.76 77.40 -56.37
CA THR A 102 -35.61 78.60 -56.29
C THR A 102 -36.25 78.57 -54.89
N GLN A 103 -35.78 79.48 -54.09
CA GLN A 103 -36.17 79.34 -52.68
C GLN A 103 -36.80 80.61 -52.15
N THR A 104 -37.77 80.47 -51.25
CA THR A 104 -38.37 81.58 -50.46
C THR A 104 -37.72 81.56 -49.06
N PHE A 105 -37.12 82.65 -48.65
CA PHE A 105 -36.29 82.87 -47.48
C PHE A 105 -36.60 84.20 -46.80
N GLY A 106 -36.25 84.36 -45.48
CA GLY A 106 -36.50 85.66 -45.03
C GLY A 106 -35.34 86.63 -45.15
N GLU A 107 -35.63 87.86 -45.52
CA GLU A 107 -34.80 89.09 -45.50
C GLU A 107 -34.99 89.71 -44.09
N VAL A 108 -34.14 89.52 -43.14
CA VAL A 108 -34.25 89.96 -41.76
C VAL A 108 -33.86 91.40 -41.61
N THR A 109 -34.76 92.17 -40.94
CA THR A 109 -34.69 93.62 -40.70
C THR A 109 -34.57 93.92 -39.22
N GLN A 110 -34.82 92.92 -38.38
CA GLN A 110 -34.79 92.92 -36.90
C GLN A 110 -34.03 91.72 -36.39
N LEU A 111 -32.80 92.01 -36.00
CA LEU A 111 -31.67 91.20 -35.56
C LEU A 111 -31.05 91.76 -34.29
N PRO A 112 -31.49 91.20 -33.16
CA PRO A 112 -31.10 91.56 -31.81
C PRO A 112 -29.61 91.53 -31.60
N LEU A 113 -29.09 92.53 -30.90
CA LEU A 113 -27.69 92.78 -30.52
C LEU A 113 -27.10 91.52 -29.86
N ILE A 114 -27.82 90.98 -28.88
CA ILE A 114 -27.36 89.74 -28.19
C ILE A 114 -28.18 88.56 -28.73
N PRO A 115 -27.71 87.52 -29.37
CA PRO A 115 -26.27 87.23 -29.53
C PRO A 115 -25.78 87.62 -30.91
N PHE A 116 -26.57 88.12 -31.82
CA PHE A 116 -26.18 88.37 -33.17
C PHE A 116 -25.06 89.29 -33.39
N MET A 117 -24.69 90.21 -32.51
CA MET A 117 -23.48 91.02 -32.80
C MET A 117 -22.24 90.11 -32.66
N LEU A 118 -22.24 89.01 -31.98
CA LEU A 118 -21.19 88.04 -31.70
C LEU A 118 -21.15 86.95 -32.78
N ALA A 119 -22.08 86.98 -33.69
CA ALA A 119 -22.15 85.99 -34.76
C ALA A 119 -21.14 86.26 -35.85
N GLN A 120 -20.41 85.21 -36.33
CA GLN A 120 -19.46 85.35 -37.45
C GLN A 120 -20.16 85.01 -38.75
N PHE A 121 -21.25 84.30 -38.59
CA PHE A 121 -22.15 83.90 -39.68
C PHE A 121 -23.13 85.03 -39.99
N ASP A 122 -23.64 85.17 -41.15
CA ASP A 122 -24.63 86.18 -41.57
C ASP A 122 -26.04 85.72 -41.22
N GLY A 123 -26.28 84.49 -41.56
CA GLY A 123 -27.59 83.85 -41.42
C GLY A 123 -27.71 82.39 -41.20
N VAL A 124 -28.81 81.76 -41.29
CA VAL A 124 -29.15 80.37 -41.00
C VAL A 124 -29.91 79.71 -42.14
N LEU A 125 -29.42 78.51 -42.40
CA LEU A 125 -30.06 77.59 -43.38
C LEU A 125 -30.70 76.45 -42.63
N GLY A 126 -31.97 76.40 -42.30
CA GLY A 126 -32.41 75.30 -41.48
C GLY A 126 -32.49 74.06 -42.27
N MET A 127 -32.06 72.94 -41.67
CA MET A 127 -32.02 71.60 -42.31
C MET A 127 -33.06 70.69 -41.69
N GLY A 128 -34.13 71.26 -41.10
CA GLY A 128 -35.22 70.50 -40.44
C GLY A 128 -36.33 70.03 -41.40
N PHE A 129 -37.52 69.80 -40.87
CA PHE A 129 -38.64 69.27 -41.66
C PHE A 129 -39.59 70.38 -42.05
N PRO A 130 -40.30 70.20 -43.11
CA PRO A 130 -41.27 71.18 -43.63
C PRO A 130 -42.26 71.58 -42.53
N ALA A 131 -42.67 70.71 -41.63
CA ALA A 131 -43.61 71.01 -40.54
C ALA A 131 -43.02 72.06 -39.61
N GLN A 132 -41.72 72.21 -39.64
CA GLN A 132 -41.18 73.26 -38.76
C GLN A 132 -41.03 74.58 -39.53
N ALA A 133 -41.25 74.70 -40.78
CA ALA A 133 -40.98 75.94 -41.49
C ALA A 133 -42.02 77.01 -41.20
N VAL A 134 -41.63 78.20 -40.74
CA VAL A 134 -42.57 79.33 -40.56
C VAL A 134 -43.11 79.72 -41.95
N GLY A 135 -44.37 80.05 -42.02
CA GLY A 135 -45.00 80.48 -43.33
C GLY A 135 -45.24 79.23 -44.17
N GLY A 136 -45.01 78.03 -43.68
CA GLY A 136 -45.20 76.80 -44.53
C GLY A 136 -44.36 76.82 -45.80
N VAL A 137 -43.19 77.49 -45.80
CA VAL A 137 -42.38 77.56 -47.03
C VAL A 137 -41.47 76.34 -47.11
N THR A 138 -41.32 75.68 -48.19
CA THR A 138 -40.50 74.49 -48.47
C THR A 138 -39.05 74.75 -48.12
N PRO A 139 -38.46 73.87 -47.27
CA PRO A 139 -37.05 74.08 -46.91
C PRO A 139 -36.14 73.74 -48.08
N VAL A 140 -35.00 74.31 -48.07
CA VAL A 140 -33.96 74.13 -49.10
C VAL A 140 -33.71 72.66 -49.37
N PHE A 141 -33.39 71.82 -48.39
CA PHE A 141 -33.08 70.39 -48.61
C PHE A 141 -34.26 69.70 -49.27
N ASP A 142 -35.52 70.02 -48.96
CA ASP A 142 -36.71 69.43 -49.59
C ASP A 142 -36.76 69.81 -51.06
N HIS A 143 -36.29 71.00 -51.40
CA HIS A 143 -36.27 71.30 -52.85
C HIS A 143 -35.16 70.47 -53.51
N ILE A 144 -34.02 70.29 -52.83
CA ILE A 144 -32.98 69.49 -53.49
C ILE A 144 -33.43 68.04 -53.63
N LEU A 145 -34.12 67.51 -52.64
CA LEU A 145 -34.68 66.14 -52.66
C LEU A 145 -35.61 66.00 -53.89
N SER A 146 -36.33 67.07 -54.21
CA SER A 146 -37.19 67.12 -55.39
C SER A 146 -36.39 67.04 -56.67
N GLN A 147 -35.24 67.58 -56.94
CA GLN A 147 -34.72 67.41 -58.29
C GLN A 147 -34.09 66.03 -58.46
N GLY A 148 -34.20 65.25 -57.44
CA GLY A 148 -33.63 63.86 -57.40
C GLY A 148 -32.17 63.88 -57.74
N VAL A 149 -31.27 64.72 -57.18
CA VAL A 149 -29.96 64.50 -57.83
C VAL A 149 -29.00 63.78 -56.89
N LEU A 150 -29.27 63.76 -55.66
CA LEU A 150 -28.44 63.19 -54.58
C LEU A 150 -28.39 61.67 -54.70
N LYS A 151 -27.23 61.16 -54.36
CA LYS A 151 -27.16 59.68 -54.47
C LYS A 151 -28.10 59.04 -53.48
N GLU A 152 -28.23 59.57 -52.27
CA GLU A 152 -29.18 59.11 -51.23
C GLU A 152 -29.89 60.34 -50.63
N LYS A 153 -31.03 60.18 -50.00
CA LYS A 153 -31.78 61.27 -49.37
C LYS A 153 -31.32 61.44 -47.92
N VAL A 154 -30.02 61.68 -47.93
CA VAL A 154 -29.42 61.89 -46.61
C VAL A 154 -28.39 63.03 -46.72
N PHE A 155 -28.07 63.59 -45.60
CA PHE A 155 -27.06 64.60 -45.45
C PHE A 155 -26.17 64.33 -44.27
N SER A 156 -24.86 64.61 -44.15
CA SER A 156 -24.16 64.30 -42.90
C SER A 156 -23.28 65.47 -42.50
N VAL A 157 -22.94 65.46 -41.25
CA VAL A 157 -22.18 66.58 -40.69
C VAL A 157 -21.01 66.09 -39.85
N TYR A 158 -19.93 66.75 -40.27
CA TYR A 158 -18.64 66.61 -39.61
C TYR A 158 -18.18 68.00 -39.10
N TYR A 159 -18.00 68.07 -37.79
CA TYR A 159 -17.47 69.24 -37.11
C TYR A 159 -16.05 68.91 -36.59
N ASN A 160 -15.00 69.58 -36.89
CA ASN A 160 -13.64 69.34 -36.35
C ASN A 160 -13.45 70.11 -35.04
N ARG A 161 -12.36 69.85 -34.30
CA ARG A 161 -11.96 70.51 -33.04
C ARG A 161 -10.93 71.61 -33.36
N GLY A 162 -11.04 72.67 -32.68
CA GLY A 162 -10.24 73.86 -32.84
C GLY A 162 -9.91 74.19 -34.32
N PRO A 163 -8.86 75.02 -34.24
CA PRO A 163 -8.07 75.67 -35.29
C PRO A 163 -7.73 74.65 -36.38
N HIS A 164 -7.55 75.02 -37.62
CA HIS A 164 -7.30 74.05 -38.71
C HIS A 164 -8.32 74.31 -39.74
N LEU A 165 -8.19 75.20 -40.67
CA LEU A 165 -9.46 75.29 -41.29
C LEU A 165 -9.67 74.41 -42.45
N LEU A 166 -10.27 73.54 -41.72
CA LEU A 166 -11.09 72.42 -41.91
C LEU A 166 -11.78 72.34 -40.56
N GLY A 167 -12.72 73.33 -40.55
CA GLY A 167 -13.51 73.46 -39.35
C GLY A 167 -14.57 72.28 -39.48
N GLY A 168 -14.83 71.80 -40.64
CA GLY A 168 -15.76 70.68 -40.77
C GLY A 168 -16.34 70.64 -42.12
N GLU A 169 -17.37 69.81 -42.33
CA GLU A 169 -18.01 69.80 -43.64
C GLU A 169 -19.43 69.29 -43.55
N VAL A 170 -20.34 69.78 -44.41
CA VAL A 170 -21.71 69.25 -44.54
C VAL A 170 -21.73 68.44 -45.87
N VAL A 171 -22.12 67.17 -45.84
CA VAL A 171 -22.11 66.35 -47.08
C VAL A 171 -23.53 66.03 -47.50
N LEU A 172 -23.93 66.50 -48.69
CA LEU A 172 -25.30 66.31 -49.21
C LEU A 172 -25.36 65.03 -50.06
N GLY A 173 -26.15 64.03 -49.75
CA GLY A 173 -26.25 62.79 -50.55
C GLY A 173 -25.57 61.62 -49.91
N GLY A 174 -24.83 61.75 -48.83
CA GLY A 174 -24.16 60.62 -48.17
C GLY A 174 -23.30 61.08 -47.01
N SER A 175 -22.40 60.19 -46.65
CA SER A 175 -21.33 60.22 -45.65
C SER A 175 -19.96 60.08 -46.29
N ASP A 176 -19.02 60.76 -45.79
CA ASP A 176 -17.60 60.86 -46.16
C ASP A 176 -16.76 60.01 -45.21
N PRO A 177 -16.36 58.78 -45.59
CA PRO A 177 -15.60 57.72 -44.90
C PRO A 177 -14.26 58.23 -44.41
N GLN A 178 -13.77 59.30 -44.98
CA GLN A 178 -12.54 59.93 -44.52
C GLN A 178 -12.79 60.64 -43.19
N HIS A 179 -14.02 60.86 -42.76
CA HIS A 179 -14.19 61.62 -41.53
C HIS A 179 -14.90 60.88 -40.45
N TYR A 180 -15.08 59.63 -40.51
CA TYR A 180 -15.60 58.71 -39.50
C TYR A 180 -14.88 57.36 -39.59
N GLN A 181 -14.85 56.68 -38.50
CA GLN A 181 -14.19 55.39 -38.42
C GLN A 181 -15.11 54.33 -37.83
N GLY A 182 -15.09 53.08 -38.22
CA GLY A 182 -16.03 52.14 -37.58
C GLY A 182 -17.34 52.15 -38.45
N ASP A 183 -18.42 51.68 -37.84
CA ASP A 183 -19.76 51.52 -38.46
C ASP A 183 -20.72 52.58 -37.94
N PHE A 184 -21.77 52.81 -38.66
CA PHE A 184 -22.80 53.73 -38.09
C PHE A 184 -23.71 52.95 -37.16
N HIS A 185 -24.20 53.52 -36.12
CA HIS A 185 -25.24 52.98 -35.23
C HIS A 185 -26.49 53.89 -35.40
N TYR A 186 -27.56 53.37 -35.95
CA TYR A 186 -28.80 54.08 -36.26
C TYR A 186 -29.80 54.01 -35.14
N VAL A 187 -30.45 55.18 -35.00
CA VAL A 187 -31.50 55.36 -33.98
C VAL A 187 -32.71 55.98 -34.68
N SER A 188 -33.88 55.45 -34.50
CA SER A 188 -35.15 55.92 -35.10
C SER A 188 -35.61 57.22 -34.46
N LEU A 189 -36.15 58.17 -35.25
CA LEU A 189 -36.76 59.42 -34.75
C LEU A 189 -37.96 59.05 -33.84
N SER A 190 -38.05 59.70 -32.71
CA SER A 190 -39.19 59.51 -31.81
C SER A 190 -40.34 60.43 -32.21
N LYS A 191 -40.20 61.23 -33.20
CA LYS A 191 -41.20 62.24 -33.65
C LYS A 191 -40.92 62.55 -35.10
N THR A 192 -41.74 62.38 -36.10
CA THR A 192 -41.51 62.45 -37.53
C THR A 192 -41.32 63.82 -38.07
N ASP A 193 -41.47 64.94 -37.41
CA ASP A 193 -41.24 66.26 -37.99
C ASP A 193 -40.12 66.98 -37.26
N SER A 194 -39.20 66.19 -36.75
CA SER A 194 -38.04 66.83 -36.07
C SER A 194 -36.90 65.81 -35.96
N TRP A 195 -35.60 66.23 -35.99
CA TRP A 195 -34.42 65.33 -35.78
C TRP A 195 -34.27 65.12 -34.28
N GLN A 196 -35.30 64.43 -33.83
CA GLN A 196 -35.59 64.13 -32.43
C GLN A 196 -35.65 62.65 -32.18
N ILE A 197 -35.00 62.26 -31.06
CA ILE A 197 -34.94 60.82 -30.67
C ILE A 197 -35.09 60.73 -29.17
N THR A 198 -35.29 59.55 -28.60
CA THR A 198 -35.50 59.43 -27.14
C THR A 198 -34.24 58.84 -26.50
N MET A 199 -33.82 59.54 -25.48
CA MET A 199 -32.63 59.22 -24.67
C MET A 199 -33.06 58.53 -23.39
N LYS A 200 -32.59 57.32 -23.07
CA LYS A 200 -33.07 56.65 -21.86
C LYS A 200 -32.10 56.79 -20.71
N GLY A 201 -31.36 57.83 -20.54
CA GLY A 201 -30.41 57.98 -19.54
C GLY A 201 -29.17 58.82 -19.80
N VAL A 202 -28.86 59.56 -18.74
CA VAL A 202 -27.65 60.41 -18.75
C VAL A 202 -26.87 60.11 -17.47
N SER A 203 -25.65 59.64 -17.61
CA SER A 203 -24.82 59.29 -16.44
C SER A 203 -23.69 60.26 -16.25
N VAL A 204 -23.57 60.75 -15.05
CA VAL A 204 -22.37 61.59 -14.87
C VAL A 204 -21.39 60.84 -13.99
N GLY A 205 -20.24 60.58 -14.58
CA GLY A 205 -19.29 59.81 -13.81
C GLY A 205 -19.84 58.40 -13.54
N SER A 206 -20.15 58.10 -12.30
CA SER A 206 -20.63 56.90 -11.62
C SER A 206 -22.05 57.07 -11.11
N SER A 207 -22.37 58.33 -10.79
CA SER A 207 -23.73 58.51 -10.28
C SER A 207 -24.08 59.97 -10.10
N THR A 208 -25.23 60.26 -10.68
CA THR A 208 -26.05 61.46 -10.80
C THR A 208 -26.86 61.45 -12.10
N LEU A 209 -27.35 60.30 -12.34
CA LEU A 209 -28.20 59.52 -13.24
C LEU A 209 -29.54 60.22 -13.47
N LEU A 210 -29.92 60.66 -14.66
CA LEU A 210 -31.16 61.37 -15.07
C LEU A 210 -31.79 60.63 -16.26
N CYS A 211 -32.97 60.90 -16.73
CA CYS A 211 -33.63 60.39 -17.93
C CYS A 211 -33.79 58.89 -17.92
N GLU A 212 -33.74 58.18 -16.80
CA GLU A 212 -33.97 56.72 -16.93
C GLU A 212 -35.38 56.48 -17.46
N GLU A 213 -36.25 57.40 -17.05
CA GLU A 213 -37.66 57.42 -17.48
C GLU A 213 -37.74 57.73 -18.98
N GLY A 214 -36.71 58.28 -19.68
CA GLY A 214 -36.82 58.59 -21.13
C GLY A 214 -36.85 60.08 -21.30
N CYS A 215 -35.99 60.71 -22.02
CA CYS A 215 -35.90 62.17 -22.25
C CYS A 215 -35.85 62.45 -23.75
N GLU A 216 -36.54 63.47 -24.27
CA GLU A 216 -36.50 63.75 -25.72
C GLU A 216 -35.29 64.67 -25.99
N VAL A 217 -34.70 64.40 -27.10
CA VAL A 217 -33.52 65.24 -27.40
C VAL A 217 -33.48 65.53 -28.89
N VAL A 218 -33.21 66.75 -29.25
CA VAL A 218 -33.14 67.04 -30.70
C VAL A 218 -31.64 67.06 -31.10
N VAL A 219 -31.15 66.44 -32.12
CA VAL A 219 -29.71 66.48 -32.53
C VAL A 219 -29.57 67.70 -33.44
N ASP A 220 -29.20 68.82 -32.87
CA ASP A 220 -29.14 70.20 -33.32
C ASP A 220 -27.75 70.69 -33.66
N THR A 221 -27.38 70.77 -34.92
CA THR A 221 -26.13 71.25 -35.50
C THR A 221 -25.99 72.75 -35.32
N GLY A 222 -27.09 73.48 -35.13
CA GLY A 222 -27.07 74.96 -35.00
C GLY A 222 -26.90 75.43 -33.55
N SER A 223 -26.77 74.46 -32.63
CA SER A 223 -26.54 74.77 -31.19
C SER A 223 -25.08 74.51 -30.84
N SER A 224 -24.41 75.45 -30.28
CA SER A 224 -22.99 75.45 -29.88
C SER A 224 -22.75 74.40 -28.81
N PHE A 225 -23.49 74.28 -27.75
CA PHE A 225 -23.39 73.40 -26.61
C PHE A 225 -24.51 72.37 -26.60
N ILE A 226 -24.29 71.59 -25.57
CA ILE A 226 -25.40 70.66 -25.29
C ILE A 226 -26.35 71.37 -24.31
N SER A 227 -27.67 71.35 -24.41
CA SER A 227 -28.50 72.00 -23.38
C SER A 227 -29.45 70.98 -22.76
N ALA A 228 -29.81 71.28 -21.50
CA ALA A 228 -30.77 70.47 -20.73
C ALA A 228 -31.81 71.40 -20.08
N PRO A 229 -32.99 70.93 -19.72
CA PRO A 229 -33.85 71.86 -18.97
C PRO A 229 -33.09 72.34 -17.73
N THR A 230 -33.26 73.50 -17.15
CA THR A 230 -32.54 74.08 -16.02
C THR A 230 -32.50 73.16 -14.82
N SER A 231 -33.58 72.52 -14.46
CA SER A 231 -33.62 71.58 -13.33
C SER A 231 -32.53 70.51 -13.51
N SER A 232 -32.44 69.85 -14.65
CA SER A 232 -31.43 68.80 -14.91
C SER A 232 -30.04 69.38 -15.04
N LEU A 233 -29.98 70.52 -15.79
CA LEU A 233 -28.67 71.17 -15.89
C LEU A 233 -28.10 71.46 -14.49
N LYS A 234 -28.77 71.99 -13.51
CA LYS A 234 -28.18 72.16 -12.17
C LYS A 234 -27.69 70.84 -11.61
N LEU A 235 -28.25 69.70 -11.69
CA LEU A 235 -27.84 68.38 -11.14
C LEU A 235 -26.51 67.95 -11.79
N ILE A 236 -26.39 68.20 -13.06
CA ILE A 236 -25.14 67.84 -13.74
C ILE A 236 -24.01 68.74 -13.29
N MET A 237 -24.13 70.03 -13.19
CA MET A 237 -23.07 70.94 -12.78
C MET A 237 -22.65 70.69 -11.33
N GLN A 238 -23.50 70.25 -10.47
CA GLN A 238 -23.19 69.97 -9.03
C GLN A 238 -22.27 68.74 -8.97
N ALA A 239 -22.67 67.77 -9.79
CA ALA A 239 -21.90 66.54 -9.97
C ALA A 239 -20.51 66.86 -10.50
N LEU A 240 -20.25 67.91 -11.27
CA LEU A 240 -18.96 68.30 -11.85
C LEU A 240 -18.18 69.23 -10.94
N GLY A 241 -18.77 69.72 -9.88
CA GLY A 241 -18.22 70.71 -8.97
C GLY A 241 -18.20 72.02 -9.77
N ALA A 242 -18.98 72.26 -10.83
CA ALA A 242 -18.86 73.48 -11.62
C ALA A 242 -19.49 74.68 -10.94
N LYS A 243 -19.09 75.89 -11.27
CA LYS A 243 -19.57 77.16 -10.70
C LYS A 243 -20.04 78.11 -11.80
N GLU A 244 -21.14 78.84 -11.55
CA GLU A 244 -21.62 79.82 -12.57
C GLU A 244 -20.69 81.04 -12.54
N LYS A 245 -19.78 81.29 -13.49
CA LYS A 245 -18.96 82.48 -13.13
C LYS A 245 -19.70 83.75 -13.53
N ARG A 246 -20.73 83.43 -14.29
CA ARG A 246 -21.57 84.51 -14.84
C ARG A 246 -22.98 83.98 -15.07
N LEU A 247 -24.08 84.71 -14.99
CA LEU A 247 -25.40 84.08 -15.14
C LEU A 247 -25.46 83.14 -16.33
N HIS A 248 -25.78 81.88 -16.09
CA HIS A 248 -26.01 80.72 -17.00
C HIS A 248 -24.69 80.18 -17.54
N GLU A 249 -23.54 80.75 -17.23
CA GLU A 249 -22.22 80.29 -17.73
C GLU A 249 -21.47 79.60 -16.60
N TYR A 250 -21.28 78.33 -16.84
CA TYR A 250 -20.61 77.56 -15.77
C TYR A 250 -19.17 77.26 -16.14
N VAL A 251 -18.33 77.22 -15.10
CA VAL A 251 -16.92 76.95 -15.37
C VAL A 251 -16.36 76.01 -14.32
N VAL A 252 -15.18 75.56 -14.70
CA VAL A 252 -14.47 74.72 -13.70
C VAL A 252 -13.02 75.19 -13.58
N SER A 253 -12.19 74.86 -12.59
CA SER A 253 -10.78 75.31 -12.77
C SER A 253 -10.13 74.50 -13.89
N CYS A 254 -9.46 75.05 -14.89
CA CYS A 254 -8.91 74.25 -15.99
C CYS A 254 -8.05 73.11 -15.47
N SER A 255 -7.55 73.13 -14.27
CA SER A 255 -6.73 72.18 -13.54
C SER A 255 -7.45 70.89 -13.23
N GLN A 256 -8.73 70.83 -12.99
CA GLN A 256 -9.54 69.66 -12.60
C GLN A 256 -9.89 68.80 -13.79
N VAL A 257 -9.71 69.38 -15.00
CA VAL A 257 -10.12 68.67 -16.20
C VAL A 257 -9.71 67.25 -16.27
N PRO A 258 -8.46 66.92 -15.94
CA PRO A 258 -8.09 65.51 -16.08
C PRO A 258 -8.81 64.63 -15.10
N THR A 259 -9.26 65.20 -13.96
CA THR A 259 -9.90 64.18 -13.10
C THR A 259 -11.41 64.32 -13.14
N LEU A 260 -12.02 65.07 -14.04
CA LEU A 260 -13.49 65.22 -14.06
C LEU A 260 -14.16 63.96 -14.61
N PRO A 261 -15.39 63.52 -14.21
CA PRO A 261 -15.89 62.30 -14.82
C PRO A 261 -16.41 62.51 -16.22
N ASP A 262 -16.62 61.32 -16.74
CA ASP A 262 -17.19 61.16 -18.10
C ASP A 262 -18.71 61.39 -18.00
N ILE A 263 -19.28 61.80 -19.07
CA ILE A 263 -20.75 61.90 -19.14
C ILE A 263 -21.26 61.00 -20.26
N SER A 264 -22.26 60.22 -20.03
CA SER A 264 -22.78 59.29 -21.04
C SER A 264 -24.25 59.50 -21.32
N PHE A 265 -24.71 59.44 -22.57
CA PHE A 265 -26.08 59.53 -23.14
C PHE A 265 -26.50 58.15 -23.66
N ASN A 266 -27.51 57.58 -23.13
CA ASN A 266 -27.88 56.27 -23.72
C ASN A 266 -28.85 56.50 -24.87
N LEU A 267 -28.35 56.33 -26.04
CA LEU A 267 -29.13 56.50 -27.26
C LEU A 267 -29.25 55.15 -28.03
N GLY A 268 -30.51 54.79 -28.22
CA GLY A 268 -30.84 53.56 -28.93
C GLY A 268 -30.07 52.36 -28.35
N GLY A 269 -30.14 52.26 -27.04
CA GLY A 269 -29.37 51.17 -26.44
C GLY A 269 -27.86 51.35 -26.37
N ARG A 270 -27.14 52.14 -27.15
CA ARG A 270 -25.66 52.21 -26.94
C ARG A 270 -25.34 53.40 -26.05
N ALA A 271 -24.23 53.39 -25.36
CA ALA A 271 -23.79 54.52 -24.54
C ALA A 271 -22.83 55.39 -25.37
N TYR A 272 -23.06 56.65 -25.46
CA TYR A 272 -22.31 57.74 -26.13
C TYR A 272 -21.63 58.58 -25.06
N THR A 273 -20.35 58.35 -25.02
CA THR A 273 -19.56 58.92 -23.94
C THR A 273 -18.66 60.05 -24.40
N LEU A 274 -18.77 61.07 -23.53
CA LEU A 274 -17.91 62.25 -23.70
C LEU A 274 -17.00 62.36 -22.48
N SER A 275 -15.73 62.47 -22.72
CA SER A 275 -14.86 62.66 -21.55
C SER A 275 -14.71 64.16 -21.26
N SER A 276 -14.20 64.53 -20.12
CA SER A 276 -13.99 65.93 -19.83
C SER A 276 -13.18 66.63 -20.90
N THR A 277 -12.35 66.02 -21.69
CA THR A 277 -11.67 66.83 -22.71
C THR A 277 -12.60 67.12 -23.87
N ASP A 278 -13.72 66.37 -23.99
CA ASP A 278 -14.75 66.63 -25.03
C ASP A 278 -15.71 67.71 -24.54
N TYR A 279 -16.08 67.78 -23.27
CA TYR A 279 -17.11 68.70 -22.78
C TYR A 279 -16.60 69.92 -22.12
N VAL A 280 -15.31 70.07 -21.96
CA VAL A 280 -14.74 71.28 -21.38
C VAL A 280 -13.99 72.08 -22.45
N LEU A 281 -14.27 73.38 -22.57
CA LEU A 281 -13.53 74.15 -23.59
C LEU A 281 -12.15 74.56 -23.05
N GLN A 282 -11.24 74.22 -23.92
CA GLN A 282 -9.80 74.26 -23.99
C GLN A 282 -9.18 73.43 -22.87
N ARG A 287 -9.79 72.28 -22.75
CA ARG A 287 -9.85 71.03 -22.01
C ARG A 287 -8.58 70.79 -21.20
N ASP A 288 -4.78 78.50 -18.03
CA ASP A 288 -5.60 79.71 -17.87
C ASP A 288 -6.36 79.73 -16.57
N LYS A 289 -6.75 78.64 -15.86
CA LYS A 289 -7.40 79.05 -14.60
C LYS A 289 -8.86 78.69 -14.60
N LEU A 290 -9.79 79.48 -15.15
CA LEU A 290 -11.19 78.98 -15.19
C LEU A 290 -11.51 78.49 -16.62
N CYS A 291 -12.03 77.34 -16.93
CA CYS A 291 -12.37 76.75 -18.24
C CYS A 291 -13.88 76.54 -18.35
N THR A 292 -14.57 76.98 -19.38
CA THR A 292 -15.99 76.94 -19.68
C THR A 292 -16.48 75.52 -19.89
N VAL A 293 -17.52 75.13 -19.18
CA VAL A 293 -18.16 73.82 -19.44
C VAL A 293 -19.06 73.93 -20.65
N ALA A 294 -19.00 73.12 -21.74
CA ALA A 294 -19.80 73.30 -22.95
C ALA A 294 -21.16 72.69 -22.89
N LEU A 295 -21.86 72.96 -21.82
CA LEU A 295 -23.26 72.55 -21.52
C LEU A 295 -24.03 73.75 -20.91
N HIS A 296 -25.28 73.90 -21.22
CA HIS A 296 -25.94 75.04 -20.57
C HIS A 296 -27.44 74.78 -20.47
N ALA A 297 -28.18 75.62 -19.76
CA ALA A 297 -29.61 75.39 -19.52
C ALA A 297 -30.44 75.97 -20.64
N MET A 298 -31.48 75.28 -21.01
CA MET A 298 -32.32 75.99 -21.97
C MET A 298 -33.75 75.51 -21.86
N ASP A 299 -34.66 76.32 -21.30
CA ASP A 299 -36.04 75.78 -21.21
C ASP A 299 -36.84 76.26 -22.40
N ILE A 300 -37.23 75.40 -23.24
CA ILE A 300 -37.99 75.64 -24.49
C ILE A 300 -39.48 75.49 -24.21
N PRO A 301 -40.25 76.51 -24.58
CA PRO A 301 -41.68 76.45 -24.28
C PRO A 301 -42.36 75.30 -24.99
N PRO A 302 -43.39 74.77 -24.33
CA PRO A 302 -44.23 73.73 -24.98
C PRO A 302 -45.01 74.38 -26.13
N PRO A 303 -45.46 73.73 -27.15
CA PRO A 303 -45.41 72.30 -27.42
C PRO A 303 -44.03 71.85 -27.86
N THR A 304 -43.09 72.70 -28.18
CA THR A 304 -41.76 72.20 -28.61
C THR A 304 -41.00 71.64 -27.44
N GLY A 305 -40.95 72.24 -26.32
CA GLY A 305 -40.30 71.85 -25.12
C GLY A 305 -41.17 71.12 -24.15
N PRO A 306 -40.58 70.60 -23.12
CA PRO A 306 -39.17 70.54 -22.70
C PRO A 306 -38.40 69.50 -23.52
N VAL A 307 -37.17 69.88 -23.90
CA VAL A 307 -36.31 68.97 -24.68
C VAL A 307 -34.85 69.23 -24.30
N TRP A 308 -34.12 68.16 -24.50
CA TRP A 308 -32.65 68.38 -24.30
C TRP A 308 -32.04 68.64 -25.68
N VAL A 309 -30.89 69.13 -25.87
CA VAL A 309 -30.37 69.32 -27.23
C VAL A 309 -28.89 68.91 -27.28
N LEU A 310 -28.56 68.06 -28.24
CA LEU A 310 -27.17 67.58 -28.47
C LEU A 310 -26.51 68.50 -29.52
N GLY A 311 -25.69 69.50 -29.18
CA GLY A 311 -25.13 70.44 -30.15
C GLY A 311 -23.70 70.13 -30.55
N ALA A 312 -22.92 71.08 -31.05
CA ALA A 312 -21.52 70.91 -31.48
C ALA A 312 -20.72 70.21 -30.39
N THR A 313 -20.91 70.36 -29.16
CA THR A 313 -20.14 69.64 -28.16
C THR A 313 -20.15 68.14 -28.41
N PHE A 314 -21.25 67.53 -28.79
CA PHE A 314 -21.51 66.11 -29.05
C PHE A 314 -21.11 65.72 -30.45
N ILE A 315 -21.47 66.45 -31.48
CA ILE A 315 -21.22 66.21 -32.90
C ILE A 315 -19.74 66.27 -33.21
N ARG A 316 -18.90 66.99 -32.47
CA ARG A 316 -17.44 66.98 -32.64
C ARG A 316 -16.90 65.56 -32.49
N LYS A 317 -17.43 64.89 -31.50
CA LYS A 317 -17.04 63.51 -31.20
C LYS A 317 -17.65 62.50 -32.11
N PHE A 318 -18.87 62.62 -32.52
CA PHE A 318 -19.61 61.65 -33.35
C PHE A 318 -20.09 62.26 -34.64
N TYR A 319 -19.51 61.84 -35.74
CA TYR A 319 -19.87 62.19 -37.14
C TYR A 319 -21.34 61.84 -37.34
N THR A 320 -22.28 62.63 -37.79
CA THR A 320 -23.74 62.37 -37.73
C THR A 320 -24.35 62.37 -39.10
N GLU A 321 -25.09 61.29 -39.40
CA GLU A 321 -25.79 61.25 -40.71
C GLU A 321 -27.30 61.37 -40.49
N PHE A 322 -28.00 62.24 -41.24
CA PHE A 322 -29.44 62.51 -41.10
C PHE A 322 -30.18 61.94 -42.29
N ASP A 323 -31.00 60.97 -42.04
CA ASP A 323 -31.65 60.21 -43.12
C ASP A 323 -33.14 60.51 -43.20
N ARG A 324 -33.44 61.19 -44.31
CA ARG A 324 -34.82 61.59 -44.61
C ARG A 324 -35.58 60.42 -45.23
N HIS A 325 -34.90 59.50 -45.90
CA HIS A 325 -35.50 58.29 -46.47
C HIS A 325 -36.00 57.35 -45.39
N ASN A 326 -35.14 56.95 -44.46
CA ASN A 326 -35.52 56.04 -43.38
C ASN A 326 -35.91 56.76 -42.13
N ASN A 327 -35.93 58.04 -41.98
CA ASN A 327 -36.34 58.65 -40.72
C ASN A 327 -35.60 58.12 -39.52
N ARG A 328 -34.27 58.32 -39.57
CA ARG A 328 -33.32 57.95 -38.51
C ARG A 328 -32.06 58.82 -38.63
N ILE A 329 -31.34 58.71 -37.54
CA ILE A 329 -30.03 59.38 -37.40
C ILE A 329 -28.93 58.34 -37.16
N GLY A 330 -27.79 58.36 -37.86
CA GLY A 330 -26.74 57.34 -37.63
C GLY A 330 -25.59 58.18 -36.98
N PHE A 331 -24.89 57.54 -36.07
CA PHE A 331 -23.69 58.12 -35.42
C PHE A 331 -22.48 57.25 -35.72
N ALA A 332 -21.34 57.74 -36.04
CA ALA A 332 -20.08 57.00 -36.21
C ALA A 332 -18.95 57.77 -35.52
N LEU A 333 -17.77 57.32 -35.18
CA LEU A 333 -16.75 58.18 -34.51
C LEU A 333 -16.15 59.14 -35.54
N ALA A 334 -16.06 60.38 -35.22
CA ALA A 334 -15.48 61.29 -36.24
C ALA A 334 -13.94 61.22 -36.09
N ARG A 335 -13.31 61.47 -37.11
CA ARG A 335 -11.83 61.41 -37.29
C ARG A 335 -11.45 62.37 -38.39
N HIS B 2 -19.37 82.35 -26.52
CA HIS B 2 -20.82 82.66 -26.45
C HIS B 2 -21.62 81.60 -27.20
N PRO B 3 -22.43 80.80 -26.48
CA PRO B 3 -23.11 79.75 -27.27
C PRO B 3 -24.32 80.31 -27.99
N PHE B 4 -24.55 79.75 -29.14
CA PHE B 4 -25.69 79.99 -30.00
C PHE B 4 -26.66 78.83 -29.89
N HIS B 5 -27.89 79.20 -29.53
CA HIS B 5 -28.94 78.14 -29.41
C HIS B 5 -29.93 78.33 -30.51
N TYR B 7 -35.42 75.97 -33.11
CA TYR B 7 -36.69 76.61 -33.46
C TYR B 7 -37.81 76.11 -32.56
N TYR B 8 -38.61 77.00 -32.01
CA TYR B 8 -39.81 76.63 -31.24
C TYR B 8 -41.01 77.39 -31.74
N SER B 9 -42.16 76.80 -31.73
CA SER B 9 -43.40 77.40 -32.24
C SER B 9 -44.05 78.28 -31.17
N THR C 1 -1.48 -0.25 88.67
CA THR C 1 -2.94 -0.09 88.59
C THR C 1 -3.32 0.95 87.54
N ASP C 2 -3.96 0.58 86.44
CA ASP C 2 -4.44 1.47 85.37
C ASP C 2 -3.51 2.64 85.14
N LEU C 3 -2.38 2.16 84.88
CA LEU C 3 -1.17 2.92 84.59
C LEU C 3 -1.10 3.25 83.10
N ILE C 4 -0.69 4.42 82.83
CA ILE C 4 -0.32 5.04 81.55
C ILE C 4 1.02 5.76 81.72
N SER C 5 2.09 5.13 81.30
CA SER C 5 3.50 5.49 81.42
C SER C 5 4.13 5.93 80.12
N PRO C 6 4.56 7.19 79.95
CA PRO C 6 5.26 7.54 78.70
C PRO C 6 6.77 7.50 78.94
N VAL C 7 7.53 7.20 77.98
CA VAL C 7 9.02 7.19 77.88
C VAL C 7 9.41 8.25 76.86
N VAL C 8 10.06 9.23 77.36
CA VAL C 8 10.40 10.33 76.44
C VAL C 8 11.52 9.93 75.51
N LEU C 9 11.44 10.27 74.24
CA LEU C 9 12.41 9.98 73.18
C LEU C 9 13.23 11.22 72.83
N THR C 10 14.38 10.92 72.27
CA THR C 10 15.31 11.91 71.68
C THR C 10 15.29 11.73 70.17
N ASN C 11 15.10 12.74 69.48
CA ASN C 11 15.10 12.77 68.01
C ASN C 11 16.50 13.07 67.50
N TYR C 12 17.19 12.10 66.90
CA TYR C 12 18.53 12.45 66.37
C TYR C 12 18.40 12.49 64.83
N LEU C 13 18.52 13.60 64.18
CA LEU C 13 18.46 14.00 62.77
C LEU C 13 17.19 13.48 62.08
N ASN C 14 16.12 13.33 62.82
CA ASN C 14 14.91 12.81 62.18
C ASN C 14 15.15 11.38 61.69
N SER C 15 16.17 10.77 62.24
CA SER C 15 16.39 9.41 61.68
C SER C 15 16.51 8.39 62.79
N GLN C 16 16.82 8.72 64.04
CA GLN C 16 16.96 7.81 65.17
C GLN C 16 16.23 8.40 66.38
N TYR C 17 15.29 7.68 66.90
CA TYR C 17 14.47 8.07 68.06
C TYR C 17 14.67 7.05 69.17
N TYR C 18 15.21 7.49 70.23
CA TYR C 18 15.50 6.47 71.24
C TYR C 18 15.22 6.98 72.64
N GLY C 19 15.04 6.18 73.63
CA GLY C 19 14.75 6.64 75.00
C GLY C 19 15.61 5.83 75.93
N GLU C 20 15.62 6.04 77.22
CA GLU C 20 16.46 5.24 78.11
C GLU C 20 15.72 4.15 78.84
N ILE C 21 16.48 3.09 79.19
CA ILE C 21 16.10 1.96 80.01
C ILE C 21 17.19 1.61 81.03
N GLY C 22 16.74 0.91 82.11
CA GLY C 22 17.87 0.59 83.07
C GLY C 22 17.89 -0.99 83.13
N ILE C 23 19.08 -1.53 83.21
CA ILE C 23 19.33 -2.97 83.36
C ILE C 23 20.27 -3.20 84.55
N GLY C 24 19.77 -4.06 85.42
CA GLY C 24 20.41 -4.56 86.62
C GLY C 24 20.22 -3.82 87.91
N THR C 25 20.94 -4.30 88.88
CA THR C 25 21.01 -3.76 90.23
C THR C 25 22.43 -3.41 90.63
N PRO C 26 22.76 -2.12 90.81
CA PRO C 26 21.84 -0.99 90.54
C PRO C 26 21.71 -0.81 89.03
N PRO C 27 20.87 0.01 88.47
CA PRO C 27 20.72 -0.01 87.02
C PRO C 27 21.84 0.63 86.28
N GLN C 28 22.10 -0.11 85.19
CA GLN C 28 23.04 0.41 84.19
C GLN C 28 22.19 1.06 83.08
N THR C 29 22.36 2.26 82.58
CA THR C 29 21.44 2.92 81.63
C THR C 29 21.94 2.76 80.20
N PHE C 30 20.91 2.52 79.32
CA PHE C 30 21.17 2.35 77.88
C PHE C 30 20.17 3.17 77.08
N LYS C 31 20.58 3.63 75.95
CA LYS C 31 19.64 4.25 75.00
C LYS C 31 19.11 3.17 74.04
N VAL C 32 17.84 3.02 73.87
CA VAL C 32 17.33 2.00 72.93
C VAL C 32 16.29 2.61 72.01
N ILE C 33 16.32 2.05 70.80
CA ILE C 33 15.29 2.30 69.81
C ILE C 33 14.04 1.45 70.15
N PHE C 34 12.81 1.82 70.28
CA PHE C 34 11.65 0.90 70.54
C PHE C 34 11.15 0.43 69.17
N ASP C 35 11.39 -0.79 68.84
CA ASP C 35 11.28 -1.35 67.51
C ASP C 35 9.99 -2.10 67.27
N THR C 36 8.95 -1.69 66.63
CA THR C 36 7.85 -2.64 66.52
C THR C 36 8.13 -3.64 65.37
N GLY C 37 9.24 -3.55 64.67
CA GLY C 37 9.63 -4.50 63.55
C GLY C 37 10.36 -5.69 64.21
N SER C 38 10.57 -5.87 65.49
CA SER C 38 11.30 -7.00 66.06
C SER C 38 10.82 -7.34 67.44
N ALA C 39 11.25 -8.34 68.24
CA ALA C 39 10.67 -8.68 69.52
C ALA C 39 11.70 -9.05 70.54
N ASN C 40 13.01 -8.77 70.31
CA ASN C 40 14.03 -9.07 71.30
C ASN C 40 14.62 -7.75 71.83
N LEU C 41 15.14 -7.80 72.97
CA LEU C 41 15.86 -6.70 73.61
C LEU C 41 17.37 -7.01 73.53
N TRP C 42 18.29 -6.21 73.16
CA TRP C 42 19.72 -6.50 73.30
C TRP C 42 20.44 -5.18 73.60
N VAL C 43 21.59 -5.27 74.18
CA VAL C 43 22.54 -4.16 74.40
C VAL C 43 23.96 -4.64 74.08
N PRO C 44 24.90 -3.71 73.80
CA PRO C 44 26.26 -4.23 73.64
C PRO C 44 26.82 -4.63 75.00
N SER C 45 27.74 -5.59 74.93
CA SER C 45 28.33 -6.14 76.15
C SER C 45 29.83 -5.74 76.17
N THR C 46 30.27 -5.75 77.35
CA THR C 46 31.62 -5.51 77.84
C THR C 46 32.55 -6.62 77.22
N LYS C 47 31.95 -7.80 76.95
CA LYS C 47 32.64 -8.99 76.32
C LYS C 47 32.82 -8.71 74.82
N CYS C 48 32.23 -7.64 74.28
CA CYS C 48 32.37 -7.28 72.86
C CYS C 48 33.85 -7.16 72.49
N SER C 49 34.40 -7.79 71.47
CA SER C 49 35.82 -7.74 71.15
C SER C 49 36.21 -6.48 70.41
N ARG C 50 37.51 -6.17 70.49
CA ARG C 50 38.20 -5.02 69.90
C ARG C 50 38.06 -4.97 68.40
N LEU C 51 37.63 -6.09 67.76
CA LEU C 51 37.41 -6.00 66.29
C LEU C 51 36.12 -5.20 66.01
N TYR C 52 35.25 -4.97 67.02
CA TYR C 52 34.00 -4.23 66.73
C TYR C 52 34.10 -2.84 67.33
N LEU C 53 34.63 -2.02 66.49
CA LEU C 53 34.79 -0.56 66.65
C LEU C 53 33.48 0.07 67.17
N ALA C 54 32.29 -0.30 66.65
CA ALA C 54 31.00 0.21 67.12
C ALA C 54 30.89 0.02 68.63
N CYS C 55 31.48 -0.94 69.31
CA CYS C 55 31.42 -1.07 70.77
C CYS C 55 32.23 0.00 71.46
N GLY C 56 33.08 0.76 70.78
CA GLY C 56 33.79 1.71 71.59
C GLY C 56 33.17 3.08 71.72
N ILE C 57 32.04 3.15 71.16
CA ILE C 57 31.29 4.33 70.96
C ILE C 57 29.95 4.26 71.75
N HIS C 58 29.67 3.11 72.35
CA HIS C 58 28.38 2.91 73.08
C HIS C 58 28.58 2.49 74.52
N SER C 59 27.50 2.49 75.30
CA SER C 59 27.57 2.03 76.70
C SER C 59 27.53 0.49 76.69
N LEU C 60 28.24 -0.13 77.53
CA LEU C 60 28.41 -1.60 77.56
C LEU C 60 28.02 -2.14 78.93
N TYR C 61 27.16 -3.17 78.77
CA TYR C 61 26.61 -3.85 79.94
C TYR C 61 27.64 -4.71 80.64
N GLU C 62 27.82 -4.64 81.89
CA GLU C 62 28.78 -5.44 82.71
C GLU C 62 28.00 -6.28 83.70
N SER C 63 27.77 -7.60 83.41
CA SER C 63 26.96 -8.46 84.30
C SER C 63 27.62 -8.61 85.65
N SER C 64 28.90 -8.33 85.83
CA SER C 64 29.75 -8.39 87.04
C SER C 64 29.31 -7.34 88.06
N ASP C 65 28.69 -6.28 87.61
CA ASP C 65 28.25 -5.14 88.47
C ASP C 65 26.78 -5.25 88.79
N SER C 66 26.09 -6.27 88.38
CA SER C 66 24.65 -6.39 88.68
C SER C 66 24.38 -7.58 89.59
N SER C 67 23.85 -7.35 90.75
CA SER C 67 23.55 -8.43 91.71
C SER C 67 22.35 -9.24 91.28
N SER C 68 21.51 -8.76 90.33
CA SER C 68 20.34 -9.52 89.88
C SER C 68 20.65 -10.29 88.60
N TYR C 69 21.83 -10.13 88.04
CA TYR C 69 22.22 -10.85 86.82
C TYR C 69 22.10 -12.36 87.03
N MET C 70 21.56 -13.05 86.07
CA MET C 70 21.50 -14.53 86.04
C MET C 70 22.09 -15.04 84.72
N GLU C 71 23.06 -15.91 84.80
CA GLU C 71 23.72 -16.41 83.57
C GLU C 71 22.78 -17.22 82.73
N ASN C 72 22.91 -17.23 81.43
CA ASN C 72 22.17 -18.08 80.50
C ASN C 72 23.15 -18.60 79.45
N GLY C 73 23.80 -17.80 78.60
CA GLY C 73 24.88 -18.25 77.69
C GLY C 73 24.44 -18.85 76.38
N ASP C 74 23.19 -19.14 76.11
CA ASP C 74 22.84 -19.65 74.77
C ASP C 74 23.14 -18.58 73.72
N ASP C 75 23.30 -19.00 72.52
CA ASP C 75 23.53 -18.17 71.33
C ASP C 75 22.39 -17.15 71.15
N PHE C 76 22.78 -15.94 70.72
CA PHE C 76 21.76 -14.94 70.30
C PHE C 76 22.17 -14.44 68.91
N THR C 77 21.62 -14.73 67.82
CA THR C 77 21.85 -14.31 66.43
C THR C 77 20.55 -13.73 65.87
N ILE C 78 20.65 -12.44 65.46
CA ILE C 78 19.35 -11.93 64.96
C ILE C 78 19.57 -11.16 63.67
N HIS C 79 18.68 -11.19 62.70
CA HIS C 79 18.90 -10.47 61.45
C HIS C 79 17.78 -9.42 61.28
N TYR C 80 18.26 -8.26 60.88
CA TYR C 80 17.46 -7.05 60.56
C TYR C 80 17.70 -6.65 59.11
N GLY C 81 16.88 -5.84 58.51
CA GLY C 81 17.15 -5.34 57.16
C GLY C 81 18.55 -4.75 57.20
N SER C 82 19.14 -4.06 58.18
CA SER C 82 20.45 -3.41 58.28
C SER C 82 21.55 -4.41 58.60
N GLY C 83 21.24 -5.67 58.97
CA GLY C 83 22.60 -6.37 59.18
C GLY C 83 22.35 -7.31 60.32
N ARG C 84 23.33 -8.13 60.55
CA ARG C 84 23.19 -9.19 61.56
C ARG C 84 23.96 -8.83 62.80
N VAL C 85 23.36 -9.08 63.94
CA VAL C 85 23.97 -8.83 65.27
C VAL C 85 24.03 -10.12 66.05
N LYS C 86 25.02 -10.40 66.80
CA LYS C 86 25.20 -11.65 67.54
C LYS C 86 25.79 -11.42 68.91
N GLY C 87 25.50 -12.35 69.80
CA GLY C 87 26.03 -12.32 71.19
C GLY C 87 25.54 -13.56 71.89
N PHE C 88 25.11 -13.46 73.11
CA PHE C 88 24.61 -14.60 73.89
C PHE C 88 23.54 -14.15 74.85
N LEU C 89 22.64 -15.03 75.30
CA LEU C 89 21.59 -14.55 76.21
C LEU C 89 22.06 -14.55 77.66
N SER C 90 21.54 -13.52 78.33
CA SER C 90 21.76 -13.23 79.75
C SER C 90 20.44 -12.89 80.43
N GLN C 91 20.24 -12.92 81.74
CA GLN C 91 18.91 -12.51 82.24
C GLN C 91 19.10 -11.49 83.36
N ASP C 92 18.25 -10.47 83.46
CA ASP C 92 18.36 -9.46 84.53
C ASP C 92 17.07 -8.66 84.62
N SER C 93 16.96 -7.83 85.62
CA SER C 93 15.78 -6.95 85.80
C SER C 93 15.92 -5.76 84.83
N VAL C 94 14.94 -5.42 84.18
CA VAL C 94 14.88 -4.31 83.22
C VAL C 94 13.78 -3.35 83.59
N THR C 95 14.05 -2.06 83.76
CA THR C 95 13.02 -1.06 84.08
C THR C 95 12.80 -0.14 82.89
N VAL C 96 11.54 -0.03 82.51
CA VAL C 96 11.17 0.87 81.43
C VAL C 96 9.86 1.59 81.78
N GLY C 97 9.84 2.89 81.75
CA GLY C 97 8.60 3.67 82.07
C GLY C 97 8.37 3.39 83.57
N GLY C 98 9.35 3.15 84.37
CA GLY C 98 9.12 2.88 85.77
C GLY C 98 8.56 1.55 86.14
N ILE C 99 8.41 0.66 85.23
CA ILE C 99 7.94 -0.75 85.32
C ILE C 99 9.14 -1.69 85.12
N THR C 100 9.34 -2.54 86.08
CA THR C 100 10.42 -3.51 86.23
C THR C 100 9.97 -4.92 85.92
N VAL C 101 10.67 -5.56 85.01
CA VAL C 101 10.45 -6.94 84.55
C VAL C 101 11.78 -7.71 84.60
N THR C 102 11.70 -8.95 84.82
CA THR C 102 12.82 -9.93 84.77
C THR C 102 12.89 -10.41 83.32
N GLN C 103 13.94 -9.98 82.68
CA GLN C 103 13.93 -10.20 81.23
C GLN C 103 15.19 -10.92 80.77
N THR C 104 15.07 -11.77 79.77
CA THR C 104 16.19 -12.40 79.03
C THR C 104 16.41 -11.62 77.73
N PHE C 105 17.60 -11.12 77.51
CA PHE C 105 18.05 -10.20 76.47
C PHE C 105 19.41 -10.59 75.92
N GLY C 106 19.77 -10.13 74.67
CA GLY C 106 21.09 -10.48 74.34
C GLY C 106 22.15 -9.45 74.71
N GLU C 107 23.28 -9.92 75.16
CA GLU C 107 24.58 -9.23 75.37
C GLU C 107 25.35 -9.34 74.04
N VAL C 108 25.36 -8.40 73.17
CA VAL C 108 25.95 -8.40 71.84
C VAL C 108 27.44 -8.17 71.90
N THR C 109 28.19 -9.09 71.22
CA THR C 109 29.66 -9.15 71.16
C THR C 109 30.16 -8.92 69.75
N GLN C 110 29.24 -8.98 68.77
CA GLN C 110 29.41 -8.80 67.32
C GLN C 110 28.37 -7.86 66.76
N LEU C 111 28.84 -6.64 66.54
CA LEU C 111 28.19 -5.39 66.15
C LEU C 111 28.97 -4.71 65.03
N PRO C 112 28.52 -4.97 63.80
CA PRO C 112 29.07 -4.50 62.56
C PRO C 112 29.21 -2.99 62.51
N LEU C 113 30.35 -2.52 61.98
CA LEU C 113 30.77 -1.13 61.79
C LEU C 113 29.69 -0.35 61.06
N ILE C 114 29.19 -0.89 59.96
CA ILE C 114 28.10 -0.23 59.19
C ILE C 114 26.79 -0.95 59.49
N PRO C 115 25.72 -0.44 60.07
CA PRO C 115 25.55 1.00 60.37
C PRO C 115 25.82 1.30 61.82
N PHE C 116 26.13 0.37 62.69
CA PHE C 116 26.24 0.60 64.08
C PHE C 116 27.25 1.58 64.54
N MET C 117 28.30 1.92 63.80
CA MET C 117 29.18 3.01 64.32
C MET C 117 28.43 4.35 64.21
N LEU C 118 27.43 4.54 63.42
CA LEU C 118 26.60 5.71 63.15
C LEU C 118 25.40 5.77 64.11
N ALA C 119 25.22 4.75 64.91
CA ALA C 119 24.10 4.69 65.84
C ALA C 119 24.34 5.55 67.06
N GLN C 120 23.32 6.34 67.50
CA GLN C 120 23.41 7.16 68.72
C GLN C 120 22.85 6.38 69.90
N PHE C 121 22.06 5.38 69.54
CA PHE C 121 21.42 4.44 70.47
C PHE C 121 22.42 3.30 70.79
N ASP C 122 22.36 2.67 71.89
CA ASP C 122 23.21 1.54 72.31
C ASP C 122 22.65 0.24 71.75
N GLY C 123 21.36 0.10 71.93
CA GLY C 123 20.63 -1.11 71.57
C GLY C 123 19.19 -1.04 71.17
N VAL C 124 18.46 -2.07 71.08
CA VAL C 124 17.09 -2.21 70.59
C VAL C 124 16.23 -3.00 71.56
N LEU C 125 15.05 -2.41 71.75
CA LEU C 125 13.96 -3.03 72.53
C LEU C 125 12.86 -3.47 71.60
N GLY C 126 12.74 -4.68 71.12
CA GLY C 126 11.70 -4.92 70.13
C GLY C 126 10.36 -4.93 70.76
N MET C 127 9.37 -4.33 70.09
CA MET C 127 7.99 -4.19 70.58
C MET C 127 7.06 -5.06 69.76
N GLY C 128 7.58 -6.13 69.11
CA GLY C 128 6.81 -7.05 68.25
C GLY C 128 6.11 -8.19 69.03
N PHE C 129 5.84 -9.28 68.35
CA PHE C 129 5.10 -10.43 68.94
C PHE C 129 6.05 -11.52 69.35
N PRO C 130 5.67 -12.31 70.29
CA PRO C 130 6.48 -13.43 70.80
C PRO C 130 6.91 -14.34 69.66
N ALA C 131 6.12 -14.55 68.62
CA ALA C 131 6.46 -15.41 67.47
C ALA C 131 7.67 -14.86 66.75
N GLN C 132 7.94 -13.59 66.93
CA GLN C 132 9.15 -13.09 66.24
C GLN C 132 10.36 -13.18 67.16
N ALA C 133 10.31 -13.53 68.39
CA ALA C 133 11.47 -13.47 69.25
C ALA C 133 12.46 -14.58 68.97
N VAL C 134 13.73 -14.29 68.70
CA VAL C 134 14.77 -15.33 68.54
C VAL C 134 14.94 -16.05 69.89
N GLY C 135 15.13 -17.33 69.86
CA GLY C 135 15.33 -18.13 71.13
C GLY C 135 13.97 -18.32 71.80
N GLY C 136 12.86 -17.90 71.21
CA GLY C 136 11.52 -18.04 71.88
C GLY C 136 11.48 -17.33 73.23
N VAL C 137 12.26 -16.25 73.44
CA VAL C 137 12.25 -15.58 74.75
C VAL C 137 11.13 -14.55 74.79
N THR C 138 10.35 -14.43 75.81
CA THR C 138 9.23 -13.51 76.05
C THR C 138 9.68 -12.08 75.88
N PRO C 139 8.97 -11.32 75.02
CA PRO C 139 9.35 -9.91 74.84
C PRO C 139 8.98 -9.09 76.06
N VAL C 140 9.65 -8.03 76.24
CA VAL C 140 9.45 -7.08 77.36
C VAL C 140 8.00 -6.69 77.49
N PHE C 141 7.32 -6.18 76.45
CA PHE C 141 5.91 -5.73 76.56
C PHE C 141 5.03 -6.88 77.00
N ASP C 142 5.26 -8.14 76.59
CA ASP C 142 4.47 -9.31 77.01
C ASP C 142 4.67 -9.55 78.49
N HIS C 143 5.85 -9.26 79.02
CA HIS C 143 5.97 -9.41 80.48
C HIS C 143 5.17 -8.29 81.17
N ILE C 144 5.20 -7.07 80.61
CA ILE C 144 4.42 -6.02 81.28
C ILE C 144 2.93 -6.31 81.22
N LEU C 145 2.46 -6.84 80.09
CA LEU C 145 1.05 -7.24 79.90
C LEU C 145 0.67 -8.26 80.99
N SER C 146 1.61 -9.12 81.35
CA SER C 146 1.44 -10.10 82.41
C SER C 146 1.28 -9.44 83.77
N GLN C 147 1.90 -8.38 84.22
CA GLN C 147 1.60 -7.97 85.59
C GLN C 147 0.29 -7.22 85.67
N GLY C 148 -0.37 -7.14 84.56
CA GLY C 148 -1.67 -6.42 84.43
C GLY C 148 -1.55 -5.01 84.94
N VAL C 149 -0.56 -4.16 84.58
CA VAL C 149 -0.74 -2.91 85.33
C VAL C 149 -1.23 -1.78 84.45
N LEU C 150 -1.12 -1.92 83.19
CA LEU C 150 -1.47 -0.93 82.16
C LEU C 150 -2.98 -0.72 82.11
N LYS C 151 -3.33 0.51 81.85
CA LYS C 151 -4.80 0.75 81.80
C LYS C 151 -5.40 -0.01 80.65
N GLU C 152 -4.74 -0.09 79.50
CA GLU C 152 -5.17 -0.87 78.31
C GLU C 152 -3.94 -1.66 77.78
N LYS C 153 -4.14 -2.69 77.01
CA LYS C 153 -3.06 -3.51 76.42
C LYS C 153 -2.66 -2.92 75.07
N VAL C 154 -2.30 -1.66 75.25
CA VAL C 154 -1.88 -0.96 74.04
C VAL C 154 -0.66 -0.09 74.38
N PHE C 155 0.06 0.28 73.38
CA PHE C 155 1.18 1.18 73.45
C PHE C 155 1.14 2.21 72.35
N SER C 156 1.57 3.49 72.41
CA SER C 156 1.48 4.34 71.23
C SER C 156 2.78 5.11 71.07
N VAL C 157 2.95 5.58 69.86
CA VAL C 157 4.20 6.26 69.52
C VAL C 157 3.94 7.55 68.78
N TYR C 158 4.66 8.50 69.38
CA TYR C 158 4.73 9.86 68.85
C TYR C 158 6.20 10.21 68.56
N TYR C 159 6.45 10.51 67.29
CA TYR C 159 7.74 10.97 66.80
C TYR C 159 7.63 12.47 66.42
N ASN C 160 8.36 13.39 66.91
CA ASN C 160 8.32 14.82 66.50
C ASN C 160 9.26 15.05 65.32
N ARG C 161 9.20 16.24 64.67
CA ARG C 161 10.06 16.68 63.56
C ARG C 161 11.20 17.54 64.10
N GLY C 162 12.33 17.38 63.53
CA GLY C 162 13.56 18.03 63.92
C GLY C 162 13.73 18.16 65.45
N PRO C 163 14.67 19.11 65.59
CA PRO C 163 15.25 19.73 66.79
C PRO C 163 14.16 20.07 67.79
N HIS C 164 14.39 20.07 69.06
CA HIS C 164 13.32 20.33 70.06
C HIS C 164 13.34 19.18 70.99
N LEU C 165 14.12 19.12 72.03
CA LEU C 165 14.01 17.80 72.51
C LEU C 165 12.98 17.58 73.54
N LEU C 166 12.14 17.14 72.65
CA LEU C 166 10.93 16.44 72.61
C LEU C 166 10.96 15.90 71.20
N GLY C 167 11.85 14.87 71.19
CA GLY C 167 12.04 14.19 69.95
C GLY C 167 10.75 13.26 69.82
N GLY C 168 10.11 12.94 70.89
CA GLY C 168 8.89 12.14 70.78
C GLY C 168 8.63 11.43 72.05
N GLU C 169 7.69 10.48 72.04
CA GLU C 169 7.44 9.73 73.27
C GLU C 169 6.80 8.38 72.95
N VAL C 170 7.10 7.35 73.75
CA VAL C 170 6.41 6.04 73.67
C VAL C 170 5.46 5.97 74.90
N VAL C 171 4.16 5.74 74.69
CA VAL C 171 3.21 5.72 75.81
C VAL C 171 2.69 4.31 76.04
N LEU C 172 2.97 3.74 77.22
CA LEU C 172 2.59 2.35 77.56
C LEU C 172 1.20 2.36 78.24
N GLY C 173 0.18 1.72 77.73
CA GLY C 173 -1.15 1.69 78.38
C GLY C 173 -2.16 2.55 77.69
N GLY C 174 -1.83 3.38 76.73
CA GLY C 174 -2.80 4.23 76.03
C GLY C 174 -2.11 5.16 75.02
N SER C 175 -2.85 6.16 74.66
CA SER C 175 -2.59 7.32 73.80
C SER C 175 -2.68 8.62 74.57
N ASP C 176 -1.85 9.53 74.26
CA ASP C 176 -1.65 10.89 74.80
C ASP C 176 -2.30 11.91 73.86
N PRO C 177 -3.52 12.40 74.13
CA PRO C 177 -4.40 13.34 73.43
C PRO C 177 -3.70 14.66 73.15
N GLN C 178 -2.67 14.96 73.89
CA GLN C 178 -1.86 16.16 73.63
C GLN C 178 -1.02 15.96 72.37
N HIS C 179 -0.88 14.76 71.85
CA HIS C 179 0.01 14.63 70.69
C HIS C 179 -0.65 14.11 69.46
N TYR C 180 -1.92 14.08 69.36
CA TYR C 180 -2.76 13.77 68.20
C TYR C 180 -4.02 14.62 68.22
N GLN C 181 -4.56 14.83 67.08
CA GLN C 181 -5.76 15.64 66.92
C GLN C 181 -6.82 14.92 66.12
N GLY C 182 -8.11 15.03 66.37
CA GLY C 182 -9.05 14.26 65.52
C GLY C 182 -9.27 12.89 66.24
N ASP C 183 -9.78 11.93 65.46
CA ASP C 183 -10.14 10.57 65.92
C ASP C 183 -9.13 9.55 65.40
N PHE C 184 -9.09 8.41 66.02
CA PHE C 184 -8.23 7.35 65.46
C PHE C 184 -8.97 6.63 64.34
N HIS C 185 -8.32 6.17 63.33
CA HIS C 185 -8.85 5.31 62.27
C HIS C 185 -8.11 3.96 62.39
N TYR C 186 -8.79 2.89 62.77
CA TYR C 186 -8.25 1.56 63.02
C TYR C 186 -8.28 0.68 61.79
N VAL C 187 -7.18 -0.07 61.70
CA VAL C 187 -6.97 -1.03 60.60
C VAL C 187 -6.56 -2.37 61.22
N SER C 188 -7.19 -3.44 60.86
CA SER C 188 -6.93 -4.81 61.36
C SER C 188 -5.62 -5.36 60.83
N LEU C 189 -4.83 -6.06 61.64
CA LEU C 189 -3.59 -6.76 61.23
C LEU C 189 -3.95 -7.82 60.16
N SER C 190 -3.18 -7.88 59.10
CA SER C 190 -3.38 -8.89 58.06
C SER C 190 -2.63 -10.17 58.44
N LYS C 191 -1.95 -10.21 59.52
CA LYS C 191 -1.12 -11.35 59.96
C LYS C 191 -0.95 -11.27 61.46
N THR C 192 -1.33 -12.15 62.33
CA THR C 192 -1.42 -12.07 63.78
C THR C 192 -0.10 -12.10 64.49
N ASP C 193 1.07 -12.31 63.94
CA ASP C 193 2.32 -12.27 64.70
C ASP C 193 3.23 -11.18 64.17
N SER C 194 2.61 -10.13 63.69
CA SER C 194 3.44 -8.99 63.21
C SER C 194 2.56 -7.75 63.12
N TRP C 195 3.10 -6.51 63.33
CA TRP C 195 2.36 -5.22 63.17
C TRP C 195 2.35 -4.90 61.68
N GLN C 196 1.62 -5.80 61.05
CA GLN C 196 1.47 -5.91 59.60
C GLN C 196 0.03 -5.77 59.16
N ILE C 197 -0.15 -4.97 58.10
CA ILE C 197 -1.51 -4.71 57.57
C ILE C 197 -1.45 -4.71 56.04
N THR C 198 -2.55 -4.72 55.33
CA THR C 198 -2.52 -4.76 53.85
C THR C 198 -2.88 -3.38 53.30
N MET C 199 -2.04 -2.95 52.42
CA MET C 199 -2.13 -1.66 51.72
C MET C 199 -2.70 -1.88 50.32
N LYS C 200 -3.80 -1.24 49.93
CA LYS C 200 -4.37 -1.52 48.60
C LYS C 200 -4.00 -0.47 47.59
N GLY C 201 -2.86 0.18 47.62
CA GLY C 201 -2.50 1.19 46.75
C GLY C 201 -1.58 2.29 47.25
N VAL C 202 -0.69 2.61 46.32
CA VAL C 202 0.27 3.71 46.56
C VAL C 202 0.22 4.65 45.35
N SER C 203 -0.15 5.90 45.57
CA SER C 203 -0.27 6.87 44.47
C SER C 203 0.83 7.90 44.52
N VAL C 204 1.47 8.09 43.40
CA VAL C 204 2.44 9.19 43.45
C VAL C 204 1.91 10.34 42.61
N GLY C 205 1.69 11.44 43.28
CA GLY C 205 1.12 12.54 42.55
C GLY C 205 -0.29 12.20 42.06
N SER C 206 -0.46 12.03 40.76
CA SER C 206 -1.61 11.76 39.91
C SER C 206 -1.53 10.39 39.26
N SER C 207 -0.27 9.97 39.05
CA SER C 207 -0.17 8.64 38.42
C SER C 207 1.26 8.15 38.37
N THR C 208 1.36 6.93 38.85
CA THR C 208 2.45 5.97 39.01
C THR C 208 2.20 5.05 40.20
N LEU C 209 0.98 4.67 40.25
CA LEU C 209 0.02 3.83 40.96
C LEU C 209 0.55 2.40 41.12
N LEU C 210 0.80 1.84 42.29
CA LEU C 210 1.32 0.51 42.64
C LEU C 210 0.38 -0.15 43.67
N CYS C 211 0.47 -1.40 44.03
CA CYS C 211 -0.24 -2.11 45.07
C CYS C 211 -1.74 -2.11 44.88
N GLU C 212 -2.30 -1.86 43.70
CA GLU C 212 -3.77 -1.94 43.63
C GLU C 212 -4.22 -3.35 43.98
N GLU C 213 -3.35 -4.28 43.58
CA GLU C 213 -3.52 -5.72 43.85
C GLU C 213 -3.41 -5.97 45.36
N GLY C 214 -2.86 -5.09 46.22
CA GLY C 214 -2.74 -5.37 47.68
C GLY C 214 -1.28 -5.60 48.01
N CYS C 215 -0.67 -4.88 48.89
CA CYS C 215 0.75 -4.98 49.30
C CYS C 215 0.85 -5.11 50.80
N GLU C 216 1.73 -5.97 51.35
CA GLU C 216 1.83 -6.09 52.83
C GLU C 216 2.83 -5.02 53.32
N VAL C 217 2.48 -4.53 54.46
CA VAL C 217 3.39 -3.49 54.99
C VAL C 217 3.49 -3.63 56.50
N VAL C 218 4.69 -3.54 57.02
CA VAL C 218 4.80 -3.64 58.49
C VAL C 218 4.92 -2.20 59.05
N VAL C 219 4.23 -1.75 60.04
CA VAL C 219 4.36 -0.36 60.60
C VAL C 219 5.47 -0.46 61.67
N ASP C 220 6.68 -0.15 61.26
CA ASP C 220 7.99 -0.30 61.88
C ASP C 220 8.57 0.98 62.41
N THR C 221 8.53 1.21 63.72
CA THR C 221 9.06 2.34 64.49
C THR C 221 10.58 2.33 64.48
N GLY C 222 11.22 1.17 64.26
CA GLY C 222 12.69 1.04 64.29
C GLY C 222 13.35 1.31 62.93
N SER C 223 12.52 1.63 61.93
CA SER C 223 13.03 1.97 60.57
C SER C 223 12.96 3.48 60.36
N SER C 224 14.03 4.09 59.99
CA SER C 224 14.22 5.53 59.75
C SER C 224 13.32 5.99 58.60
N PHE C 225 13.27 5.38 57.47
CA PHE C 225 12.55 5.69 56.24
C PHE C 225 11.43 4.70 56.00
N ILE C 226 10.81 5.11 54.92
CA ILE C 226 9.82 4.15 54.41
C ILE C 226 10.55 3.22 53.41
N SER C 227 10.38 1.91 53.37
CA SER C 227 11.06 1.12 52.33
C SER C 227 10.04 0.35 51.50
N ALA C 228 10.45 0.08 50.25
CA ALA C 228 9.65 -0.69 49.28
C ALA C 228 10.54 -1.76 48.64
N PRO C 229 9.99 -2.84 48.10
CA PRO C 229 10.93 -3.72 47.37
C PRO C 229 11.63 -2.90 46.27
N THR C 230 12.83 -3.13 45.81
CA THR C 230 13.62 -2.38 44.84
C THR C 230 12.85 -2.12 43.56
N SER C 231 12.17 -3.09 43.02
CA SER C 231 11.37 -2.90 41.78
C SER C 231 10.41 -1.72 41.97
N SER C 232 9.62 -1.67 43.03
CA SER C 232 8.65 -0.59 43.28
C SER C 232 9.36 0.72 43.63
N LEU C 233 10.39 0.57 44.50
CA LEU C 233 11.15 1.79 44.82
C LEU C 233 11.65 2.45 43.54
N LYS C 234 12.24 1.82 42.55
CA LYS C 234 12.63 2.52 41.31
C LYS C 234 11.45 3.22 40.66
N LEU C 235 10.25 2.77 40.56
CA LEU C 235 9.06 3.39 39.91
C LEU C 235 8.69 4.69 40.65
N ILE C 236 8.79 4.65 41.94
CA ILE C 236 8.47 5.87 42.72
C ILE C 236 9.53 6.92 42.50
N MET C 237 10.80 6.67 42.54
CA MET C 237 11.87 7.65 42.35
C MET C 237 11.82 8.24 40.94
N GLN C 238 11.43 7.55 39.95
CA GLN C 238 11.35 8.01 38.53
C GLN C 238 10.24 9.07 38.43
N ALA C 239 9.14 8.70 39.09
CA ALA C 239 7.98 9.59 39.21
C ALA C 239 8.37 10.88 39.93
N LEU C 240 9.34 10.94 40.83
CA LEU C 240 9.78 12.11 41.61
C LEU C 240 10.88 12.86 40.88
N GLY C 241 11.45 12.33 39.83
CA GLY C 241 12.59 12.85 39.12
C GLY C 241 13.78 12.64 40.05
N ALA C 242 13.82 11.74 41.03
CA ALA C 242 14.93 11.64 41.97
C ALA C 242 16.14 10.96 41.35
N LYS C 243 17.34 11.18 41.85
CA LYS C 243 18.61 10.62 41.38
C LYS C 243 19.36 9.95 42.52
N GLU C 244 20.01 8.80 42.24
CA GLU C 244 20.81 8.11 43.29
C GLU C 244 22.10 8.90 43.52
N LYS C 245 22.33 9.67 44.58
CA LYS C 245 23.62 10.39 44.46
C LYS C 245 24.75 9.47 44.90
N ARG C 246 24.24 8.41 45.50
CA ARG C 246 25.17 7.40 46.07
C ARG C 246 24.46 6.05 46.07
N LEU C 247 25.08 4.88 45.95
CA LEU C 247 24.31 3.64 45.90
C LEU C 247 23.23 3.57 46.95
N HIS C 248 21.98 3.41 46.55
CA HIS C 248 20.71 3.23 47.28
C HIS C 248 20.25 4.55 47.90
N GLU C 249 20.95 5.65 47.79
CA GLU C 249 20.57 6.96 48.38
C GLU C 249 20.10 7.89 47.27
N TYR C 250 18.82 8.19 47.39
CA TYR C 250 18.27 9.05 46.32
C TYR C 250 18.08 10.47 46.82
N VAL C 251 18.25 11.40 45.87
CA VAL C 251 18.10 12.80 46.28
C VAL C 251 17.35 13.56 45.18
N VAL C 252 16.97 14.76 45.65
CA VAL C 252 16.34 15.64 44.64
C VAL C 252 16.97 17.02 44.74
N SER C 253 16.84 17.99 43.82
CA SER C 253 17.41 19.31 44.21
C SER C 253 16.53 19.94 45.29
N CYS C 254 17.02 20.44 46.42
CA CYS C 254 16.14 20.97 47.48
C CYS C 254 15.16 21.99 46.93
N SER C 255 15.40 22.61 45.80
CA SER C 255 14.63 23.60 45.07
C SER C 255 13.32 23.07 44.54
N GLN C 256 13.16 21.83 44.15
CA GLN C 256 11.97 21.20 43.55
C GLN C 256 10.95 20.82 44.59
N VAL C 257 11.38 20.83 45.86
CA VAL C 257 10.50 20.38 46.93
C VAL C 257 9.12 20.94 46.88
N PRO C 258 8.97 22.23 46.66
CA PRO C 258 7.60 22.75 46.68
C PRO C 258 6.78 22.23 45.53
N THR C 259 7.44 21.84 44.42
CA THR C 259 6.47 21.41 43.38
C THR C 259 6.45 19.90 43.27
N LEU C 260 7.01 19.12 44.17
CA LEU C 260 7.02 17.64 44.06
C LEU C 260 5.64 17.07 44.38
N PRO C 261 5.13 15.95 43.79
CA PRO C 261 3.80 15.53 44.21
C PRO C 261 3.79 14.85 45.55
N ASP C 262 2.52 14.73 45.91
CA ASP C 262 2.14 14.04 47.16
C ASP C 262 2.23 12.51 46.92
N ILE C 263 2.45 11.80 47.96
CA ILE C 263 2.39 10.33 47.88
C ILE C 263 1.31 9.82 48.84
N SER C 264 0.47 8.94 48.41
CA SER C 264 -0.62 8.43 49.24
C SER C 264 -0.60 6.92 49.38
N PHE C 265 -0.87 6.35 50.55
CA PHE C 265 -0.98 4.94 50.98
C PHE C 265 -2.45 4.63 51.28
N ASN C 266 -3.05 3.75 50.58
CA ASN C 266 -4.45 3.46 50.97
C ASN C 266 -4.46 2.37 52.02
N LEU C 267 -4.73 2.76 53.22
CA LEU C 267 -4.78 1.85 54.36
C LEU C 267 -6.22 1.81 54.95
N GLY C 268 -6.73 0.58 54.95
CA GLY C 268 -8.07 0.32 55.49
C GLY C 268 -9.10 1.28 54.87
N GLY C 269 -9.05 1.35 53.55
CA GLY C 269 -9.97 2.31 52.92
C GLY C 269 -9.63 3.78 53.05
N ARG C 270 -8.88 4.33 53.99
CA ARG C 270 -8.65 5.79 53.95
C ARG C 270 -7.33 6.07 53.23
N ALA C 271 -7.13 7.23 52.69
CA ALA C 271 -5.87 7.62 52.05
C ALA C 271 -5.02 8.39 53.07
N TYR C 272 -3.81 8.02 53.28
CA TYR C 272 -2.74 8.58 54.14
C TYR C 272 -1.71 9.24 53.26
N THR C 273 -1.80 10.55 53.33
CA THR C 273 -1.03 11.38 52.43
C THR C 273 0.12 12.08 53.10
N LEU C 274 1.22 11.95 52.34
CA LEU C 274 2.45 12.66 52.74
C LEU C 274 2.80 13.66 51.64
N SER C 275 3.01 14.87 52.05
CA SER C 275 3.43 15.84 51.01
C SER C 275 4.95 15.85 50.91
N SER C 276 5.51 16.42 49.87
CA SER C 276 6.96 16.50 49.76
C SER C 276 7.59 17.11 50.99
N THR C 277 6.98 17.92 51.79
CA THR C 277 7.73 18.40 52.97
C THR C 277 7.76 17.34 54.05
N ASP C 278 6.91 16.30 53.96
CA ASP C 278 6.93 15.15 54.90
C ASP C 278 7.96 14.13 54.42
N TYR C 279 8.15 13.87 53.14
CA TYR C 279 9.01 12.82 52.63
C TYR C 279 10.35 13.24 52.18
N VAL C 280 10.65 14.53 52.18
CA VAL C 280 11.97 15.00 51.82
C VAL C 280 12.70 15.54 53.05
N LEU C 281 13.95 15.12 53.28
CA LEU C 281 14.64 15.65 54.46
C LEU C 281 15.27 17.02 54.12
N GLN C 282 14.91 17.87 55.04
CA GLN C 282 15.09 19.30 55.28
C GLN C 282 14.47 20.11 54.14
N ARG C 287 13.29 19.65 53.83
CA ARG C 287 12.14 19.81 52.95
C ARG C 287 12.13 21.16 52.28
N ASP C 288 20.52 24.36 50.43
CA ASP C 288 21.64 23.44 50.32
C ASP C 288 21.74 22.81 48.94
N LYS C 289 20.72 22.62 48.09
CA LYS C 289 21.21 22.06 46.81
C LYS C 289 20.71 20.65 46.61
N LEU C 290 21.32 19.58 47.13
CA LEU C 290 20.69 18.26 46.96
C LEU C 290 20.00 17.85 48.28
N CYS C 291 18.78 17.43 48.40
CA CYS C 291 17.99 17.05 49.59
C CYS C 291 17.63 15.57 49.51
N THR C 292 17.87 14.73 50.49
CA THR C 292 17.64 13.30 50.62
C THR C 292 16.16 12.95 50.62
N VAL C 293 15.76 12.04 49.76
CA VAL C 293 14.38 11.53 49.79
C VAL C 293 14.24 10.51 50.91
N ALA C 294 13.32 10.54 51.89
CA ALA C 294 13.27 9.62 53.02
C ALA C 294 12.53 8.36 52.74
N LEU C 295 12.87 7.72 51.63
CA LEU C 295 12.36 6.42 51.14
C LEU C 295 13.54 5.59 50.59
N HIS C 296 13.52 4.30 50.76
CA HIS C 296 14.67 3.58 50.18
C HIS C 296 14.28 2.15 49.88
N ALA C 297 15.11 1.38 49.20
CA ALA C 297 14.77 0.01 48.77
C ALA C 297 15.13 -0.98 49.86
N MET C 298 14.28 -1.97 50.02
CA MET C 298 14.79 -2.96 50.96
C MET C 298 14.19 -4.32 50.64
N ASP C 299 14.97 -5.26 50.07
CA ASP C 299 14.31 -6.55 49.76
C ASP C 299 14.56 -7.51 50.91
N ILE C 300 13.56 -7.88 51.60
CA ILE C 300 13.56 -8.78 52.76
C ILE C 300 13.30 -10.22 52.31
N PRO C 301 14.19 -11.13 52.71
CA PRO C 301 14.03 -12.51 52.23
C PRO C 301 12.74 -13.11 52.73
N PRO C 302 12.19 -14.02 51.92
CA PRO C 302 11.00 -14.79 52.35
C PRO C 302 11.42 -15.74 53.46
N PRO C 303 10.62 -16.21 54.36
CA PRO C 303 9.17 -16.05 54.46
C PRO C 303 8.80 -14.67 55.01
N THR C 304 9.70 -13.86 55.52
CA THR C 304 9.29 -12.55 56.04
C THR C 304 8.96 -11.61 54.90
N GLY C 305 9.69 -11.51 53.86
CA GLY C 305 9.51 -10.71 52.72
C GLY C 305 8.83 -11.39 51.57
N PRO C 306 8.51 -10.64 50.57
CA PRO C 306 8.64 -9.19 50.30
C PRO C 306 7.58 -8.41 51.08
N VAL C 307 8.03 -7.28 51.64
CA VAL C 307 7.13 -6.40 52.41
C VAL C 307 7.57 -4.94 52.22
N TRP C 308 6.57 -4.12 52.38
CA TRP C 308 6.95 -2.67 52.36
C TRP C 308 7.10 -2.24 53.83
N VAL C 309 7.69 -1.17 54.20
CA VAL C 309 7.74 -0.81 55.63
C VAL C 309 7.50 0.69 55.79
N LEU C 310 6.57 1.02 56.68
CA LEU C 310 6.20 2.43 57.01
C LEU C 310 7.05 2.87 58.22
N GLY C 311 8.14 3.60 58.09
CA GLY C 311 9.02 3.95 59.22
C GLY C 311 8.81 5.36 59.73
N ALA C 312 9.77 5.98 60.42
CA ALA C 312 9.68 7.34 60.99
C ALA C 312 9.21 8.32 59.92
N THR C 313 9.49 8.23 58.70
CA THR C 313 8.98 9.17 57.73
C THR C 313 7.46 9.31 57.80
N PHE C 314 6.70 8.24 57.98
CA PHE C 314 5.25 8.14 58.05
C PHE C 314 4.72 8.43 59.44
N ILE C 315 5.29 7.88 60.49
CA ILE C 315 4.90 8.01 61.90
C ILE C 315 5.06 9.45 62.38
N ARG C 316 5.95 10.26 61.82
CA ARG C 316 6.07 11.71 62.14
C ARG C 316 4.74 12.41 61.90
N LYS C 317 4.15 12.06 60.79
CA LYS C 317 2.87 12.63 60.38
C LYS C 317 1.70 12.05 61.10
N PHE C 318 1.63 10.78 61.38
CA PHE C 318 0.51 10.09 62.02
C PHE C 318 0.90 9.40 63.30
N TYR C 319 0.41 9.93 64.40
CA TYR C 319 0.55 9.39 65.78
C TYR C 319 0.02 7.95 65.77
N THR C 320 0.66 6.88 66.21
CA THR C 320 0.25 5.49 65.96
C THR C 320 0.03 4.74 67.24
N GLU C 321 -1.14 4.10 67.33
CA GLU C 321 -1.42 3.29 68.55
C GLU C 321 -1.42 1.80 68.18
N PHE C 322 -0.73 0.94 68.93
CA PHE C 322 -0.59 -0.50 68.66
C PHE C 322 -1.37 -1.29 69.68
N ASP C 323 -2.39 -1.97 69.24
CA ASP C 323 -3.33 -2.63 70.15
C ASP C 323 -3.19 -4.15 70.10
N ARG C 324 -2.69 -4.63 71.23
CA ARG C 324 -2.46 -6.06 71.43
C ARG C 324 -3.77 -6.75 71.82
N HIS C 325 -4.69 -6.03 72.45
CA HIS C 325 -6.02 -6.55 72.82
C HIS C 325 -6.87 -6.82 71.58
N ASN C 326 -7.06 -5.85 70.72
CA ASN C 326 -7.87 -6.01 69.52
C ASN C 326 -7.04 -6.36 68.30
N ASN C 327 -5.76 -6.52 68.30
CA ASN C 327 -5.04 -6.85 67.08
C ASN C 327 -5.35 -5.94 65.93
N ARG C 328 -5.02 -4.65 66.14
CA ARG C 328 -5.16 -3.57 65.15
C ARG C 328 -4.18 -2.43 65.52
N ILE C 329 -4.09 -1.61 64.51
CA ILE C 329 -3.27 -0.36 64.59
C ILE C 329 -4.16 0.85 64.36
N GLY C 330 -4.12 1.92 65.18
CA GLY C 330 -4.99 3.09 64.96
C GLY C 330 -3.97 4.20 64.54
N PHE C 331 -4.42 5.06 63.65
CA PHE C 331 -3.66 6.23 63.21
C PHE C 331 -4.42 7.50 63.54
N ALA C 332 -3.86 8.53 64.03
CA ALA C 332 -4.48 9.85 64.27
C ALA C 332 -3.53 10.96 63.80
N LEU C 333 -3.81 12.20 63.53
CA LEU C 333 -2.78 13.17 63.09
C LEU C 333 -1.90 13.57 64.28
N ALA C 334 -0.63 13.55 64.11
CA ALA C 334 0.21 13.93 65.28
C ALA C 334 0.31 15.46 65.30
N ARG C 335 0.49 15.95 66.40
CA ARG C 335 0.56 17.41 66.75
C ARG C 335 1.42 17.57 67.99
N HIS D 2 21.81 8.66 57.61
CA HIS D 2 21.97 7.21 57.41
C HIS D 2 20.76 6.46 57.96
N PRO D 3 19.97 5.82 57.05
CA PRO D 3 18.78 5.19 57.65
C PRO D 3 19.12 3.86 58.28
N PHE D 4 18.40 3.58 59.32
CA PHE D 4 18.42 2.34 60.08
C PHE D 4 17.19 1.52 59.73
N HIS D 5 17.47 0.30 59.28
CA HIS D 5 16.34 -0.60 58.92
C HIS D 5 16.28 -1.72 59.92
N TYR D 7 13.10 -7.14 61.61
CA TYR D 7 13.55 -8.51 61.89
C TYR D 7 13.06 -9.46 60.82
N TYR D 8 13.92 -10.31 60.28
CA TYR D 8 13.54 -11.36 59.34
C TYR D 8 14.10 -12.69 59.79
N SER D 9 13.40 -13.75 59.58
CA SER D 9 13.81 -15.10 60.02
C SER D 9 14.75 -15.73 58.99
N THR E 1 15.55 -14.22 -94.21
CA THR E 1 15.64 -12.92 -93.53
C THR E 1 15.07 -12.99 -92.11
N ASP E 2 15.88 -12.85 -91.07
CA ASP E 2 15.47 -12.83 -89.66
C ASP E 2 14.33 -13.80 -89.37
N LEU E 3 14.72 -14.92 -89.76
CA LEU E 3 13.93 -16.16 -89.69
C LEU E 3 14.13 -16.82 -88.33
N ILE E 4 13.06 -17.32 -87.82
CA ILE E 4 12.87 -18.18 -86.65
C ILE E 4 11.96 -19.34 -87.02
N SER E 5 12.54 -20.49 -87.29
CA SER E 5 11.98 -21.74 -87.81
C SER E 5 11.92 -22.84 -86.77
N PRO E 6 10.73 -23.31 -86.33
CA PRO E 6 10.73 -24.45 -85.40
C PRO E 6 10.50 -25.74 -86.18
N VAL E 7 10.99 -26.81 -85.75
CA VAL E 7 10.82 -28.22 -86.23
C VAL E 7 10.13 -29.00 -85.12
N VAL E 8 8.96 -29.40 -85.43
CA VAL E 8 8.19 -30.09 -84.38
C VAL E 8 8.73 -31.50 -84.15
N LEU E 9 8.86 -31.93 -82.91
CA LEU E 9 9.35 -33.23 -82.47
C LEU E 9 8.19 -34.13 -82.04
N THR E 10 8.51 -35.41 -82.10
CA THR E 10 7.65 -36.51 -81.60
C THR E 10 8.34 -37.09 -80.35
N ASN E 11 7.65 -37.21 -79.33
CA ASN E 11 8.12 -37.78 -78.07
C ASN E 11 7.81 -39.27 -78.05
N TYR E 12 8.83 -40.14 -78.14
CA TYR E 12 8.50 -41.59 -78.06
C TYR E 12 9.01 -42.08 -76.70
N LEU E 13 8.18 -42.45 -75.78
CA LEU E 13 8.28 -42.97 -74.41
C LEU E 13 9.18 -42.08 -73.54
N ASN E 14 9.21 -40.80 -73.82
CA ASN E 14 10.08 -39.94 -73.02
C ASN E 14 11.54 -40.34 -73.19
N SER E 15 11.79 -41.06 -74.27
CA SER E 15 13.21 -41.46 -74.38
C SER E 15 13.77 -41.13 -75.74
N GLN E 16 13.00 -40.92 -76.79
CA GLN E 16 13.44 -40.57 -78.15
C GLN E 16 12.59 -39.43 -78.69
N TYR E 17 13.21 -38.37 -79.04
CA TYR E 17 12.57 -37.14 -79.59
C TYR E 17 13.11 -36.87 -80.97
N TYR E 18 12.28 -36.96 -81.93
CA TYR E 18 12.84 -36.80 -83.27
C TYR E 18 11.94 -35.99 -84.16
N GLY E 19 12.38 -35.43 -85.23
CA GLY E 19 11.52 -34.62 -86.13
C GLY E 19 11.84 -35.03 -87.53
N GLU E 20 11.21 -34.53 -88.56
CA GLU E 20 11.55 -34.94 -89.92
C GLU E 20 12.41 -33.96 -90.66
N ILE E 21 13.19 -34.50 -91.64
CA ILE E 21 14.00 -33.80 -92.61
C ILE E 21 13.84 -34.40 -94.01
N GLY E 22 14.19 -33.55 -95.01
CA GLY E 22 14.01 -34.20 -96.38
C GLY E 22 15.46 -34.17 -97.01
N ILE E 23 15.77 -35.24 -97.73
CA ILE E 23 17.03 -35.39 -98.47
C ILE E 23 16.71 -35.79 -99.92
N GLY E 24 17.29 -34.96 -100.79
CA GLY E 24 17.26 -35.06 -102.24
C GLY E 24 16.16 -34.37 -102.98
N THR E 25 16.19 -34.66 -104.26
CA THR E 25 15.21 -34.18 -105.24
C THR E 25 14.56 -35.33 -105.99
N PRO E 26 13.25 -35.58 -105.80
CA PRO E 26 12.41 -34.84 -104.81
C PRO E 26 12.78 -35.34 -103.41
N PRO E 27 12.32 -34.79 -102.32
CA PRO E 27 12.84 -35.23 -101.04
C PRO E 27 12.35 -36.56 -100.59
N GLN E 28 13.37 -37.22 -100.03
CA GLN E 28 13.09 -38.49 -99.32
C GLN E 28 12.98 -38.16 -97.83
N THR E 29 12.00 -38.52 -97.03
CA THR E 29 11.84 -38.08 -95.64
C THR E 29 12.39 -39.10 -94.66
N PHE E 30 13.07 -38.51 -93.62
CA PHE E 30 13.67 -39.31 -92.55
C PHE E 30 13.31 -38.73 -91.19
N LYS E 31 13.20 -39.56 -90.22
CA LYS E 31 13.08 -39.08 -88.83
C LYS E 31 14.48 -38.96 -88.21
N VAL E 32 14.85 -37.87 -87.65
CA VAL E 32 16.19 -37.76 -87.02
C VAL E 32 16.08 -37.19 -85.63
N ILE E 33 17.00 -37.69 -84.80
CA ILE E 33 17.25 -37.14 -83.47
C ILE E 33 18.09 -35.85 -83.61
N PHE E 34 17.87 -34.68 -83.12
CA PHE E 34 18.80 -33.51 -83.25
C PHE E 34 19.77 -33.59 -82.06
N ASP E 35 20.98 -33.93 -82.32
CA ASP E 35 21.97 -34.34 -81.35
C ASP E 35 22.92 -33.26 -80.93
N THR E 36 22.90 -32.57 -79.84
CA THR E 36 23.97 -31.59 -79.68
C THR E 36 25.25 -32.30 -79.18
N GLY E 37 25.25 -33.60 -78.95
CA GLY E 37 26.45 -34.38 -78.50
C GLY E 37 27.25 -34.79 -79.77
N SER E 38 26.95 -34.46 -81.00
CA SER E 38 27.72 -34.90 -82.18
C SER E 38 27.63 -33.90 -83.29
N ALA E 39 28.24 -33.97 -84.49
CA ALA E 39 28.19 -32.92 -85.50
C ALA E 39 28.05 -33.45 -86.89
N ASN E 40 27.70 -34.75 -87.07
CA ASN E 40 27.50 -35.29 -88.42
C ASN E 40 26.01 -35.63 -88.62
N LEU E 41 25.60 -35.64 -89.80
CA LEU E 41 24.27 -36.07 -90.22
C LEU E 41 24.37 -37.47 -90.82
N TRP E 42 23.63 -38.47 -90.56
CA TRP E 42 23.66 -39.74 -91.31
C TRP E 42 22.22 -40.29 -91.37
N VAL E 43 21.96 -41.11 -92.33
CA VAL E 43 20.72 -41.91 -92.46
C VAL E 43 21.08 -43.32 -92.90
N PRO E 44 20.16 -44.30 -92.67
CA PRO E 44 20.53 -45.62 -93.23
C PRO E 44 20.36 -45.59 -94.76
N SER E 45 21.16 -46.44 -95.38
CA SER E 45 21.17 -46.49 -96.85
C SER E 45 20.59 -47.86 -97.28
N THR E 46 20.15 -47.79 -98.46
CA THR E 46 19.57 -48.84 -99.30
C THR E 46 20.68 -49.93 -99.51
N LYS E 47 21.95 -49.47 -99.48
CA LYS E 47 23.18 -50.34 -99.64
C LYS E 47 23.40 -51.11 -98.33
N CYS E 48 22.67 -50.80 -97.26
CA CYS E 48 22.79 -51.49 -95.97
C CYS E 48 22.60 -53.00 -96.16
N SER E 49 23.45 -53.91 -95.73
CA SER E 49 23.32 -55.35 -95.97
C SER E 49 22.34 -56.00 -95.03
N ARG E 50 21.85 -57.17 -95.48
CA ARG E 50 20.89 -58.05 -94.81
C ARG E 50 21.37 -58.52 -93.47
N LEU E 51 22.69 -58.37 -93.16
CA LEU E 51 23.13 -58.76 -91.80
C LEU E 51 22.65 -57.68 -90.79
N TYR E 52 22.22 -56.49 -91.23
CA TYR E 52 21.79 -55.46 -90.25
C TYR E 52 20.29 -55.32 -90.30
N LEU E 53 19.73 -56.16 -89.47
CA LEU E 53 18.30 -56.25 -89.13
C LEU E 53 17.72 -54.85 -88.86
N ALA E 54 18.39 -53.97 -88.11
CA ALA E 54 17.94 -52.61 -87.84
C ALA E 54 17.63 -51.91 -89.15
N CYS E 55 18.22 -52.16 -90.31
CA CYS E 55 17.84 -51.52 -91.58
C CYS E 55 16.51 -52.00 -92.07
N GLY E 56 15.90 -53.06 -91.55
CA GLY E 56 14.65 -53.39 -92.15
C GLY E 56 13.41 -52.79 -91.52
N ILE E 57 13.70 -51.97 -90.61
CA ILE E 57 12.77 -51.37 -89.72
C ILE E 57 12.75 -49.84 -89.92
N HIS E 58 13.66 -49.32 -90.75
CA HIS E 58 13.77 -47.85 -90.96
C HIS E 58 13.66 -47.45 -92.41
N SER E 59 13.53 -46.15 -92.67
CA SER E 59 13.48 -45.65 -94.06
C SER E 59 14.93 -45.60 -94.59
N LEU E 60 15.13 -45.92 -95.81
CA LEU E 60 16.46 -46.05 -96.43
C LEU E 60 16.56 -45.13 -97.64
N TYR E 61 17.69 -44.41 -97.56
CA TYR E 61 18.00 -43.43 -98.59
C TYR E 61 18.43 -44.07 -99.89
N GLU E 62 17.91 -43.74 -101.01
CA GLU E 62 18.24 -44.28 -102.36
C GLU E 62 18.80 -43.18 -103.21
N SER E 63 20.17 -43.07 -103.36
CA SER E 63 20.78 -41.96 -104.13
C SER E 63 20.37 -42.02 -105.58
N SER E 64 19.88 -43.12 -106.11
CA SER E 64 19.41 -43.42 -107.49
C SER E 64 18.15 -42.63 -107.81
N ASP E 65 17.38 -42.24 -106.81
CA ASP E 65 16.10 -41.51 -106.95
C ASP E 65 16.30 -40.03 -106.73
N SER E 66 17.49 -39.55 -106.49
CA SER E 66 17.69 -38.11 -106.25
C SER E 66 18.52 -37.49 -107.34
N SER E 67 18.00 -36.54 -108.05
CA SER E 67 18.71 -35.87 -109.15
C SER E 67 19.77 -34.93 -108.63
N SER E 68 19.76 -34.56 -107.33
CA SER E 68 20.79 -33.65 -106.78
C SER E 68 21.89 -34.43 -106.09
N TYR E 69 21.77 -35.74 -106.00
CA TYR E 69 22.81 -36.59 -105.36
C TYR E 69 24.15 -36.38 -106.06
N MET E 70 25.20 -36.27 -105.29
CA MET E 70 26.60 -36.20 -105.77
C MET E 70 27.43 -37.27 -105.06
N GLU E 71 28.08 -38.12 -105.80
CA GLU E 71 28.87 -39.20 -105.19
C GLU E 71 30.04 -38.66 -104.41
N ASN E 72 30.47 -39.30 -103.36
CA ASN E 72 31.68 -38.99 -102.58
C ASN E 72 32.39 -40.31 -102.24
N GLY E 73 31.83 -41.25 -101.48
CA GLY E 73 32.41 -42.60 -101.27
C GLY E 73 33.47 -42.71 -100.21
N ASP E 74 34.00 -41.67 -99.62
CA ASP E 74 34.97 -41.87 -98.52
C ASP E 74 34.29 -42.59 -97.36
N ASP E 75 35.07 -43.20 -96.54
CA ASP E 75 34.66 -43.89 -95.31
C ASP E 75 33.93 -42.94 -94.36
N PHE E 76 32.89 -43.47 -93.70
CA PHE E 76 32.25 -42.72 -92.60
C PHE E 76 32.19 -43.66 -91.39
N THR E 77 32.90 -43.58 -90.34
CA THR E 77 32.95 -44.35 -89.09
C THR E 77 32.77 -43.39 -87.92
N ILE E 78 31.71 -43.65 -87.14
CA ILE E 78 31.57 -42.67 -86.03
C ILE E 78 31.27 -43.38 -84.75
N HIS E 79 31.73 -42.97 -83.61
CA HIS E 79 31.46 -43.66 -82.35
C HIS E 79 30.69 -42.73 -81.40
N TYR E 80 29.69 -43.33 -80.83
CA TYR E 80 28.77 -42.73 -79.82
C TYR E 80 28.85 -43.55 -78.52
N GLY E 81 28.43 -43.04 -77.41
CA GLY E 81 28.37 -43.82 -76.18
C GLY E 81 27.62 -45.10 -76.51
N SER E 82 26.56 -45.25 -77.32
CA SER E 82 25.74 -46.42 -77.66
C SER E 82 26.41 -47.30 -78.71
N GLY E 83 27.50 -46.85 -79.37
CA GLY E 83 27.89 -48.01 -80.32
C GLY E 83 28.42 -47.31 -81.53
N ARG E 84 28.98 -48.11 -82.39
CA ARG E 84 29.65 -47.57 -83.59
C ARG E 84 28.78 -47.79 -84.81
N VAL E 85 28.71 -46.78 -85.65
CA VAL E 85 27.94 -46.82 -86.92
C VAL E 85 28.88 -46.55 -88.07
N LYS E 86 28.75 -47.14 -89.19
CA LYS E 86 29.64 -47.00 -90.34
C LYS E 86 28.88 -47.00 -91.65
N GLY E 87 29.49 -46.37 -92.63
CA GLY E 87 28.93 -46.30 -94.01
C GLY E 87 29.91 -45.57 -94.87
N PHE E 88 29.46 -44.68 -95.71
CA PHE E 88 30.32 -43.91 -96.60
C PHE E 88 29.73 -42.54 -96.86
N LEU E 89 30.52 -41.53 -97.23
CA LEU E 89 29.93 -40.21 -97.44
C LEU E 89 29.35 -40.06 -98.85
N SER E 90 28.24 -39.32 -98.84
CA SER E 90 27.46 -38.96 -100.03
C SER E 90 27.10 -37.49 -100.00
N GLN E 91 26.72 -36.77 -101.06
CA GLN E 91 26.34 -35.36 -100.83
C GLN E 91 24.99 -35.10 -101.48
N ASP E 92 24.12 -34.29 -100.87
CA ASP E 92 22.81 -33.97 -101.46
C ASP E 92 22.21 -32.75 -100.77
N SER E 93 21.12 -32.27 -101.28
CA SER E 93 20.39 -31.12 -100.67
C SER E 93 19.60 -31.66 -99.45
N VAL E 94 19.64 -31.02 -98.42
CA VAL E 94 18.93 -31.36 -97.16
C VAL E 94 18.06 -30.21 -96.71
N THR E 95 16.77 -30.40 -96.50
CA THR E 95 15.87 -29.34 -96.02
C THR E 95 15.45 -29.62 -94.59
N VAL E 96 15.65 -28.62 -93.76
CA VAL E 96 15.21 -28.72 -92.36
C VAL E 96 14.62 -27.38 -91.91
N GLY E 97 13.42 -27.39 -91.40
CA GLY E 97 12.75 -26.13 -90.93
C GLY E 97 12.54 -25.31 -92.22
N GLY E 98 12.36 -25.90 -93.36
CA GLY E 98 12.16 -25.13 -94.56
C GLY E 98 13.35 -24.44 -95.16
N ILE E 99 14.51 -24.67 -94.65
CA ILE E 99 15.85 -24.19 -95.06
C ILE E 99 16.63 -25.35 -95.68
N THR E 100 17.07 -25.15 -96.89
CA THR E 100 17.78 -26.07 -97.78
C THR E 100 19.26 -25.76 -97.85
N VAL E 101 20.07 -26.77 -97.57
CA VAL E 101 21.54 -26.74 -97.59
C VAL E 101 22.06 -27.93 -98.41
N THR E 102 23.15 -27.75 -99.03
CA THR E 102 23.92 -28.79 -99.76
C THR E 102 24.86 -29.43 -98.72
N GLN E 103 24.52 -30.65 -98.42
CA GLN E 103 25.22 -31.23 -97.26
C GLN E 103 25.86 -32.55 -97.60
N THR E 104 27.01 -32.82 -97.01
CA THR E 104 27.69 -34.14 -97.03
C THR E 104 27.38 -34.88 -95.72
N PHE E 105 26.82 -36.07 -95.80
CA PHE E 105 26.26 -36.90 -94.75
C PHE E 105 26.61 -38.36 -94.93
N GLY E 106 26.57 -39.19 -93.83
CA GLY E 106 26.82 -40.53 -94.16
C GLY E 106 25.59 -41.37 -94.49
N GLU E 107 25.72 -42.22 -95.49
CA GLU E 107 24.82 -43.33 -95.90
C GLU E 107 25.28 -44.57 -95.10
N VAL E 108 24.69 -44.93 -94.02
CA VAL E 108 25.06 -46.01 -93.11
C VAL E 108 24.62 -47.35 -93.63
N THR E 109 25.60 -48.30 -93.67
CA THR E 109 25.48 -49.67 -94.18
C THR E 109 25.67 -50.70 -93.08
N GLN E 110 26.18 -50.23 -91.93
CA GLN E 110 26.48 -50.98 -90.70
C GLN E 110 25.94 -50.25 -89.48
N LEU E 111 24.81 -50.78 -89.03
CA LEU E 111 23.87 -50.37 -88.00
C LEU E 111 23.51 -51.53 -87.08
N PRO E 112 24.23 -51.60 -85.96
CA PRO E 112 24.13 -52.61 -84.93
C PRO E 112 22.72 -52.78 -84.41
N LEU E 113 22.31 -54.03 -84.22
CA LEU E 113 21.02 -54.50 -83.70
C LEU E 113 20.68 -53.81 -82.38
N ILE E 114 21.63 -53.79 -81.46
CA ILE E 114 21.42 -53.10 -80.15
C ILE E 114 22.18 -51.77 -80.18
N PRO E 115 21.65 -50.58 -80.09
CA PRO E 115 20.23 -50.32 -79.74
C PRO E 115 19.43 -49.99 -80.98
N PHE E 116 19.95 -49.91 -82.17
CA PHE E 116 19.25 -49.46 -83.32
C PHE E 116 18.05 -50.21 -83.73
N MET E 117 17.83 -51.46 -83.37
CA MET E 117 16.53 -52.07 -83.76
C MET E 117 15.42 -51.45 -82.90
N LEU E 118 15.65 -50.85 -81.78
CA LEU E 118 14.76 -50.20 -80.81
C LEU E 118 14.55 -48.72 -81.15
N ALA E 119 15.25 -48.23 -82.14
CA ALA E 119 15.14 -46.83 -82.54
C ALA E 119 13.89 -46.57 -83.34
N GLN E 120 13.16 -45.47 -83.05
CA GLN E 120 11.97 -45.07 -83.83
C GLN E 120 12.39 -44.08 -84.90
N PHE E 121 13.53 -43.48 -84.66
CA PHE E 121 14.19 -42.54 -85.57
C PHE E 121 14.99 -43.30 -86.62
N ASP E 122 15.22 -42.79 -87.77
CA ASP E 122 16.02 -43.40 -88.86
C ASP E 122 17.50 -43.10 -88.65
N GLY E 123 17.74 -41.85 -88.36
CA GLY E 123 19.09 -41.30 -88.22
C GLY E 123 19.35 -40.16 -87.32
N VAL E 124 20.45 -39.50 -87.34
CA VAL E 124 20.94 -38.44 -86.47
C VAL E 124 21.46 -37.25 -87.25
N LEU E 125 21.01 -36.11 -86.76
CA LEU E 125 21.47 -34.78 -87.24
C LEU E 125 22.35 -34.15 -86.19
N GLY E 126 23.65 -34.21 -86.19
CA GLY E 126 24.35 -33.65 -85.04
C GLY E 126 24.33 -32.17 -85.08
N MET E 127 24.13 -31.55 -83.92
CA MET E 127 24.03 -30.08 -83.76
C MET E 127 25.24 -29.55 -83.03
N GLY E 128 26.38 -30.27 -83.06
CA GLY E 128 27.64 -29.90 -82.37
C GLY E 128 28.53 -28.93 -83.19
N PHE E 129 29.82 -28.95 -82.91
CA PHE E 129 30.78 -28.02 -83.54
C PHE E 129 31.54 -28.72 -84.65
N PRO E 130 32.00 -27.98 -85.61
CA PRO E 130 32.77 -28.53 -86.75
C PRO E 130 33.95 -29.36 -86.26
N ALA E 131 34.60 -29.05 -85.16
CA ALA E 131 35.74 -29.81 -84.63
C ALA E 131 35.30 -31.21 -84.25
N GLN E 132 34.02 -31.41 -84.06
CA GLN E 132 33.62 -32.79 -83.73
C GLN E 132 33.22 -33.54 -85.00
N ALA E 133 33.14 -33.00 -86.16
CA ALA E 133 32.63 -33.71 -87.31
C ALA E 133 33.64 -34.72 -87.84
N VAL E 134 33.28 -36.01 -87.99
CA VAL E 134 34.16 -37.01 -88.62
C VAL E 134 34.35 -36.61 -90.09
N GLY E 135 35.52 -36.78 -90.60
CA GLY E 135 35.82 -36.46 -92.05
C GLY E 135 35.95 -34.94 -92.18
N GLY E 136 35.91 -34.16 -91.12
CA GLY E 136 36.00 -32.67 -91.23
C GLY E 136 34.89 -32.10 -92.11
N VAL E 137 33.71 -32.74 -92.19
CA VAL E 137 32.64 -32.21 -93.06
C VAL E 137 31.82 -31.19 -92.30
N THR E 138 31.48 -30.07 -92.84
CA THR E 138 30.70 -28.94 -92.28
C THR E 138 29.35 -29.43 -91.78
N PRO E 139 29.02 -29.14 -90.51
CA PRO E 139 27.73 -29.58 -89.98
C PRO E 139 26.61 -28.75 -90.59
N VAL E 140 25.45 -29.31 -90.60
CA VAL E 140 24.23 -28.70 -91.14
C VAL E 140 24.01 -27.31 -90.56
N PHE E 141 23.98 -27.10 -89.24
CA PHE E 141 23.73 -25.78 -88.64
C PHE E 141 24.78 -24.78 -89.11
N ASP E 142 26.05 -25.14 -89.29
CA ASP E 142 27.11 -24.25 -89.79
C ASP E 142 26.81 -23.83 -91.21
N HIS E 143 26.20 -24.71 -91.99
CA HIS E 143 25.82 -24.23 -93.34
C HIS E 143 24.66 -23.24 -93.22
N ILE E 144 23.72 -23.49 -92.32
CA ILE E 144 22.61 -22.53 -92.20
C ILE E 144 23.11 -21.18 -91.70
N LEU E 145 24.04 -21.19 -90.77
CA LEU E 145 24.67 -19.97 -90.22
C LEU E 145 25.30 -19.18 -91.38
N SER E 146 25.86 -19.89 -92.35
CA SER E 146 26.44 -19.29 -93.54
C SER E 146 25.39 -18.62 -94.40
N GLN E 147 24.17 -19.01 -94.63
CA GLN E 147 23.36 -18.20 -95.54
C GLN E 147 22.81 -16.96 -94.85
N GLY E 148 23.20 -16.81 -93.63
CA GLY E 148 22.76 -15.67 -92.76
C GLY E 148 21.25 -15.59 -92.73
N VAL E 149 20.45 -16.65 -92.48
CA VAL E 149 19.04 -16.20 -92.60
C VAL E 149 18.36 -16.12 -91.26
N LEU E 150 18.90 -16.72 -90.28
CA LEU E 150 18.38 -16.82 -88.90
C LEU E 150 18.41 -15.46 -88.22
N LYS E 151 17.40 -15.25 -87.42
CA LYS E 151 17.40 -13.93 -86.74
C LYS E 151 18.58 -13.83 -85.81
N GLU E 152 18.94 -14.90 -85.10
CA GLU E 152 20.13 -14.97 -84.22
C GLU E 152 20.87 -16.29 -84.50
N LYS E 153 22.13 -16.40 -84.14
CA LYS E 153 22.93 -17.63 -84.35
C LYS E 153 22.79 -18.54 -83.13
N VAL E 154 21.51 -18.81 -82.97
CA VAL E 154 21.20 -19.69 -81.83
C VAL E 154 20.11 -20.68 -82.27
N PHE E 155 20.01 -21.74 -81.55
CA PHE E 155 18.99 -22.74 -81.70
C PHE E 155 18.40 -23.16 -80.39
N SER E 156 17.13 -23.53 -80.13
CA SER E 156 16.76 -23.94 -78.76
C SER E 156 15.91 -25.20 -78.84
N VAL E 157 15.86 -25.85 -77.71
CA VAL E 157 15.17 -27.14 -77.64
C VAL E 157 14.25 -27.20 -76.44
N TYR E 158 13.08 -27.63 -76.87
CA TYR E 158 11.96 -27.92 -75.94
C TYR E 158 11.54 -29.39 -76.13
N TYR E 159 11.65 -30.12 -75.03
CA TYR E 159 11.21 -31.51 -74.94
C TYR E 159 9.96 -31.58 -74.03
N ASN E 160 8.83 -32.05 -74.38
CA ASN E 160 7.65 -32.20 -73.49
C ASN E 160 7.70 -33.52 -72.75
N ARG E 161 6.83 -33.74 -71.75
CA ARG E 161 6.68 -34.98 -70.96
C ARG E 161 5.53 -35.81 -71.55
N GLY E 162 5.72 -37.08 -71.54
CA GLY E 162 4.82 -38.07 -72.10
C GLY E 162 4.15 -37.61 -73.42
N PRO E 163 3.10 -38.42 -73.53
CA PRO E 163 2.04 -38.48 -74.55
C PRO E 163 1.53 -37.08 -74.86
N HIS E 164 1.06 -36.79 -76.05
CA HIS E 164 0.64 -35.41 -76.41
C HIS E 164 1.39 -35.05 -77.62
N LEU E 165 0.99 -35.35 -78.81
CA LEU E 165 2.07 -35.04 -79.67
C LEU E 165 2.07 -33.68 -80.24
N LEU E 166 2.89 -33.27 -79.33
CA LEU E 166 3.72 -32.16 -79.09
C LEU E 166 4.70 -32.75 -78.10
N GLY E 167 5.55 -33.55 -78.80
CA GLY E 167 6.57 -34.23 -78.05
C GLY E 167 7.65 -33.07 -77.80
N GLY E 168 7.68 -32.07 -78.58
CA GLY E 168 8.63 -31.00 -78.32
C GLY E 168 8.90 -30.22 -79.57
N GLU E 169 9.91 -29.36 -79.55
CA GLU E 169 10.23 -28.64 -80.79
C GLU E 169 11.68 -28.16 -80.77
N VAL E 170 12.33 -28.11 -81.94
CA VAL E 170 13.67 -27.50 -82.09
C VAL E 170 13.45 -26.14 -82.79
N VAL E 171 13.91 -25.03 -82.22
CA VAL E 171 13.68 -23.70 -82.83
C VAL E 171 14.99 -23.13 -83.34
N LEU E 172 15.09 -22.90 -84.65
CA LEU E 172 16.32 -22.41 -85.30
C LEU E 172 16.27 -20.86 -85.37
N GLY E 173 17.18 -20.12 -84.79
CA GLY E 173 17.18 -18.65 -84.85
C GLY E 173 16.74 -18.00 -83.56
N GLY E 174 16.25 -18.70 -82.58
CA GLY E 174 15.83 -18.11 -81.30
C GLY E 174 15.21 -19.14 -80.37
N SER E 175 14.48 -18.61 -79.42
CA SER E 175 13.67 -19.20 -78.36
C SER E 175 12.21 -18.83 -78.52
N ASP E 176 11.35 -19.73 -78.22
CA ASP E 176 9.88 -19.71 -78.26
C ASP E 176 9.34 -19.50 -76.85
N PRO E 177 8.95 -18.27 -76.44
CA PRO E 177 8.43 -17.76 -75.17
C PRO E 177 7.21 -18.52 -74.71
N GLN E 178 6.54 -19.16 -75.61
CA GLN E 178 5.39 -20.02 -75.27
C GLN E 178 5.89 -21.30 -74.58
N HIS E 179 7.17 -21.62 -74.62
CA HIS E 179 7.55 -22.90 -74.01
C HIS E 179 8.55 -22.77 -72.91
N TYR E 180 8.78 -21.66 -72.36
CA TYR E 180 9.58 -21.35 -71.17
C TYR E 180 8.95 -20.19 -70.40
N GLN E 181 9.21 -20.15 -69.15
CA GLN E 181 8.68 -19.11 -68.27
C GLN E 181 9.76 -18.47 -67.46
N GLY E 182 9.75 -17.19 -67.14
CA GLY E 182 10.88 -16.66 -66.35
C GLY E 182 11.95 -16.16 -67.37
N ASP E 183 13.18 -15.99 -66.87
CA ASP E 183 14.33 -15.46 -67.61
C ASP E 183 15.32 -16.58 -67.93
N PHE E 184 16.17 -16.37 -68.90
CA PHE E 184 17.23 -17.37 -69.11
C PHE E 184 18.38 -17.13 -68.15
N HIS E 185 19.05 -18.12 -67.69
CA HIS E 185 20.29 -18.05 -66.91
C HIS E 185 21.41 -18.67 -67.78
N TYR E 186 22.36 -17.89 -68.23
CA TYR E 186 23.45 -18.27 -69.13
C TYR E 186 24.68 -18.72 -68.40
N VAL E 187 25.26 -19.76 -69.00
CA VAL E 187 26.50 -20.38 -68.50
C VAL E 187 27.48 -20.50 -69.67
N SER E 188 28.70 -20.05 -69.51
CA SER E 188 29.76 -20.08 -70.53
C SER E 188 30.27 -21.49 -70.77
N LEU E 189 30.54 -21.88 -72.01
CA LEU E 189 31.16 -23.17 -72.38
C LEU E 189 32.56 -23.26 -71.72
N SER E 190 32.85 -24.38 -71.12
CA SER E 190 34.19 -24.62 -70.53
C SER E 190 35.15 -25.13 -71.60
N LYS E 191 34.72 -25.32 -72.79
CA LYS E 191 35.53 -25.90 -73.91
C LYS E 191 34.92 -25.45 -75.21
N THR E 192 35.50 -24.75 -76.13
CA THR E 192 34.95 -24.10 -77.30
C THR E 192 34.55 -25.02 -78.40
N ASP E 193 34.78 -26.30 -78.46
CA ASP E 193 34.32 -27.16 -79.56
C ASP E 193 33.36 -28.22 -79.06
N SER E 194 32.62 -27.85 -78.03
CA SER E 194 31.61 -28.81 -77.52
C SER E 194 30.60 -28.05 -76.65
N TRP E 195 29.29 -28.47 -76.60
CA TRP E 195 28.26 -27.86 -75.70
C TRP E 195 28.46 -28.45 -74.32
N GLN E 196 29.61 -28.04 -73.83
CA GLN E 196 30.22 -28.47 -72.58
C GLN E 196 30.44 -27.32 -71.62
N ILE E 197 30.09 -27.59 -70.35
CA ILE E 197 30.22 -26.56 -69.29
C ILE E 197 30.70 -27.23 -68.01
N THR E 198 31.10 -26.51 -67.00
CA THR E 198 31.63 -27.12 -65.77
C THR E 198 30.60 -27.02 -64.66
N MET E 199 30.37 -28.14 -64.07
CA MET E 199 29.42 -28.35 -62.96
C MET E 199 30.17 -28.39 -61.64
N LYS E 200 29.86 -27.54 -60.66
CA LYS E 200 30.65 -27.55 -59.42
C LYS E 200 29.95 -28.30 -58.31
N GLY E 201 29.19 -29.33 -58.53
CA GLY E 201 28.49 -30.03 -57.56
C GLY E 201 27.17 -30.68 -57.92
N VAL E 202 27.06 -31.88 -57.35
CA VAL E 202 25.83 -32.67 -57.51
C VAL E 202 25.36 -33.10 -56.11
N SER E 203 24.18 -32.70 -55.71
CA SER E 203 23.66 -33.04 -54.37
C SER E 203 22.53 -34.04 -54.46
N VAL E 204 22.65 -35.08 -53.67
CA VAL E 204 21.47 -35.96 -53.68
C VAL E 204 20.76 -35.81 -52.34
N GLY E 205 19.54 -35.36 -52.44
CA GLY E 205 18.84 -35.14 -51.19
C GLY E 205 19.52 -34.03 -50.37
N SER E 206 20.13 -34.39 -49.27
CA SER E 206 20.82 -33.67 -48.21
C SER E 206 22.31 -33.99 -48.19
N SER E 207 22.61 -35.23 -48.63
CA SER E 207 24.03 -35.56 -48.62
C SER E 207 24.32 -36.89 -49.28
N THR E 208 25.28 -36.78 -50.17
CA THR E 208 25.97 -37.71 -51.06
C THR E 208 26.46 -36.98 -52.33
N LEU E 209 26.96 -35.84 -52.05
CA LEU E 209 27.64 -34.67 -52.59
C LEU E 209 28.85 -35.08 -53.45
N LEU E 210 28.93 -34.83 -54.75
CA LEU E 210 29.99 -35.16 -55.73
C LEU E 210 30.38 -33.89 -56.49
N CYS E 211 31.41 -33.81 -57.29
CA CYS E 211 31.82 -32.73 -58.17
C CYS E 211 32.09 -31.44 -57.44
N GLU E 212 32.32 -31.40 -56.14
CA GLU E 212 32.63 -30.07 -55.55
C GLU E 212 33.89 -29.50 -56.19
N GLU E 213 34.77 -30.47 -56.52
CA GLU E 213 36.03 -30.18 -57.21
C GLU E 213 35.75 -29.69 -58.63
N GLY E 214 34.56 -29.85 -59.25
CA GLY E 214 34.33 -29.38 -60.64
C GLY E 214 34.22 -30.58 -61.55
N CYS E 215 33.17 -30.80 -62.27
CA CYS E 215 32.93 -31.93 -63.18
C CYS E 215 32.52 -31.42 -64.56
N GLU E 216 33.02 -31.99 -65.67
CA GLU E 216 32.63 -31.51 -67.02
C GLU E 216 31.33 -32.22 -67.42
N VAL E 217 30.52 -31.47 -68.08
CA VAL E 217 29.25 -32.09 -68.49
C VAL E 217 28.87 -31.59 -69.86
N VAL E 218 28.44 -32.48 -70.73
CA VAL E 218 28.02 -31.98 -72.06
C VAL E 218 26.49 -31.89 -72.05
N VAL E 219 25.82 -30.87 -72.48
CA VAL E 219 24.32 -30.77 -72.51
C VAL E 219 23.90 -31.37 -73.87
N ASP E 220 23.59 -32.63 -73.85
CA ASP E 220 23.34 -33.59 -74.93
C ASP E 220 21.88 -33.92 -75.14
N THR E 221 21.23 -33.37 -76.14
CA THR E 221 19.85 -33.56 -76.59
C THR E 221 19.66 -34.95 -77.16
N GLY E 222 20.72 -35.62 -77.62
CA GLY E 222 20.63 -36.96 -78.26
C GLY E 222 20.75 -38.10 -77.25
N SER E 223 20.90 -37.75 -75.96
CA SER E 223 20.97 -38.76 -74.88
C SER E 223 19.66 -38.78 -74.12
N SER E 224 19.06 -39.93 -73.99
CA SER E 224 17.77 -40.21 -73.33
C SER E 224 17.85 -39.85 -71.85
N PHE E 225 18.81 -40.25 -71.08
CA PHE E 225 19.03 -40.09 -69.65
C PHE E 225 20.19 -39.14 -69.38
N ILE E 226 20.27 -39.01 -68.09
CA ILE E 226 21.46 -38.28 -67.62
C ILE E 226 22.57 -39.34 -67.39
N SER E 227 23.82 -39.19 -67.76
CA SER E 227 24.81 -40.24 -67.42
C SER E 227 25.95 -39.62 -66.61
N ALA E 228 26.56 -40.49 -65.79
CA ALA E 228 27.72 -40.14 -64.96
C ALA E 228 28.81 -41.20 -65.13
N PRO E 229 30.08 -40.91 -64.86
CA PRO E 229 31.01 -42.05 -64.89
C PRO E 229 30.52 -43.14 -63.93
N THR E 230 30.73 -44.42 -64.07
CA THR E 230 30.25 -45.53 -63.27
C THR E 230 30.54 -45.34 -61.80
N SER E 231 31.71 -44.92 -61.42
CA SER E 231 32.07 -44.69 -60.01
C SER E 231 31.04 -43.74 -59.37
N SER E 232 30.74 -42.59 -59.97
CA SER E 232 29.78 -41.62 -59.43
C SER E 232 28.36 -42.15 -59.51
N LEU E 233 28.05 -42.73 -60.69
CA LEU E 233 26.72 -43.31 -60.80
C LEU E 233 26.46 -44.30 -59.67
N LYS E 234 27.29 -45.22 -59.27
CA LYS E 234 27.00 -46.08 -58.11
C LYS E 234 26.74 -45.27 -56.86
N LEU E 235 27.35 -44.20 -56.47
CA LEU E 235 27.16 -43.39 -55.25
C LEU E 235 25.75 -42.75 -55.28
N ILE E 236 25.33 -42.33 -56.43
CA ILE E 236 23.99 -41.74 -56.53
C ILE E 236 22.93 -42.81 -56.36
N MET E 237 22.98 -43.96 -56.95
CA MET E 237 21.98 -45.02 -56.83
C MET E 237 21.91 -45.55 -55.40
N GLN E 238 22.96 -45.57 -54.66
CA GLN E 238 23.00 -46.07 -53.25
C GLN E 238 22.21 -45.10 -52.37
N ALA E 239 22.49 -43.83 -52.64
CA ALA E 239 21.77 -42.73 -52.00
C ALA E 239 20.28 -42.81 -52.29
N LEU E 240 19.78 -43.34 -53.40
CA LEU E 240 18.37 -43.44 -53.79
C LEU E 240 17.76 -44.76 -53.32
N GLY E 241 18.54 -45.68 -52.83
CA GLY E 241 18.14 -47.02 -52.46
C GLY E 241 17.85 -47.74 -53.77
N ALA E 242 18.35 -47.37 -54.96
CA ALA E 242 17.98 -48.02 -56.21
C ALA E 242 18.66 -49.36 -56.38
N LYS E 243 18.11 -50.26 -57.19
CA LYS E 243 18.62 -51.61 -57.47
C LYS E 243 18.76 -51.84 -58.97
N GLU E 244 19.83 -52.54 -59.38
CA GLU E 244 20.02 -52.84 -60.82
C GLU E 244 19.03 -53.94 -61.21
N LYS E 245 17.92 -53.73 -61.93
CA LYS E 245 17.12 -54.98 -62.04
C LYS E 245 17.66 -55.83 -63.18
N ARG E 246 18.51 -55.12 -63.88
CA ARG E 246 19.13 -55.72 -65.08
C ARG E 246 20.50 -55.06 -65.32
N LEU E 247 21.54 -55.67 -65.87
CA LEU E 247 22.82 -54.98 -65.98
C LEU E 247 22.67 -53.55 -66.51
N HIS E 248 23.13 -52.58 -65.75
CA HIS E 248 23.22 -51.11 -65.97
C HIS E 248 21.86 -50.45 -65.84
N GLU E 249 20.77 -51.15 -65.62
CA GLU E 249 19.41 -50.58 -65.49
C GLU E 249 18.97 -50.60 -64.04
N TYR E 250 18.82 -49.40 -63.55
CA TYR E 250 18.46 -49.31 -62.11
C TYR E 250 17.00 -48.96 -61.95
N VAL E 251 16.43 -49.50 -60.87
CA VAL E 251 15.01 -49.21 -60.65
C VAL E 251 14.77 -48.98 -59.16
N VAL E 252 13.56 -48.46 -58.98
CA VAL E 252 13.16 -48.28 -57.56
C VAL E 252 11.75 -48.83 -57.38
N SER E 253 11.17 -49.09 -56.19
CA SER E 253 9.75 -49.46 -56.26
C SER E 253 8.91 -48.24 -56.63
N CYS E 254 8.00 -48.25 -57.58
CA CYS E 254 7.27 -47.02 -57.97
C CYS E 254 6.64 -46.35 -56.76
N SER E 255 6.41 -47.02 -55.67
CA SER E 255 5.84 -46.62 -54.39
C SER E 255 6.69 -45.63 -53.64
N GLN E 256 8.00 -45.62 -53.69
CA GLN E 256 8.95 -44.77 -52.97
C GLN E 256 9.10 -43.41 -53.60
N VAL E 257 8.59 -43.29 -54.86
CA VAL E 257 8.77 -42.05 -55.59
C VAL E 257 8.45 -40.82 -54.84
N PRO E 258 7.35 -40.77 -54.12
CA PRO E 258 7.05 -39.52 -53.43
C PRO E 258 8.04 -39.22 -52.34
N THR E 259 8.68 -40.27 -51.78
CA THR E 259 9.56 -39.80 -50.69
C THR E 259 11.01 -39.80 -51.13
N LEU E 260 11.36 -39.95 -52.40
CA LEU E 260 12.77 -39.99 -52.84
C LEU E 260 13.38 -38.59 -52.80
N PRO E 261 14.70 -38.35 -52.52
CA PRO E 261 15.13 -36.96 -52.54
C PRO E 261 15.30 -36.40 -53.92
N ASP E 262 15.49 -35.09 -53.80
CA ASP E 262 15.75 -34.24 -54.97
C ASP E 262 17.24 -34.40 -55.35
N ILE E 263 17.52 -34.18 -56.58
CA ILE E 263 18.93 -34.14 -57.02
C ILE E 263 19.22 -32.77 -57.62
N SER E 264 20.30 -32.16 -57.26
CA SER E 264 20.65 -30.82 -57.74
C SER E 264 22.00 -30.77 -58.42
N PHE E 265 22.18 -30.06 -59.53
CA PHE E 265 23.36 -29.77 -60.36
C PHE E 265 23.76 -28.30 -60.19
N ASN E 266 24.90 -28.02 -59.69
CA ASN E 266 25.22 -26.58 -59.59
C ASN E 266 25.88 -26.13 -60.88
N LEU E 267 25.14 -25.42 -61.67
CA LEU E 267 25.61 -24.90 -62.95
C LEU E 267 25.65 -23.36 -62.92
N GLY E 268 26.86 -22.87 -63.19
CA GLY E 268 27.12 -21.43 -63.23
C GLY E 268 26.57 -20.73 -61.97
N GLY E 269 26.94 -21.32 -60.84
CA GLY E 269 26.39 -20.72 -59.60
C GLY E 269 24.92 -21.00 -59.31
N ARG E 270 23.99 -21.33 -60.19
CA ARG E 270 22.62 -21.56 -59.71
C ARG E 270 22.42 -23.06 -59.50
N ALA E 271 21.50 -23.47 -58.68
CA ALA E 271 21.18 -24.89 -58.47
C ALA E 271 19.99 -25.27 -59.37
N TYR E 272 20.11 -26.29 -60.14
CA TYR E 272 19.15 -26.93 -61.08
C TYR E 272 18.68 -28.24 -60.47
N THR E 273 17.46 -28.13 -60.02
CA THR E 273 16.88 -29.20 -59.24
C THR E 273 15.84 -29.99 -59.99
N LEU E 274 16.07 -31.31 -59.80
CA LEU E 274 15.12 -32.29 -60.34
C LEU E 274 14.49 -33.06 -59.18
N SER E 275 13.20 -33.10 -59.15
CA SER E 275 12.60 -33.91 -58.08
C SER E 275 12.42 -35.34 -58.55
N SER E 276 12.16 -36.27 -57.68
CA SER E 276 11.91 -37.64 -58.10
C SER E 276 10.85 -37.74 -59.16
N THR E 277 9.90 -36.86 -59.32
CA THR E 277 8.96 -37.10 -60.43
C THR E 277 9.59 -36.68 -61.75
N ASP E 278 10.69 -35.92 -61.72
CA ASP E 278 11.44 -35.56 -62.95
C ASP E 278 12.42 -36.68 -63.32
N TYR E 279 13.06 -37.36 -62.38
CA TYR E 279 14.11 -38.34 -62.66
C TYR E 279 13.67 -39.75 -62.61
N VAL E 280 12.44 -40.05 -62.27
CA VAL E 280 11.93 -41.41 -62.27
C VAL E 280 10.92 -41.59 -63.40
N LEU E 281 11.07 -42.63 -64.21
CA LEU E 281 10.08 -42.81 -65.30
C LEU E 281 8.83 -43.52 -64.74
N GLN E 282 7.77 -42.84 -65.08
CA GLN E 282 6.34 -42.93 -64.83
C GLN E 282 6.05 -42.81 -63.34
N ARG E 287 6.74 -41.86 -62.80
CA ARG E 287 7.05 -41.14 -61.56
C ARG E 287 6.02 -41.42 -60.48
N ASP E 288 2.51 -49.89 -60.88
CA ASP E 288 3.26 -50.96 -61.56
C ASP E 288 4.28 -51.59 -60.64
N LYS E 289 4.90 -50.99 -59.60
CA LYS E 289 5.78 -51.94 -58.91
C LYS E 289 7.23 -51.55 -59.06
N LEU E 290 7.96 -51.89 -60.12
CA LEU E 290 9.34 -51.37 -60.22
C LEU E 290 9.37 -50.20 -61.23
N CYS E 291 9.89 -49.04 -61.03
CA CYS E 291 9.95 -47.84 -61.89
C CYS E 291 11.42 -47.52 -62.21
N THR E 292 11.83 -47.34 -63.45
CA THR E 292 13.15 -47.07 -64.01
C THR E 292 13.67 -45.70 -63.57
N VAL E 293 14.87 -45.67 -63.03
CA VAL E 293 15.52 -44.39 -62.72
C VAL E 293 16.12 -43.81 -63.99
N ALA E 294 15.88 -42.57 -64.47
CA ALA E 294 16.35 -42.06 -65.75
C ALA E 294 17.74 -41.49 -65.69
N LEU E 295 18.66 -42.24 -65.11
CA LEU E 295 20.11 -41.95 -64.96
C LEU E 295 20.89 -43.24 -65.24
N HIS E 296 22.05 -43.15 -65.85
CA HIS E 296 22.75 -44.42 -66.04
C HIS E 296 24.24 -44.17 -66.17
N ALA E 297 25.07 -45.20 -66.17
CA ALA E 297 26.53 -45.05 -66.18
C ALA E 297 27.05 -44.93 -67.59
N MET E 298 28.02 -44.09 -67.78
CA MET E 298 28.58 -44.17 -69.14
C MET E 298 30.03 -43.73 -69.14
N ASP E 299 30.98 -44.66 -69.28
CA ASP E 299 32.37 -44.16 -69.23
C ASP E 299 32.86 -43.92 -70.65
N ILE E 300 33.10 -42.73 -71.02
CA ILE E 300 33.55 -42.26 -72.34
C ILE E 300 35.07 -42.19 -72.37
N PRO E 301 35.67 -42.84 -73.37
CA PRO E 301 37.13 -42.87 -73.42
C PRO E 301 37.70 -41.48 -73.57
N PRO E 302 38.89 -41.29 -72.99
CA PRO E 302 39.63 -40.03 -73.20
C PRO E 302 40.09 -39.96 -74.66
N PRO E 303 40.33 -38.85 -75.29
CA PRO E 303 40.34 -37.48 -74.78
C PRO E 303 38.93 -36.95 -74.60
N THR E 304 37.88 -37.56 -75.08
CA THR E 304 36.53 -37.00 -74.89
C THR E 304 36.09 -37.16 -73.45
N GLY E 305 36.25 -38.25 -72.81
CA GLY E 305 35.91 -38.55 -71.48
C GLY E 305 37.03 -38.37 -70.49
N PRO E 306 36.71 -38.48 -69.24
CA PRO E 306 35.44 -38.73 -68.53
C PRO E 306 34.58 -37.45 -68.52
N VAL E 307 33.28 -37.66 -68.74
CA VAL E 307 32.32 -36.52 -68.74
C VAL E 307 30.98 -37.03 -68.23
N TRP E 308 30.29 -36.05 -67.69
CA TRP E 308 28.90 -36.41 -67.29
C TRP E 308 27.98 -35.97 -68.43
N VAL E 309 26.78 -36.37 -68.59
CA VAL E 309 25.95 -35.86 -69.69
C VAL E 309 24.53 -35.58 -69.19
N LEU E 310 24.05 -34.37 -69.49
CA LEU E 310 22.68 -33.92 -69.11
C LEU E 310 21.75 -34.22 -70.30
N GLY E 311 20.96 -35.29 -70.34
CA GLY E 311 20.13 -35.63 -71.50
C GLY E 311 18.67 -35.26 -71.35
N ALA E 312 17.74 -35.86 -72.07
CA ALA E 312 16.29 -35.58 -72.02
C ALA E 312 15.81 -35.57 -70.58
N THR E 313 16.26 -36.32 -69.68
CA THR E 313 15.78 -36.25 -68.31
C THR E 313 15.83 -34.83 -67.76
N PHE E 314 16.86 -34.05 -68.01
CA PHE E 314 17.16 -32.69 -67.57
C PHE E 314 16.48 -31.66 -68.45
N ILE E 315 16.55 -31.75 -69.75
CA ILE E 315 16.01 -30.83 -70.76
C ILE E 315 14.49 -30.80 -70.70
N ARG E 316 13.79 -31.85 -70.27
CA ARG E 316 12.32 -31.84 -70.07
C ARG E 316 11.94 -30.72 -69.11
N LYS E 317 12.72 -30.62 -68.06
CA LYS E 317 12.50 -29.61 -67.02
C LYS E 317 12.96 -28.25 -67.41
N PHE E 318 14.05 -28.07 -68.09
CA PHE E 318 14.65 -26.77 -68.46
C PHE E 318 14.79 -26.61 -69.95
N TYR E 319 14.00 -25.74 -70.51
CA TYR E 319 14.01 -25.31 -71.94
C TYR E 319 15.43 -24.81 -72.26
N THR E 320 16.19 -25.21 -73.25
CA THR E 320 17.63 -24.93 -73.40
C THR E 320 17.92 -24.20 -74.68
N GLU E 321 18.65 -23.08 -74.56
CA GLU E 321 19.03 -22.34 -75.78
C GLU E 321 20.55 -22.47 -76.00
N PHE E 322 21.00 -22.79 -77.22
CA PHE E 322 22.41 -23.02 -77.56
C PHE E 322 22.91 -21.88 -78.44
N ASP E 323 23.83 -21.13 -77.93
CA ASP E 323 24.27 -19.89 -78.59
C ASP E 323 25.68 -20.03 -79.14
N ARG E 324 25.68 -20.02 -80.47
CA ARG E 324 26.91 -20.15 -81.25
C ARG E 324 27.60 -18.78 -81.34
N HIS E 325 26.85 -17.69 -81.27
CA HIS E 325 27.39 -16.32 -81.27
C HIS E 325 28.18 -16.04 -80.01
N ASN E 326 27.59 -16.22 -78.84
CA ASN E 326 28.25 -15.96 -77.57
C ASN E 326 28.87 -17.19 -76.98
N ASN E 327 28.84 -18.36 -77.51
CA ASN E 327 29.47 -19.51 -76.86
C ASN E 327 29.05 -19.70 -75.43
N ARG E 328 27.73 -19.93 -75.27
CA ARG E 328 27.08 -20.20 -73.98
C ARG E 328 25.76 -20.95 -74.24
N ILE E 329 25.32 -21.46 -73.12
CA ILE E 329 24.03 -22.18 -73.04
C ILE E 329 23.09 -21.47 -72.08
N GLY E 330 21.82 -21.19 -72.40
CA GLY E 330 20.92 -20.50 -71.46
C GLY E 330 19.89 -21.61 -71.08
N PHE E 331 19.45 -21.56 -69.84
CA PHE E 331 18.40 -22.45 -69.31
C PHE E 331 17.21 -21.63 -68.85
N ALA E 332 16.00 -21.95 -69.10
CA ALA E 332 14.78 -21.30 -68.59
C ALA E 332 13.79 -22.37 -68.15
N LEU E 333 12.75 -22.24 -67.37
CA LEU E 333 11.86 -23.36 -67.02
C LEU E 333 10.96 -23.70 -68.22
N ALA E 334 10.86 -24.93 -68.57
CA ALA E 334 10.01 -25.24 -69.74
C ALA E 334 8.56 -25.34 -69.22
N ARG E 335 7.70 -25.07 -70.06
CA ARG E 335 6.22 -25.01 -69.85
C ARG E 335 5.54 -25.30 -71.17
N HIS F 2 14.53 -48.05 -73.22
CA HIS F 2 15.94 -48.27 -73.63
C HIS F 2 16.62 -46.93 -73.90
N PRO F 3 17.62 -46.57 -73.08
CA PRO F 3 18.17 -45.23 -73.36
C PRO F 3 19.16 -45.27 -74.52
N PHE F 4 19.15 -44.19 -75.24
CA PHE F 4 20.06 -43.89 -76.34
C PHE F 4 21.11 -42.90 -75.88
N HIS F 5 22.36 -43.32 -76.05
CA HIS F 5 23.47 -42.42 -75.65
C HIS F 5 24.19 -41.96 -76.89
N TYR F 7 29.09 -38.32 -79.10
CA TYR F 7 30.21 -38.61 -80.01
C TYR F 7 31.53 -38.58 -79.25
N TYR F 8 32.38 -39.57 -79.43
CA TYR F 8 33.73 -39.59 -78.87
C TYR F 8 34.74 -39.91 -79.94
N SER F 9 35.90 -39.35 -79.90
CA SER F 9 36.95 -39.53 -80.91
C SER F 9 37.76 -40.79 -80.61
N THR G 1 12.63 -49.76 66.91
CA THR G 1 14.03 -49.77 66.46
C THR G 1 14.13 -50.09 64.97
N ASP G 2 14.55 -49.17 64.12
CA ASP G 2 14.75 -49.36 62.67
C ASP G 2 13.72 -50.29 62.06
N LEU G 3 12.60 -49.80 62.34
CA LEU G 3 11.31 -50.37 61.95
C LEU G 3 10.92 -49.88 60.55
N ILE G 4 10.39 -50.76 59.81
CA ILE G 4 9.72 -50.65 58.51
C ILE G 4 8.41 -51.42 58.54
N SER G 5 7.32 -50.73 58.72
CA SER G 5 5.94 -51.19 58.94
C SER G 5 5.04 -50.92 57.76
N PRO G 6 4.51 -51.93 57.05
CA PRO G 6 3.55 -51.63 55.98
C PRO G 6 2.12 -51.78 56.51
N VAL G 7 1.20 -51.08 56.01
CA VAL G 7 -0.27 -51.11 56.24
C VAL G 7 -0.93 -51.50 54.93
N VAL G 8 -1.52 -52.64 54.97
CA VAL G 8 -2.10 -53.12 53.70
C VAL G 8 -3.37 -52.36 53.37
N LEU G 9 -3.56 -51.98 52.11
CA LEU G 9 -4.71 -51.24 51.59
C LEU G 9 -5.66 -52.16 50.82
N THR G 10 -6.87 -51.69 50.74
CA THR G 10 -7.97 -52.29 49.95
C THR G 10 -8.24 -51.34 48.77
N ASN G 11 -8.26 -51.83 47.63
CA ASN G 11 -8.55 -51.10 46.40
C ASN G 11 -10.04 -51.17 46.10
N TYR G 12 -10.78 -50.06 46.25
CA TYR G 12 -12.22 -50.17 45.90
C TYR G 12 -12.41 -49.39 44.59
N LEU G 13 -12.72 -50.01 43.49
CA LEU G 13 -12.98 -49.62 42.10
C LEU G 13 -11.85 -48.74 41.54
N ASN G 14 -10.64 -48.93 42.01
CA ASN G 14 -9.56 -48.09 41.50
C ASN G 14 -9.81 -46.64 41.88
N SER G 15 -10.66 -46.45 42.86
CA SER G 15 -10.90 -45.02 43.15
C SER G 15 -10.75 -44.73 44.62
N GLN G 16 -10.80 -45.68 45.54
CA GLN G 16 -10.65 -45.49 46.99
C GLN G 16 -9.73 -46.58 47.54
N TYR G 17 -8.67 -46.18 48.15
CA TYR G 17 -7.65 -47.08 48.75
C TYR G 17 -7.56 -46.80 50.23
N TYR G 18 -7.90 -47.75 51.01
CA TYR G 18 -7.92 -47.43 52.44
C TYR G 18 -7.39 -48.57 53.27
N GLY G 19 -6.96 -48.38 54.47
CA GLY G 19 -6.44 -49.47 55.31
C GLY G 19 -7.03 -49.32 56.68
N GLU G 20 -6.79 -50.16 57.65
CA GLU G 20 -7.38 -49.99 58.96
C GLU G 20 -6.44 -49.40 59.99
N ILE G 21 -7.05 -48.69 60.99
CA ILE G 21 -6.44 -48.15 62.18
C ILE G 21 -7.28 -48.44 63.42
N GLY G 22 -6.58 -48.38 64.59
CA GLY G 22 -7.47 -48.65 65.79
C GLY G 22 -7.39 -47.35 66.66
N ILE G 23 -8.50 -47.00 67.25
CA ILE G 23 -8.63 -45.87 68.18
C ILE G 23 -9.30 -46.33 69.47
N GLY G 24 -8.57 -46.02 70.54
CA GLY G 24 -8.92 -46.26 71.93
C GLY G 24 -8.51 -47.55 72.57
N THR G 25 -8.99 -47.68 73.77
CA THR G 25 -8.82 -48.85 74.63
C THR G 25 -10.15 -49.44 75.07
N PRO G 26 -10.51 -50.65 74.62
CA PRO G 26 -9.73 -51.41 73.63
C PRO G 26 -9.93 -50.78 72.25
N PRO G 27 -9.27 -51.14 71.19
CA PRO G 27 -9.42 -50.37 69.97
C PRO G 27 -10.70 -50.58 69.25
N GLN G 28 -11.12 -49.40 68.78
CA GLN G 28 -12.28 -49.38 67.86
C GLN G 28 -11.72 -49.32 66.43
N THR G 29 -12.06 -50.09 65.43
CA THR G 29 -11.40 -50.11 64.12
C THR G 29 -12.16 -49.26 63.10
N PHE G 30 -11.33 -48.54 62.30
CA PHE G 30 -11.85 -47.66 61.24
C PHE G 30 -11.10 -47.90 59.94
N LYS G 31 -11.75 -47.72 58.86
CA LYS G 31 -11.06 -47.70 57.56
C LYS G 31 -10.68 -46.25 57.21
N VAL G 32 -9.46 -45.97 56.89
CA VAL G 32 -9.10 -44.58 56.52
C VAL G 32 -8.30 -44.56 55.23
N ILE G 33 -8.54 -43.47 54.53
CA ILE G 33 -7.75 -43.10 53.36
C ILE G 33 -6.41 -42.49 53.83
N PHE G 34 -5.20 -42.80 53.49
CA PHE G 34 -3.97 -42.09 53.95
C PHE G 34 -3.73 -40.94 52.95
N ASP G 35 -3.96 -39.75 53.35
CA ASP G 35 -4.08 -38.57 52.52
C ASP G 35 -2.83 -37.74 52.45
N THR G 36 -1.98 -37.69 51.49
CA THR G 36 -0.86 -36.76 51.66
C THR G 36 -1.30 -35.34 51.29
N GLY G 37 -2.54 -35.11 50.88
CA GLY G 37 -3.09 -33.75 50.52
C GLY G 37 -3.60 -33.10 51.85
N SER G 38 -3.54 -33.63 53.04
CA SER G 38 -4.07 -33.00 54.25
C SER G 38 -3.30 -33.41 55.48
N ALA G 39 -3.50 -32.99 56.73
CA ALA G 39 -2.64 -33.33 57.87
C ALA G 39 -3.42 -33.60 59.12
N ASN G 40 -4.77 -33.78 59.05
CA ASN G 40 -5.55 -34.11 60.23
C ASN G 40 -6.09 -35.54 60.12
N LEU G 41 -6.36 -36.13 61.18
CA LEU G 41 -7.01 -37.43 61.30
C LEU G 41 -8.46 -37.21 61.70
N TRP G 42 -9.49 -37.75 61.18
CA TRP G 42 -10.85 -37.65 61.72
C TRP G 42 -11.58 -38.98 61.43
N VAL G 43 -12.58 -39.26 62.21
CA VAL G 43 -13.52 -40.37 62.00
C VAL G 43 -14.94 -39.90 62.28
N PRO G 44 -15.97 -40.60 61.75
CA PRO G 44 -17.30 -40.14 62.17
C PRO G 44 -17.55 -40.54 63.62
N SER G 45 -18.40 -39.72 64.25
CA SER G 45 -18.71 -39.93 65.67
C SER G 45 -20.18 -40.36 65.79
N THR G 46 -20.38 -40.99 66.87
CA THR G 46 -21.61 -41.52 67.42
C THR G 46 -22.58 -40.32 67.67
N LYS G 47 -21.97 -39.12 67.92
CA LYS G 47 -22.70 -37.83 68.16
C LYS G 47 -23.20 -37.29 66.81
N CYS G 48 -22.81 -37.90 65.69
CA CYS G 48 -23.26 -37.48 64.35
C CYS G 48 -24.78 -37.47 64.29
N SER G 49 -25.50 -36.44 63.89
CA SER G 49 -26.95 -36.39 63.87
C SER G 49 -27.55 -37.11 62.68
N ARG G 50 -28.84 -37.48 62.86
CA ARG G 50 -29.69 -38.20 61.92
C ARG G 50 -29.87 -37.45 60.62
N LEU G 51 -29.50 -36.14 60.58
CA LEU G 51 -29.60 -35.45 59.28
C LEU G 51 -28.44 -35.92 58.37
N TYR G 52 -27.39 -36.58 58.90
CA TYR G 52 -26.28 -37.00 58.02
C TYR G 52 -26.33 -38.50 57.83
N LEU G 53 -27.06 -38.79 56.80
CA LEU G 53 -27.27 -40.12 56.21
C LEU G 53 -25.94 -40.85 56.05
N ALA G 54 -24.86 -40.21 55.56
CA ALA G 54 -23.53 -40.81 55.42
C ALA G 54 -23.11 -41.42 56.76
N CYS G 55 -23.48 -40.98 57.94
CA CYS G 55 -23.12 -41.64 59.21
C CYS G 55 -23.83 -42.96 59.39
N GLY G 56 -24.85 -43.31 58.61
CA GLY G 56 -25.44 -44.57 58.93
C GLY G 56 -24.89 -45.78 58.20
N ILE G 57 -23.90 -45.47 57.48
CA ILE G 57 -23.27 -46.33 56.54
C ILE G 57 -21.81 -46.61 56.96
N HIS G 58 -21.34 -45.92 58.00
CA HIS G 58 -19.93 -46.06 58.44
C HIS G 58 -19.79 -46.45 59.89
N SER G 59 -18.58 -46.81 60.31
CA SER G 59 -18.33 -47.14 61.73
C SER G 59 -18.20 -45.82 62.51
N LEU G 60 -18.69 -45.77 63.69
CA LEU G 60 -18.77 -44.53 64.51
C LEU G 60 -18.06 -44.76 65.84
N TYR G 61 -17.21 -43.75 66.07
CA TYR G 61 -16.39 -43.75 67.27
C TYR G 61 -17.20 -43.43 68.50
N GLU G 62 -17.13 -44.16 69.55
CA GLU G 62 -17.83 -43.96 70.85
C GLU G 62 -16.84 -43.70 71.94
N SER G 63 -16.58 -42.41 72.34
CA SER G 63 -15.57 -42.09 73.36
C SER G 63 -15.93 -42.71 74.69
N SER G 64 -17.15 -43.10 74.96
CA SER G 64 -17.74 -43.73 76.18
C SER G 64 -17.17 -45.13 76.38
N ASP G 65 -16.70 -45.77 75.34
CA ASP G 65 -16.17 -47.17 75.36
C ASP G 65 -14.66 -47.15 75.40
N SER G 66 -14.01 -46.03 75.44
CA SER G 66 -12.54 -46.00 75.46
C SER G 66 -12.02 -45.45 76.76
N SER G 67 -11.27 -46.20 77.50
CA SER G 67 -10.72 -45.79 78.79
C SER G 67 -9.58 -44.80 78.62
N SER G 68 -8.99 -44.66 77.40
CA SER G 68 -7.89 -43.71 77.19
C SER G 68 -8.41 -42.41 76.58
N TYR G 69 -9.69 -42.32 76.28
CA TYR G 69 -10.27 -41.09 75.71
C TYR G 69 -10.03 -39.92 76.65
N MET G 70 -9.66 -38.79 76.10
CA MET G 70 -9.51 -37.50 76.83
C MET G 70 -10.33 -36.43 76.12
N GLU G 71 -11.21 -35.78 76.83
CA GLU G 71 -12.08 -34.76 76.21
C GLU G 71 -11.28 -33.57 75.74
N ASN G 72 -11.68 -32.90 74.69
CA ASN G 72 -11.08 -31.64 74.21
C ASN G 72 -12.23 -30.70 73.80
N GLY G 73 -13.10 -30.99 72.81
CA GLY G 73 -14.30 -30.20 72.51
C GLY G 73 -14.11 -28.98 71.65
N ASP G 74 -12.92 -28.53 71.32
CA ASP G 74 -12.81 -27.38 70.40
C ASP G 74 -13.39 -27.76 69.04
N ASP G 75 -13.76 -26.78 68.29
CA ASP G 75 -14.28 -26.90 66.91
C ASP G 75 -13.27 -27.61 66.01
N PHE G 76 -13.79 -28.44 65.10
CA PHE G 76 -12.95 -29.02 64.01
C PHE G 76 -13.67 -28.75 62.69
N THR G 77 -13.33 -27.90 61.82
CA THR G 77 -13.86 -27.55 60.50
C THR G 77 -12.74 -27.69 59.46
N ILE G 78 -13.00 -28.57 58.48
CA ILE G 78 -11.86 -28.68 57.53
C ILE G 78 -12.39 -28.68 56.12
N HIS G 79 -11.71 -28.10 55.15
CA HIS G 79 -12.22 -28.07 53.77
C HIS G 79 -11.22 -28.82 52.86
N TYR G 80 -11.85 -29.62 52.03
CA TYR G 80 -11.20 -30.45 50.98
C TYR G 80 -11.77 -30.06 49.61
N GLY G 81 -11.13 -30.38 48.52
CA GLY G 81 -11.69 -30.13 47.20
C GLY G 81 -13.09 -30.73 47.20
N SER G 82 -13.50 -31.86 47.79
CA SER G 82 -14.81 -32.54 47.80
C SER G 82 -15.76 -31.92 48.81
N GLY G 83 -15.31 -31.03 49.71
CA GLY G 83 -16.55 -30.62 50.52
C GLY G 83 -16.01 -30.38 51.91
N ARG G 84 -16.88 -29.85 52.72
CA ARG G 84 -16.48 -29.46 54.08
C ARG G 84 -17.00 -30.46 55.08
N VAL G 85 -16.17 -30.81 56.04
CA VAL G 85 -16.50 -31.75 57.14
C VAL G 85 -16.33 -31.05 58.46
N LYS G 86 -17.12 -31.27 59.43
CA LYS G 86 -17.07 -30.59 60.73
C LYS G 86 -17.38 -31.52 61.88
N GLY G 87 -16.87 -31.18 63.03
CA GLY G 87 -17.11 -31.95 64.29
C GLY G 87 -16.41 -31.22 65.40
N PHE G 88 -15.74 -31.92 66.27
CA PHE G 88 -15.03 -31.33 67.42
C PHE G 88 -13.80 -32.15 67.76
N LEU G 89 -12.80 -31.59 68.40
CA LEU G 89 -11.61 -32.39 68.70
C LEU G 89 -11.77 -33.18 70.00
N SER G 90 -11.18 -34.38 69.92
CA SER G 90 -11.12 -35.38 70.98
C SER G 90 -9.72 -35.94 71.11
N GLN G 91 -9.25 -36.58 72.18
CA GLN G 91 -7.88 -37.12 72.10
C GLN G 91 -7.90 -38.59 72.54
N ASP G 92 -7.11 -39.45 71.92
CA ASP G 92 -7.06 -40.88 72.30
C ASP G 92 -5.81 -41.53 71.71
N SER G 93 -5.56 -42.74 72.08
CA SER G 93 -4.43 -43.53 71.54
C SER G 93 -4.83 -44.05 70.14
N VAL G 94 -4.03 -43.94 69.22
CA VAL G 94 -4.24 -44.38 67.84
C VAL G 94 -3.13 -45.34 67.42
N THR G 95 -3.44 -46.54 66.95
CA THR G 95 -2.43 -47.51 66.48
C THR G 95 -2.51 -47.66 64.98
N VAL G 96 -1.37 -47.48 64.34
CA VAL G 96 -1.26 -47.68 62.91
C VAL G 96 0.04 -48.39 62.56
N GLY G 97 -0.03 -49.49 61.85
CA GLY G 97 1.19 -50.25 61.46
C GLY G 97 1.76 -50.78 62.81
N GLY G 98 0.96 -51.04 63.81
CA GLY G 98 1.50 -51.53 65.05
C GLY G 98 2.21 -50.56 65.93
N ILE G 99 2.22 -49.31 65.61
CA ILE G 99 2.77 -48.14 66.32
C ILE G 99 1.62 -47.30 66.88
N THR G 100 1.66 -47.08 68.17
CA THR G 100 0.70 -46.39 69.02
C THR G 100 1.17 -44.99 69.40
N VAL G 101 0.33 -44.01 69.11
CA VAL G 101 0.53 -42.59 69.40
C VAL G 101 -0.72 -42.03 70.11
N THR G 102 -0.52 -41.08 70.91
CA THR G 102 -1.56 -40.29 71.62
C THR G 102 -1.90 -39.13 70.66
N GLN G 103 -3.08 -39.23 70.14
CA GLN G 103 -3.36 -38.28 69.04
C GLN G 103 -4.63 -37.51 69.29
N THR G 104 -4.66 -36.25 68.87
CA THR G 104 -5.88 -35.39 68.82
C THR G 104 -6.41 -35.40 67.38
N PHE G 105 -7.64 -35.78 67.18
CA PHE G 105 -8.35 -36.05 65.94
C PHE G 105 -9.77 -35.51 65.95
N GLY G 106 -10.40 -35.26 64.76
CA GLY G 106 -11.74 -34.88 64.93
C GLY G 106 -12.76 -36.00 64.92
N GLU G 107 -13.74 -35.91 65.77
CA GLU G 107 -15.01 -36.68 65.85
C GLU G 107 -16.03 -35.93 64.97
N VAL G 108 -16.26 -36.29 63.76
CA VAL G 108 -17.13 -35.63 62.77
C VAL G 108 -18.58 -35.93 63.01
N THR G 109 -19.39 -34.84 63.08
CA THR G 109 -20.84 -34.84 63.36
C THR G 109 -21.62 -34.34 62.16
N GLN G 110 -20.92 -33.73 61.20
CA GLN G 110 -21.40 -33.15 59.94
C GLN G 110 -20.55 -33.59 58.77
N LEU G 111 -21.13 -34.55 58.06
CA LEU G 111 -20.65 -35.37 56.95
C LEU G 111 -21.68 -35.41 55.82
N PRO G 112 -21.47 -34.53 54.85
CA PRO G 112 -22.29 -34.32 53.68
C PRO G 112 -22.53 -35.59 52.89
N LEU G 113 -23.78 -35.78 52.44
CA LEU G 113 -24.31 -36.90 51.65
C LEU G 113 -23.45 -37.13 50.42
N ILE G 114 -23.16 -36.06 49.68
CA ILE G 114 -22.28 -36.16 48.48
C ILE G 114 -20.89 -35.63 48.84
N PRO G 115 -19.77 -36.31 48.83
CA PRO G 115 -19.64 -37.68 48.29
C PRO G 115 -19.62 -38.70 49.40
N PHE G 116 -19.68 -38.37 50.66
CA PHE G 116 -19.53 -39.30 51.73
C PHE G 116 -20.47 -40.43 51.80
N MET G 117 -21.67 -40.40 51.23
CA MET G 117 -22.49 -41.65 51.28
C MET G 117 -21.86 -42.68 50.35
N LEU G 118 -21.05 -42.39 49.39
CA LEU G 118 -20.36 -43.20 48.38
C LEU G 118 -19.00 -43.68 48.89
N ALA G 119 -18.60 -43.21 50.06
CA ALA G 119 -17.32 -43.58 50.63
C ALA G 119 -17.35 -44.96 51.25
N GLN G 120 -16.32 -45.81 50.99
CA GLN G 120 -16.20 -47.14 51.60
C GLN G 120 -15.36 -47.05 52.87
N PHE G 121 -14.60 -45.97 52.92
CA PHE G 121 -13.74 -45.62 54.05
C PHE G 121 -14.57 -44.87 55.11
N ASP G 122 -14.26 -44.90 56.35
CA ASP G 122 -14.93 -44.20 57.45
C ASP G 122 -14.43 -42.77 57.55
N GLY G 123 -13.14 -42.67 57.51
CA GLY G 123 -12.41 -41.41 57.68
C GLY G 123 -11.10 -41.18 57.02
N VAL G 124 -10.33 -40.21 57.33
CA VAL G 124 -9.08 -39.76 56.72
C VAL G 124 -8.00 -39.54 57.76
N LEU G 125 -6.84 -40.07 57.36
CA LEU G 125 -5.58 -39.89 58.11
C LEU G 125 -4.67 -38.97 57.33
N GLY G 126 -4.58 -37.67 57.54
CA GLY G 126 -3.75 -36.91 56.63
C GLY G 126 -2.31 -37.15 56.90
N MET G 127 -1.53 -37.26 55.81
CA MET G 127 -0.08 -37.55 55.87
C MET G 127 0.72 -36.33 55.45
N GLY G 128 0.14 -35.12 55.57
CA GLY G 128 0.77 -33.84 55.17
C GLY G 128 1.69 -33.23 56.27
N PHE G 129 1.87 -31.93 56.22
CA PHE G 129 2.79 -31.23 57.15
C PHE G 129 2.01 -30.55 58.24
N PRO G 130 2.61 -30.35 59.37
CA PRO G 130 1.99 -29.70 60.54
C PRO G 130 1.40 -28.35 60.14
N ALA G 131 1.97 -27.59 59.23
CA ALA G 131 1.45 -26.28 58.79
C ALA G 131 0.09 -26.45 58.15
N GLN G 132 -0.22 -27.64 57.70
CA GLN G 132 -1.57 -27.78 57.11
C GLN G 132 -2.56 -28.25 58.17
N ALA G 133 -2.24 -28.58 59.36
CA ALA G 133 -3.20 -29.16 60.29
C ALA G 133 -4.15 -28.11 60.83
N VAL G 134 -5.47 -28.28 60.72
CA VAL G 134 -6.47 -27.37 61.33
C VAL G 134 -6.30 -27.48 62.86
N GLY G 135 -6.43 -26.38 63.54
CA GLY G 135 -6.31 -26.36 65.05
C GLY G 135 -4.82 -26.47 65.42
N GLY G 136 -3.90 -26.46 64.49
CA GLY G 136 -2.44 -26.62 64.84
C GLY G 136 -2.16 -27.91 65.60
N VAL G 137 -2.95 -28.98 65.37
CA VAL G 137 -2.72 -30.24 66.10
C VAL G 137 -1.67 -31.08 65.38
N THR G 138 -0.71 -31.66 66.01
CA THR G 138 0.39 -32.50 65.49
C THR G 138 -0.17 -33.67 64.71
N PRO G 139 0.29 -33.84 63.44
CA PRO G 139 -0.20 -34.96 62.65
C PRO G 139 0.36 -36.27 63.17
N VAL G 140 -0.32 -37.32 62.89
CA VAL G 140 0.04 -38.68 63.29
C VAL G 140 1.47 -39.01 62.90
N PHE G 141 1.90 -38.86 61.64
CA PHE G 141 3.26 -39.21 61.20
C PHE G 141 4.29 -38.41 61.99
N ASP G 142 4.05 -37.14 62.34
CA ASP G 142 4.96 -36.33 63.14
C ASP G 142 5.10 -36.89 64.53
N HIS G 143 4.04 -37.48 65.06
CA HIS G 143 4.23 -38.12 66.38
C HIS G 143 5.07 -39.39 66.20
N ILE G 144 4.87 -40.13 65.12
CA ILE G 144 5.70 -41.34 64.96
C ILE G 144 7.16 -40.97 64.76
N LEU G 145 7.42 -39.92 64.01
CA LEU G 145 8.78 -39.40 63.77
C LEU G 145 9.44 -39.07 65.12
N SER G 146 8.64 -38.57 66.06
CA SER G 146 9.09 -38.27 67.42
C SER G 146 9.48 -39.53 68.17
N GLN G 147 8.91 -40.71 68.13
CA GLN G 147 9.45 -41.76 68.99
C GLN G 147 10.70 -42.36 68.40
N GLY G 148 11.12 -41.81 67.30
CA GLY G 148 12.33 -42.29 66.55
C GLY G 148 12.22 -43.77 66.27
N VAL G 149 11.14 -44.36 65.73
CA VAL G 149 11.38 -45.81 65.67
C VAL G 149 11.62 -46.28 64.25
N LEU G 150 11.26 -45.52 63.30
CA LEU G 150 11.33 -45.81 61.86
C LEU G 150 12.79 -45.87 61.41
N LYS G 151 13.00 -46.78 60.47
CA LYS G 151 14.41 -46.86 60.01
C LYS G 151 14.81 -45.58 59.33
N GLU G 152 13.93 -44.96 58.54
CA GLU G 152 14.16 -43.65 57.88
C GLU G 152 12.91 -42.78 58.09
N LYS G 153 13.00 -41.48 57.94
CA LYS G 153 11.88 -40.54 58.10
C LYS G 153 11.17 -40.37 56.75
N VAL G 154 10.78 -41.55 56.33
CA VAL G 154 10.07 -41.55 55.05
C VAL G 154 8.91 -42.54 55.13
N PHE G 155 7.98 -42.37 54.25
CA PHE G 155 6.85 -43.25 54.08
C PHE G 155 6.60 -43.56 52.62
N SER G 156 6.11 -44.70 52.10
CA SER G 156 5.90 -44.80 50.65
C SER G 156 4.56 -45.45 50.39
N VAL G 157 4.12 -45.24 49.18
CA VAL G 157 2.79 -45.70 48.80
C VAL G 157 2.81 -46.42 47.46
N TYR G 158 2.18 -47.57 47.61
CA TYR G 158 1.91 -48.46 46.48
C TYR G 158 0.40 -48.69 46.37
N TYR G 159 -0.11 -48.32 45.20
CA TYR G 159 -1.51 -48.52 44.82
C TYR G 159 -1.57 -49.60 43.72
N ASN G 160 -2.23 -50.68 43.78
CA ASN G 160 -2.36 -51.68 42.70
C ASN G 160 -3.53 -51.32 41.79
N ARG G 161 -3.68 -51.99 40.63
CA ARG G 161 -4.77 -51.83 39.64
C ARG G 161 -5.82 -52.92 39.89
N GLY G 162 -7.04 -52.56 39.73
CA GLY G 162 -8.20 -53.37 39.96
C GLY G 162 -8.06 -54.30 41.21
N PRO G 163 -9.01 -55.23 41.01
CA PRO G 163 -9.37 -56.40 41.82
C PRO G 163 -8.11 -57.15 42.25
N HIS G 164 -8.07 -57.83 43.35
CA HIS G 164 -6.85 -58.50 43.83
C HIS G 164 -6.61 -58.01 45.19
N LEU G 165 -7.15 -58.54 46.25
CA LEU G 165 -6.87 -57.66 47.31
C LEU G 165 -5.64 -57.94 48.07
N LEU G 166 -4.99 -57.06 47.38
CA LEU G 166 -3.76 -56.37 47.47
C LEU G 166 -4.04 -55.19 46.59
N GLY G 167 -4.85 -54.35 47.29
CA GLY G 167 -5.25 -53.14 46.65
C GLY G 167 -3.96 -52.20 46.76
N GLY G 168 -3.10 -52.45 47.68
CA GLY G 168 -1.88 -51.63 47.75
C GLY G 168 -1.32 -51.68 49.12
N GLU G 169 -0.35 -50.82 49.41
CA GLU G 169 0.18 -50.79 50.78
C GLU G 169 0.82 -49.46 51.09
N VAL G 170 0.76 -49.00 52.34
CA VAL G 170 1.49 -47.80 52.82
C VAL G 170 2.67 -48.32 53.66
N VAL G 171 3.91 -47.95 53.35
CA VAL G 171 5.07 -48.45 54.10
C VAL G 171 5.71 -47.35 54.91
N LEU G 172 5.72 -47.48 56.24
CA LEU G 172 6.24 -46.45 57.16
C LEU G 172 7.73 -46.73 57.45
N GLY G 173 8.66 -45.87 57.15
CA GLY G 173 10.10 -46.10 57.43
C GLY G 173 10.89 -46.42 56.20
N GLY G 174 10.32 -46.65 55.05
CA GLY G 174 11.07 -46.95 53.82
C GLY G 174 10.14 -47.26 52.65
N SER G 175 10.73 -47.90 51.67
CA SER G 175 10.24 -48.45 50.42
C SER G 175 10.40 -49.96 50.36
N ASP G 176 9.47 -50.61 49.80
CA ASP G 176 9.31 -52.06 49.59
C ASP G 176 9.69 -52.41 48.15
N PRO G 177 10.91 -52.90 47.87
CA PRO G 177 11.57 -53.30 46.62
C PRO G 177 10.75 -54.31 45.84
N GLN G 178 9.88 -55.01 46.51
CA GLN G 178 8.97 -55.94 45.85
C GLN G 178 7.90 -55.17 45.07
N HIS G 179 7.73 -53.88 45.28
CA HIS G 179 6.63 -53.22 44.58
C HIS G 179 7.06 -52.10 43.68
N TYR G 180 8.27 -51.95 43.35
CA TYR G 180 8.87 -51.04 42.39
C TYR G 180 10.07 -51.71 41.70
N GLN G 181 10.34 -51.27 40.53
CA GLN G 181 11.45 -51.80 39.74
C GLN G 181 12.35 -50.71 39.24
N GLY G 182 13.65 -50.86 39.12
CA GLY G 182 14.44 -49.72 38.61
C GLY G 182 14.89 -48.90 39.88
N ASP G 183 15.29 -47.65 39.62
CA ASP G 183 15.82 -46.71 40.63
C ASP G 183 14.78 -45.62 40.95
N PHE G 184 14.93 -44.98 42.06
CA PHE G 184 14.03 -43.83 42.31
C PHE G 184 14.57 -42.60 41.61
N HIS G 185 13.77 -41.72 41.14
CA HIS G 185 14.12 -40.40 40.61
C HIS G 185 13.50 -39.35 41.56
N TYR G 186 14.31 -38.60 42.27
CA TYR G 186 13.91 -37.63 43.28
C TYR G 186 13.74 -36.24 42.71
N VAL G 187 12.69 -35.62 43.25
CA VAL G 187 12.31 -34.24 42.88
C VAL G 187 12.13 -33.44 44.18
N SER G 188 12.73 -32.29 44.31
CA SER G 188 12.66 -31.40 45.48
C SER G 188 11.30 -30.73 45.59
N LEU G 189 10.74 -30.60 46.79
CA LEU G 189 9.48 -29.86 47.06
C LEU G 189 9.68 -28.38 46.65
N SER G 190 8.72 -27.84 45.95
CA SER G 190 8.75 -26.41 45.58
C SER G 190 8.18 -25.55 46.71
N LYS G 191 7.74 -26.12 47.77
CA LYS G 191 7.08 -25.42 48.90
C LYS G 191 7.22 -26.28 50.13
N THR G 192 7.82 -25.96 51.24
CA THR G 192 8.19 -26.77 52.38
C THR G 192 7.05 -27.20 53.25
N ASP G 193 5.82 -26.79 53.14
CA ASP G 193 4.74 -27.29 54.01
C ASP G 193 3.68 -27.99 53.20
N SER G 194 4.12 -28.61 52.13
CA SER G 194 3.15 -29.38 51.31
C SER G 194 3.91 -30.35 50.40
N TRP G 195 3.36 -31.55 50.06
CA TRP G 195 3.98 -32.51 49.10
C TRP G 195 3.67 -32.02 47.69
N GLN G 196 4.30 -30.88 47.48
CA GLN G 196 4.16 -30.03 46.31
C GLN G 196 5.47 -29.84 45.58
N ILE G 197 5.38 -29.96 44.25
CA ILE G 197 6.59 -29.82 43.39
C ILE G 197 6.21 -29.04 42.14
N THR G 198 7.14 -28.61 41.32
CA THR G 198 6.81 -27.81 40.12
C THR G 198 6.97 -28.67 38.88
N MET G 199 5.94 -28.63 38.09
CA MET G 199 5.82 -29.36 36.82
C MET G 199 6.10 -28.42 35.66
N LYS G 200 7.06 -28.69 34.78
CA LYS G 200 7.36 -27.74 33.71
C LYS G 200 6.73 -28.15 32.39
N GLY G 201 5.59 -28.76 32.32
CA GLY G 201 4.99 -29.20 31.15
C GLY G 201 4.13 -30.45 31.17
N VAL G 202 3.05 -30.29 30.42
CA VAL G 202 2.10 -31.41 30.24
C VAL G 202 1.85 -31.58 28.74
N SER G 203 2.18 -32.74 28.21
CA SER G 203 2.02 -32.99 26.77
C SER G 203 0.89 -33.95 26.49
N VAL G 204 0.03 -33.57 25.59
CA VAL G 204 -0.98 -34.59 25.27
C VAL G 204 -0.70 -35.10 23.87
N GLY G 205 -0.42 -36.37 23.81
CA GLY G 205 -0.08 -36.91 22.51
C GLY G 205 1.23 -36.28 22.00
N SER G 206 1.14 -35.46 20.97
CA SER G 206 2.10 -34.73 20.17
C SER G 206 1.97 -33.22 20.36
N SER G 207 0.73 -32.82 20.66
CA SER G 207 0.58 -31.37 20.85
C SER G 207 -0.81 -31.01 21.35
N THR G 208 -0.73 -30.21 22.40
CA THR G 208 -1.71 -29.54 23.25
C THR G 208 -1.16 -29.35 24.67
N LEU G 209 0.07 -28.99 24.66
CA LEU G 209 1.20 -28.59 25.48
C LEU G 209 0.79 -27.47 26.46
N LEU G 210 0.83 -27.63 27.77
CA LEU G 210 0.46 -26.69 28.87
C LEU G 210 1.62 -26.61 29.88
N CYS G 211 1.69 -25.75 30.83
CA CYS G 211 2.65 -25.65 31.92
C CYS G 211 4.06 -25.46 31.44
N GLU G 212 4.36 -25.03 30.23
CA GLU G 212 5.79 -24.85 29.92
C GLU G 212 6.39 -23.79 30.84
N GLU G 213 5.50 -22.84 31.17
CA GLU G 213 5.81 -21.75 32.10
C GLU G 213 6.02 -22.31 33.51
N GLY G 214 5.61 -23.55 33.88
CA GLY G 214 5.81 -24.06 35.26
C GLY G 214 4.47 -24.12 35.95
N CYS G 215 4.01 -25.23 36.45
CA CYS G 215 2.70 -25.43 37.12
C CYS G 215 2.92 -26.11 38.46
N GLU G 216 2.23 -25.72 39.54
CA GLU G 216 2.44 -26.38 40.85
C GLU G 216 1.50 -27.61 40.92
N VAL G 217 2.04 -28.61 41.53
CA VAL G 217 1.20 -29.81 41.62
C VAL G 217 1.41 -30.48 42.97
N VAL G 218 0.34 -30.89 43.60
CA VAL G 218 0.54 -31.58 44.89
C VAL G 218 0.46 -33.10 44.64
N VAL G 219 1.31 -33.96 45.09
CA VAL G 219 1.21 -35.44 44.86
C VAL G 219 0.35 -35.98 46.02
N ASP G 220 -0.94 -36.09 45.77
CA ASP G 220 -2.09 -36.36 46.63
C ASP G 220 -2.62 -37.76 46.52
N THR G 221 -2.32 -38.63 47.48
CA THR G 221 -2.75 -40.02 47.64
C THR G 221 -4.24 -40.10 47.95
N GLY G 222 -4.84 -39.04 48.49
CA GLY G 222 -6.26 -39.02 48.89
C GLY G 222 -7.20 -38.58 47.77
N SER G 223 -6.62 -38.29 46.59
CA SER G 223 -7.41 -37.91 45.40
C SER G 223 -7.47 -39.08 44.43
N SER G 224 -8.63 -39.47 44.02
CA SER G 224 -8.95 -40.58 43.11
C SER G 224 -8.34 -40.33 41.74
N PHE G 225 -8.48 -39.22 41.10
CA PHE G 225 -8.05 -38.81 39.77
C PHE G 225 -6.94 -37.77 39.85
N ILE G 226 -6.58 -37.53 38.63
CA ILE G 226 -5.65 -36.39 38.49
C ILE G 226 -6.50 -35.12 38.29
N SER G 227 -6.27 -33.97 38.90
CA SER G 227 -7.12 -32.80 38.59
C SER G 227 -6.24 -31.65 38.09
N ALA G 228 -6.88 -30.79 37.27
CA ALA G 228 -6.24 -29.59 36.71
C ALA G 228 -7.19 -28.40 36.91
N PRO G 229 -6.70 -27.17 36.91
CA PRO G 229 -7.71 -26.09 36.94
C PRO G 229 -8.67 -26.25 35.76
N THR G 230 -9.93 -25.89 35.75
CA THR G 230 -10.93 -26.07 34.71
C THR G 230 -10.46 -25.59 33.35
N SER G 231 -9.85 -24.45 33.26
CA SER G 231 -9.34 -23.92 31.97
C SER G 231 -8.42 -24.96 31.32
N SER G 232 -7.43 -25.52 32.02
CA SER G 232 -6.50 -26.52 31.46
C SER G 232 -7.20 -27.84 31.22
N LEU G 233 -8.02 -28.23 32.23
CA LEU G 233 -8.77 -29.47 32.02
C LEU G 233 -9.57 -29.41 30.73
N LYS G 234 -10.30 -28.39 30.35
CA LYS G 234 -10.98 -28.37 29.04
C LYS G 234 -10.00 -28.56 27.90
N LEU G 235 -8.82 -28.06 27.78
CA LEU G 235 -7.83 -28.18 26.69
C LEU G 235 -7.38 -29.65 26.55
N ILE G 236 -7.21 -30.30 27.68
CA ILE G 236 -6.83 -31.71 27.63
C ILE G 236 -7.97 -32.57 27.11
N MET G 237 -9.19 -32.44 27.53
CA MET G 237 -10.33 -33.24 27.08
C MET G 237 -10.60 -33.01 25.60
N GLN G 238 -10.37 -31.88 25.06
CA GLN G 238 -10.62 -31.54 23.62
C GLN G 238 -9.62 -32.33 22.76
N ALA G 239 -8.39 -32.29 23.27
CA ALA G 239 -7.27 -33.04 22.68
C ALA G 239 -7.59 -34.53 22.69
N LEU G 240 -8.37 -35.12 23.61
CA LEU G 240 -8.69 -36.53 23.72
C LEU G 240 -9.97 -36.87 22.96
N GLY G 241 -10.70 -35.90 22.49
CA GLY G 241 -12.00 -36.04 21.85
C GLY G 241 -12.96 -36.41 22.97
N ALA G 242 -12.74 -36.16 24.27
CA ALA G 242 -13.64 -36.62 25.32
C ALA G 242 -14.90 -35.78 25.41
N LYS G 243 -15.98 -36.30 25.96
CA LYS G 243 -17.28 -35.64 26.13
C LYS G 243 -17.74 -35.71 27.58
N GLU G 244 -18.37 -34.62 28.06
CA GLU G 244 -18.90 -34.62 29.46
C GLU G 244 -20.16 -35.48 29.50
N LYS G 245 -20.21 -36.70 30.03
CA LYS G 245 -21.55 -37.32 29.82
C LYS G 245 -22.50 -36.84 30.90
N ARG G 246 -21.82 -36.22 31.84
CA ARG G 246 -22.54 -35.71 33.02
C ARG G 246 -21.78 -34.52 33.59
N LEU G 247 -22.33 -33.49 34.22
CA LEU G 247 -21.53 -32.36 34.65
C LEU G 247 -20.25 -32.79 35.36
N HIS G 248 -19.10 -32.37 34.83
CA HIS G 248 -17.70 -32.52 35.28
C HIS G 248 -17.19 -33.93 35.02
N GLU G 249 -17.97 -34.86 34.50
CA GLU G 249 -17.56 -36.26 34.23
C GLU G 249 -17.37 -36.46 32.74
N TYR G 250 -16.13 -36.71 32.42
CA TYR G 250 -15.86 -36.86 30.97
C TYR G 250 -15.65 -38.31 30.60
N VAL G 251 -16.07 -38.62 29.37
CA VAL G 251 -15.92 -40.01 28.95
C VAL G 251 -15.46 -40.06 27.50
N VAL G 252 -15.07 -41.30 27.19
CA VAL G 252 -14.70 -41.49 25.76
C VAL G 252 -15.38 -42.77 25.25
N SER G 253 -15.50 -43.11 23.97
CA SER G 253 -16.05 -44.46 23.72
C SER G 253 -15.01 -45.51 24.11
N CYS G 254 -15.29 -46.55 24.89
CA CYS G 254 -14.25 -47.50 25.31
C CYS G 254 -13.46 -48.04 24.13
N SER G 255 -13.96 -47.99 22.92
CA SER G 255 -13.42 -48.41 21.64
C SER G 255 -12.21 -47.61 21.21
N GLN G 256 -12.06 -46.34 21.50
CA GLN G 256 -10.99 -45.43 21.08
C GLN G 256 -9.75 -45.58 21.92
N VAL G 257 -9.91 -46.28 23.07
CA VAL G 257 -8.80 -46.40 24.01
C VAL G 257 -7.51 -46.78 23.39
N PRO G 258 -7.47 -47.75 22.50
CA PRO G 258 -6.16 -48.12 21.98
C PRO G 258 -5.57 -47.03 21.13
N THR G 259 -6.41 -46.17 20.55
CA THR G 259 -5.66 -45.21 19.70
C THR G 259 -5.57 -43.86 20.40
N LEU G 260 -5.89 -43.70 21.67
CA LEU G 260 -5.83 -42.38 22.32
C LEU G 260 -4.38 -41.98 22.61
N PRO G 261 -3.94 -40.69 22.60
CA PRO G 261 -2.54 -40.47 22.90
C PRO G 261 -2.21 -40.59 24.36
N ASP G 262 -0.89 -40.60 24.46
CA ASP G 262 -0.22 -40.64 25.78
C ASP G 262 -0.27 -39.22 26.39
N ILE G 263 -0.21 -39.16 27.66
CA ILE G 263 -0.10 -37.86 28.35
C ILE G 263 1.19 -37.86 29.18
N SER G 264 1.97 -36.83 29.11
CA SER G 264 3.24 -36.77 29.84
C SER G 264 3.33 -35.56 30.75
N PHE G 265 3.88 -35.67 31.96
CA PHE G 265 4.14 -34.67 33.01
C PHE G 265 5.67 -34.48 33.13
N ASN G 266 6.17 -33.33 32.89
CA ASN G 266 7.63 -33.22 33.07
C ASN G 266 7.92 -32.83 34.51
N LEU G 267 8.41 -33.78 35.25
CA LEU G 267 8.75 -33.58 36.65
C LEU G 267 10.26 -33.77 36.88
N GLY G 268 10.84 -32.70 37.41
CA GLY G 268 12.27 -32.67 37.72
C GLY G 268 13.09 -33.12 36.50
N GLY G 269 12.77 -32.49 35.37
CA GLY G 269 13.49 -32.93 34.16
C GLY G 269 13.09 -34.27 33.57
N ARG G 270 12.52 -35.27 34.23
CA ARG G 270 12.19 -36.52 33.49
C ARG G 270 10.75 -36.46 33.01
N ALA G 271 10.38 -37.17 32.00
CA ALA G 271 8.98 -37.24 31.53
C ALA G 271 8.32 -38.48 32.15
N TYR G 272 7.20 -38.34 32.75
CA TYR G 272 6.30 -39.32 33.40
C TYR G 272 5.06 -39.49 32.54
N THR G 273 5.10 -40.63 31.90
CA THR G 273 4.11 -40.92 30.88
C THR G 273 3.09 -41.93 31.31
N LEU G 274 1.86 -41.49 30.98
CA LEU G 274 0.70 -42.36 31.19
C LEU G 274 0.07 -42.68 29.83
N SER G 275 -0.13 -43.93 29.57
CA SER G 275 -0.80 -44.23 28.30
C SER G 275 -2.31 -44.27 28.52
N SER G 276 -3.09 -44.26 27.49
CA SER G 276 -4.55 -44.36 27.65
C SER G 276 -4.95 -45.55 28.48
N THR G 277 -4.23 -46.63 28.60
CA THR G 277 -4.75 -47.68 29.48
C THR G 277 -4.51 -47.33 30.94
N ASP G 278 -3.62 -46.36 31.22
CA ASP G 278 -3.39 -45.87 32.61
C ASP G 278 -4.43 -44.81 32.96
N TYR G 279 -4.86 -43.94 32.06
CA TYR G 279 -5.75 -42.81 32.36
C TYR G 279 -7.17 -43.02 32.04
N VAL G 280 -7.54 -44.14 31.44
CA VAL G 280 -8.94 -44.42 31.15
C VAL G 280 -9.43 -45.56 32.04
N LEU G 281 -10.57 -45.39 32.71
CA LEU G 281 -11.04 -46.49 33.56
C LEU G 281 -11.80 -47.52 32.70
N GLN G 282 -11.32 -48.71 32.95
CA GLN G 282 -11.53 -50.06 32.44
C GLN G 282 -11.20 -50.13 30.95
N ARG G 287 -10.09 -49.51 30.69
CA ARG G 287 -9.15 -49.13 29.64
C ARG G 287 -9.36 -49.93 28.38
N ASP G 288 -18.12 -52.17 26.90
CA ASP G 288 -19.20 -51.39 27.53
C ASP G 288 -19.53 -50.15 26.72
N LYS G 289 -18.70 -49.48 25.90
CA LYS G 289 -19.41 -48.37 25.24
C LYS G 289 -18.87 -47.04 25.70
N LEU G 290 -19.30 -46.43 26.80
CA LEU G 290 -18.64 -45.17 27.22
C LEU G 290 -17.66 -45.47 28.39
N CYS G 291 -16.42 -45.11 28.45
CA CYS G 291 -15.39 -45.35 29.48
C CYS G 291 -14.97 -44.02 30.11
N THR G 292 -14.95 -43.84 31.41
CA THR G 292 -14.62 -42.67 32.21
C THR G 292 -13.15 -42.29 32.08
N VAL G 293 -12.88 -41.05 31.77
CA VAL G 293 -11.49 -40.55 31.78
C VAL G 293 -11.07 -40.24 33.20
N ALA G 294 -9.97 -40.74 33.81
CA ALA G 294 -9.64 -40.54 35.21
C ALA G 294 -8.90 -39.26 35.48
N LEU G 295 -9.42 -38.17 34.96
CA LEU G 295 -8.93 -36.77 35.12
C LEU G 295 -10.15 -35.85 35.34
N HIS G 296 -10.03 -34.83 36.15
CA HIS G 296 -11.22 -33.98 36.27
C HIS G 296 -10.82 -32.58 36.69
N ALA G 297 -11.73 -31.63 36.68
CA ALA G 297 -11.40 -30.21 36.97
C ALA G 297 -11.46 -29.95 38.46
N MET G 298 -10.56 -29.15 38.93
CA MET G 298 -10.80 -28.80 40.33
C MET G 298 -10.20 -27.45 40.65
N ASP G 299 -11.02 -26.41 40.81
CA ASP G 299 -10.36 -25.11 41.10
C ASP G 299 -10.31 -24.88 42.60
N ILE G 300 -9.17 -24.87 43.16
CA ILE G 300 -8.88 -24.71 44.60
C ILE G 300 -8.64 -23.24 44.91
N PRO G 301 -9.37 -22.72 45.89
CA PRO G 301 -9.23 -21.29 46.18
C PRO G 301 -7.83 -20.95 46.64
N PRO G 302 -7.40 -19.73 46.31
CA PRO G 302 -6.11 -19.23 46.83
C PRO G 302 -6.24 -19.01 48.34
N PRO G 303 -5.23 -19.03 49.17
CA PRO G 303 -3.82 -19.15 48.87
C PRO G 303 -3.43 -20.59 48.53
N THR G 304 -4.24 -21.58 48.73
CA THR G 304 -3.82 -22.96 48.39
C THR G 304 -3.78 -23.16 46.88
N GLY G 305 -4.72 -22.74 46.13
CA GLY G 305 -4.82 -22.82 44.73
C GLY G 305 -4.35 -21.59 43.98
N PRO G 306 -4.27 -21.71 42.69
CA PRO G 306 -4.55 -22.80 41.76
C PRO G 306 -3.40 -23.82 41.78
N VAL G 307 -3.80 -25.10 41.75
CA VAL G 307 -2.81 -26.20 41.75
C VAL G 307 -3.37 -27.37 40.93
N TRP G 308 -2.41 -28.10 40.43
CA TRP G 308 -2.87 -29.36 39.74
C TRP G 308 -2.74 -30.49 40.76
N VAL G 309 -3.31 -31.62 40.64
CA VAL G 309 -3.09 -32.68 41.66
C VAL G 309 -2.90 -34.03 40.96
N LEU G 310 -1.83 -34.71 41.35
CA LEU G 310 -1.49 -36.07 40.81
C LEU G 310 -2.10 -37.12 41.76
N GLY G 311 -3.24 -37.73 41.49
CA GLY G 311 -3.88 -38.67 42.43
C GLY G 311 -3.66 -40.13 42.08
N ALA G 312 -4.48 -41.06 42.53
CA ALA G 312 -4.37 -42.51 42.28
C ALA G 312 -4.19 -42.77 40.79
N THR G 313 -4.69 -42.08 39.87
CA THR G 313 -4.46 -42.35 38.47
C THR G 313 -2.96 -42.42 38.15
N PHE G 314 -2.12 -41.56 38.69
CA PHE G 314 -0.69 -41.41 38.52
C PHE G 314 0.09 -42.36 39.41
N ILE G 315 -0.21 -42.47 40.68
CA ILE G 315 0.45 -43.29 41.70
C ILE G 315 0.30 -44.77 41.39
N ARG G 316 -0.73 -45.23 40.69
CA ARG G 316 -0.86 -46.64 40.23
C ARG G 316 0.34 -47.03 39.40
N LYS G 317 0.72 -46.13 38.53
CA LYS G 317 1.85 -46.33 37.63
C LYS G 317 3.17 -46.14 38.30
N PHE G 318 3.37 -45.20 39.17
CA PHE G 318 4.64 -44.87 39.83
C PHE G 318 4.55 -44.98 41.34
N TYR G 319 5.23 -45.96 41.87
CA TYR G 319 5.41 -46.24 43.33
C TYR G 319 6.01 -44.97 43.96
N THR G 320 5.53 -44.32 45.00
CA THR G 320 5.96 -42.99 45.43
C THR G 320 6.49 -43.00 46.84
N GLU G 321 7.70 -42.43 47.02
CA GLU G 321 8.26 -42.36 48.37
C GLU G 321 8.27 -40.89 48.84
N PHE G 322 7.80 -40.59 50.05
CA PHE G 322 7.69 -39.22 50.60
C PHE G 322 8.71 -39.04 51.71
N ASP G 323 9.65 -38.17 51.49
CA ASP G 323 10.80 -38.03 52.39
C ASP G 323 10.74 -36.71 53.15
N ARG G 324 10.52 -36.92 54.45
CA ARG G 324 10.42 -35.81 55.41
C ARG G 324 11.82 -35.36 55.81
N HIS G 325 12.81 -36.23 55.78
CA HIS G 325 14.20 -35.91 56.08
C HIS G 325 14.80 -34.98 55.03
N ASN G 326 14.76 -35.36 53.76
CA ASN G 326 15.30 -34.56 52.68
C ASN G 326 14.27 -33.68 52.02
N ASN G 327 13.03 -33.62 52.36
CA ASN G 327 12.10 -32.74 51.67
C ASN G 327 12.10 -32.90 50.18
N ARG G 328 11.76 -34.13 49.76
CA ARG G 328 11.63 -34.52 48.36
C ARG G 328 10.69 -35.74 48.25
N ILE G 329 10.33 -35.93 47.01
CA ILE G 329 9.48 -37.08 46.60
C ILE G 329 10.23 -37.96 45.61
N GLY G 330 10.30 -39.27 45.74
CA GLY G 330 11.03 -40.13 44.77
C GLY G 330 9.88 -40.91 44.05
N PHE G 331 10.09 -41.15 42.79
CA PHE G 331 9.18 -41.97 41.96
C PHE G 331 9.92 -43.18 41.42
N ALA G 332 9.42 -44.35 41.41
CA ALA G 332 9.99 -45.56 40.80
C ALA G 332 8.90 -46.32 40.03
N LEU G 333 9.04 -47.23 39.11
CA LEU G 333 7.88 -47.88 38.44
C LEU G 333 7.24 -48.88 39.41
N ALA G 334 5.97 -48.85 39.54
CA ALA G 334 5.37 -49.82 40.49
C ALA G 334 5.18 -51.15 39.73
N ARG G 335 5.19 -52.16 40.43
CA ARG G 335 5.12 -53.57 39.97
C ARG G 335 4.52 -54.40 41.09
N HIS H 2 -16.99 -42.58 41.27
CA HIS H 2 -17.11 -41.23 41.89
C HIS H 2 -15.76 -40.81 42.48
N PRO H 3 -15.14 -39.76 41.90
CA PRO H 3 -13.82 -39.46 42.47
C PRO H 3 -13.94 -38.67 43.76
N PHE H 4 -13.01 -38.94 44.63
CA PHE H 4 -12.79 -38.26 45.89
C PHE H 4 -11.62 -37.31 45.78
N HIS H 5 -11.91 -36.06 46.10
CA HIS H 5 -10.83 -35.04 46.04
C HIS H 5 -10.50 -34.60 47.43
N TYR H 7 -6.73 -30.68 50.98
CA TYR H 7 -7.03 -29.67 52.03
C TYR H 7 -6.71 -28.28 51.53
N TYR H 8 -7.60 -27.33 51.70
CA TYR H 8 -7.36 -25.92 51.39
C TYR H 8 -7.75 -25.06 52.56
N SER H 9 -7.04 -23.99 52.80
CA SER H 9 -7.27 -23.10 53.95
C SER H 9 -8.36 -22.08 53.61
#